data_6BRM
#
_entry.id   6BRM
#
_cell.length_a   179.163
_cell.length_b   79.526
_cell.length_c   90.408
_cell.angle_alpha   90.00
_cell.angle_beta   89.98
_cell.angle_gamma   90.00
#
_symmetry.space_group_name_H-M   'P 1 21 1'
#
loop_
_entity.id
_entity.type
_entity.pdbx_description
1 polymer 'Putative metal-dependent isothiocyanate hydrolase SaxA'
2 non-polymer 'ZINC ION'
3 non-polymer 'FORMIC ACID'
4 water water
#
_entity_poly.entity_id   1
_entity_poly.type   'polypeptide(L)'
_entity_poly.pdbx_seq_one_letter_code
;MKLTQIRNATLVLQYAGKKFLIDPMLAEKEAWDGFAGSARPHLRNPMVALPVPVEDLLAVDAVILTHTHTDHWDEAAQQA
VPKDMLIYTQDEKDAALIRSQGFFNIRVLKDENHFVDGLTIYKTDGQHGSNELYADAQLGDLLGDACGLVFTHHDEKTIY
IAGDTVWVKPYVKSLQRFKPEIVVLNTGYAVNDLYGPIIMGKEDTLRTLKMLPTATIVASHMESINHCLLTRAELREFSL
EHGIEDKILIPADGETMAFSAWSHPQFEK
;
_entity_poly.pdbx_strand_id   A,B,C,D,E,F,G,H
#
# COMPACT_ATOMS: atom_id res chain seq x y z
N MET A 1 34.10 -23.20 -18.34
CA MET A 1 32.85 -23.86 -18.84
C MET A 1 33.05 -25.38 -18.89
N LYS A 2 32.40 -26.08 -17.96
CA LYS A 2 32.57 -27.53 -17.81
C LYS A 2 31.22 -28.22 -17.56
N LEU A 3 30.66 -28.81 -18.62
CA LEU A 3 29.43 -29.61 -18.53
C LEU A 3 29.81 -31.08 -18.32
N THR A 4 29.23 -31.71 -17.30
CA THR A 4 29.52 -33.09 -16.96
C THR A 4 28.24 -33.94 -16.95
N GLN A 5 28.31 -35.12 -17.57
CA GLN A 5 27.23 -36.09 -17.57
C GLN A 5 27.37 -36.96 -16.31
N ILE A 6 26.31 -37.02 -15.50
CA ILE A 6 26.30 -37.86 -14.30
C ILE A 6 25.54 -39.16 -14.61
N ARG A 7 24.21 -39.07 -14.74
CA ARG A 7 23.36 -40.25 -14.96
C ARG A 7 21.96 -39.81 -15.40
N ASN A 8 21.46 -40.42 -16.48
CA ASN A 8 20.21 -40.03 -17.14
C ASN A 8 20.29 -38.56 -17.60
N ALA A 9 19.52 -37.65 -16.98
CA ALA A 9 19.56 -36.22 -17.30
C ALA A 9 20.17 -35.39 -16.16
N THR A 10 20.72 -36.05 -15.13
CA THR A 10 21.42 -35.38 -14.05
C THR A 10 22.75 -34.85 -14.58
N LEU A 11 22.93 -33.53 -14.50
CA LEU A 11 24.12 -32.86 -15.04
C LEU A 11 24.74 -31.95 -13.98
N VAL A 12 26.07 -31.79 -14.06
CA VAL A 12 26.78 -30.75 -13.33
C VAL A 12 27.28 -29.77 -14.36
N LEU A 13 27.06 -28.48 -14.10
CA LEU A 13 27.44 -27.40 -15.01
C LEU A 13 28.20 -26.32 -14.25
N GLN A 14 29.43 -26.02 -14.69
CA GLN A 14 30.15 -24.83 -14.27
C GLN A 14 29.94 -23.79 -15.36
N TYR A 15 29.41 -22.62 -15.00
CA TYR A 15 29.08 -21.60 -15.98
C TYR A 15 29.23 -20.18 -15.42
N ALA A 16 30.26 -19.47 -15.90
CA ALA A 16 30.54 -18.08 -15.51
C ALA A 16 30.73 -17.90 -13.99
N GLY A 17 31.44 -18.85 -13.37
CA GLY A 17 31.75 -18.78 -11.93
C GLY A 17 30.87 -19.67 -11.06
N LYS A 18 29.57 -19.68 -11.33
CA LYS A 18 28.61 -20.48 -10.56
C LYS A 18 28.59 -21.95 -10.98
N LYS A 19 28.01 -22.79 -10.12
CA LYS A 19 27.81 -24.23 -10.37
C LYS A 19 26.34 -24.61 -10.22
N PHE A 20 25.86 -25.50 -11.09
CA PHE A 20 24.46 -25.93 -11.10
C PHE A 20 24.32 -27.45 -11.18
N LEU A 21 23.39 -28.00 -10.40
CA LEU A 21 23.02 -29.41 -10.46
C LEU A 21 21.64 -29.50 -11.14
N ILE A 22 21.61 -30.04 -12.36
CA ILE A 22 20.38 -30.08 -13.16
C ILE A 22 19.71 -31.44 -12.94
N ASP A 23 18.46 -31.45 -12.48
CA ASP A 23 17.64 -32.67 -12.39
C ASP A 23 18.32 -33.83 -11.62
N PRO A 24 18.55 -33.64 -10.31
CA PRO A 24 19.24 -34.66 -9.50
C PRO A 24 18.37 -35.89 -9.18
N MET A 25 18.78 -37.03 -9.73
CA MET A 25 18.17 -38.34 -9.44
C MET A 25 19.28 -39.20 -8.82
N LEU A 26 19.15 -39.50 -7.53
CA LEU A 26 20.23 -40.12 -6.75
C LEU A 26 19.81 -41.38 -5.98
N ALA A 27 18.91 -42.17 -6.57
CA ALA A 27 18.58 -43.49 -6.02
C ALA A 27 19.70 -44.48 -6.34
N GLU A 28 19.82 -45.53 -5.53
CA GLU A 28 20.76 -46.62 -5.81
C GLU A 28 20.28 -47.43 -7.02
N LYS A 29 21.16 -48.29 -7.52
CA LYS A 29 20.86 -49.15 -8.68
C LYS A 29 19.61 -50.00 -8.43
N GLU A 30 18.59 -49.78 -9.25
CA GLU A 30 17.34 -50.55 -9.24
C GLU A 30 16.59 -50.44 -7.91
N ALA A 31 16.46 -49.20 -7.43
CA ALA A 31 15.81 -48.92 -6.14
C ALA A 31 14.29 -48.97 -6.26
N TRP A 32 13.76 -48.34 -7.31
CA TRP A 32 12.30 -48.24 -7.52
C TRP A 32 11.89 -48.88 -8.85
N ASP A 33 10.58 -49.08 -9.02
CA ASP A 33 10.04 -49.89 -10.12
C ASP A 33 10.20 -49.25 -11.49
N GLY A 34 9.96 -50.04 -12.53
CA GLY A 34 9.89 -49.53 -13.90
C GLY A 34 8.60 -48.78 -14.13
N PHE A 35 8.62 -47.84 -15.07
CA PHE A 35 7.43 -47.05 -15.42
C PHE A 35 6.32 -47.92 -16.02
N ALA A 36 5.13 -47.87 -15.40
CA ALA A 36 3.95 -48.53 -15.95
C ALA A 36 3.44 -47.77 -17.18
N GLY A 37 2.95 -48.51 -18.17
CA GLY A 37 2.52 -47.91 -19.44
C GLY A 37 3.67 -47.40 -20.28
N SER A 38 4.73 -48.19 -20.38
CA SER A 38 5.92 -47.84 -21.18
C SER A 38 6.74 -49.10 -21.52
N ALA A 39 7.77 -48.93 -22.34
CA ALA A 39 8.57 -50.04 -22.84
C ALA A 39 9.45 -50.67 -21.76
N ARG A 40 9.59 -51.99 -21.81
CA ARG A 40 10.45 -52.77 -20.91
C ARG A 40 10.11 -52.59 -19.42
N PRO A 41 8.81 -52.73 -19.06
CA PRO A 41 8.40 -52.50 -17.66
C PRO A 41 9.02 -53.48 -16.62
N HIS A 42 9.51 -54.63 -17.09
CA HIS A 42 10.26 -55.57 -16.23
C HIS A 42 11.58 -55.03 -15.65
N LEU A 43 12.23 -54.09 -16.35
CA LEU A 43 13.50 -53.50 -15.89
C LEU A 43 13.27 -52.47 -14.79
N ARG A 44 13.95 -52.64 -13.65
CA ARG A 44 13.88 -51.70 -12.53
C ARG A 44 14.80 -50.49 -12.76
N ASN A 45 14.48 -49.38 -12.10
CA ASN A 45 15.21 -48.12 -12.24
C ASN A 45 15.87 -47.68 -10.93
N PRO A 46 17.01 -46.97 -10.97
CA PRO A 46 17.79 -46.72 -12.19
C PRO A 46 18.58 -47.95 -12.61
N MET A 47 18.85 -48.07 -13.90
CA MET A 47 19.55 -49.23 -14.46
C MET A 47 21.04 -49.21 -14.10
N VAL A 48 21.65 -48.03 -14.17
CA VAL A 48 23.06 -47.84 -13.84
C VAL A 48 23.19 -47.10 -12.51
N ALA A 49 24.28 -47.36 -11.79
CA ALA A 49 24.58 -46.64 -10.54
C ALA A 49 25.26 -45.30 -10.85
N LEU A 50 25.47 -44.49 -9.82
CA LEU A 50 26.17 -43.21 -9.99
C LEU A 50 27.66 -43.43 -10.22
N PRO A 51 28.28 -42.61 -11.10
CA PRO A 51 29.73 -42.70 -11.33
C PRO A 51 30.58 -42.08 -10.21
N VAL A 52 29.97 -41.25 -9.34
CA VAL A 52 30.66 -40.60 -8.22
C VAL A 52 29.72 -40.52 -7.01
N PRO A 53 30.28 -40.34 -5.79
CA PRO A 53 29.43 -40.28 -4.59
C PRO A 53 28.51 -39.05 -4.51
N VAL A 54 27.61 -39.06 -3.53
CA VAL A 54 26.55 -38.03 -3.42
C VAL A 54 27.10 -36.67 -2.96
N GLU A 55 28.05 -36.69 -2.03
CA GLU A 55 28.61 -35.44 -1.45
C GLU A 55 29.25 -34.50 -2.49
N ASP A 56 29.85 -35.07 -3.54
CA ASP A 56 30.43 -34.30 -4.64
C ASP A 56 29.38 -33.52 -5.44
N LEU A 57 28.18 -34.09 -5.56
CA LEU A 57 27.06 -33.45 -6.27
C LEU A 57 26.37 -32.36 -5.45
N LEU A 58 26.40 -32.49 -4.12
CA LEU A 58 25.80 -31.49 -3.23
C LEU A 58 26.60 -30.18 -3.15
N ALA A 59 27.91 -30.23 -3.40
CA ALA A 59 28.78 -29.03 -3.43
C ALA A 59 28.46 -28.17 -4.66
N VAL A 60 27.35 -27.44 -4.56
CA VAL A 60 26.75 -26.73 -5.70
C VAL A 60 26.06 -25.45 -5.19
N ASP A 61 26.08 -24.39 -6.00
CA ASP A 61 25.49 -23.11 -5.62
C ASP A 61 23.96 -23.14 -5.67
N ALA A 62 23.38 -23.85 -6.64
CA ALA A 62 21.93 -24.04 -6.72
C ALA A 62 21.53 -25.27 -7.55
N VAL A 63 20.43 -25.91 -7.15
CA VAL A 63 19.83 -27.00 -7.94
C VAL A 63 18.83 -26.38 -8.93
N ILE A 64 18.79 -26.92 -10.15
CA ILE A 64 17.78 -26.51 -11.15
C ILE A 64 16.94 -27.72 -11.55
N LEU A 65 15.62 -27.53 -11.53
CA LEU A 65 14.65 -28.60 -11.70
C LEU A 65 13.74 -28.30 -12.90
N THR A 66 13.97 -29.00 -14.01
CA THR A 66 13.20 -28.81 -15.25
C THR A 66 11.74 -29.28 -15.09
N HIS A 67 11.56 -30.40 -14.40
CA HIS A 67 10.23 -30.89 -14.01
C HIS A 67 10.37 -31.97 -12.92
N THR A 68 9.25 -32.47 -12.41
CA THR A 68 9.23 -33.36 -11.25
C THR A 68 8.85 -34.83 -11.57
N HIS A 69 9.26 -35.32 -12.73
CA HIS A 69 9.23 -36.78 -13.01
C HIS A 69 10.33 -37.44 -12.17
N THR A 70 10.13 -38.71 -11.85
CA THR A 70 10.99 -39.42 -10.89
C THR A 70 12.44 -39.66 -11.36
N ASP A 71 12.67 -39.70 -12.67
CA ASP A 71 14.04 -39.78 -13.22
C ASP A 71 14.80 -38.44 -13.22
N HIS A 72 14.12 -37.35 -12.86
CA HIS A 72 14.72 -36.03 -12.67
C HIS A 72 14.74 -35.55 -11.19
N TRP A 73 13.97 -36.21 -10.32
CA TRP A 73 13.82 -35.81 -8.92
C TRP A 73 13.14 -36.94 -8.14
N ASP A 74 13.94 -37.75 -7.44
CA ASP A 74 13.44 -38.94 -6.73
C ASP A 74 13.49 -38.78 -5.22
N GLU A 75 12.91 -39.76 -4.51
CA GLU A 75 12.86 -39.78 -3.05
C GLU A 75 14.24 -39.71 -2.40
N ALA A 76 15.26 -40.27 -3.06
CA ALA A 76 16.64 -40.20 -2.57
C ALA A 76 17.18 -38.78 -2.54
N ALA A 77 16.93 -38.03 -3.62
CA ALA A 77 17.34 -36.61 -3.72
C ALA A 77 16.58 -35.69 -2.75
N GLN A 78 15.34 -36.06 -2.43
CA GLN A 78 14.56 -35.37 -1.39
C GLN A 78 15.18 -35.58 0.00
N GLN A 79 15.62 -36.81 0.28
CA GLN A 79 16.32 -37.13 1.52
C GLN A 79 17.72 -36.52 1.57
N ALA A 80 18.43 -36.56 0.43
CA ALA A 80 19.86 -36.21 0.38
C ALA A 80 20.15 -34.72 0.41
N VAL A 81 19.38 -33.94 -0.35
CA VAL A 81 19.64 -32.50 -0.52
C VAL A 81 19.15 -31.73 0.71
N PRO A 82 19.96 -30.77 1.21
CA PRO A 82 19.52 -29.87 2.29
C PRO A 82 18.24 -29.11 1.97
N LYS A 83 17.37 -28.93 2.97
CA LYS A 83 16.10 -28.23 2.79
C LYS A 83 16.26 -26.71 2.58
N ASP A 84 17.40 -26.18 3.01
CA ASP A 84 17.80 -24.78 2.74
C ASP A 84 18.61 -24.58 1.44
N MET A 85 18.68 -25.62 0.59
CA MET A 85 19.34 -25.50 -0.72
C MET A 85 18.49 -24.64 -1.67
N LEU A 86 19.17 -23.85 -2.49
CA LEU A 86 18.51 -23.01 -3.48
C LEU A 86 18.05 -23.85 -4.68
N ILE A 87 16.75 -24.16 -4.71
CA ILE A 87 16.15 -24.94 -5.79
C ILE A 87 15.45 -23.99 -6.77
N TYR A 88 15.89 -23.99 -8.03
CA TYR A 88 15.16 -23.32 -9.11
C TYR A 88 14.13 -24.30 -9.69
N THR A 89 12.88 -23.86 -9.82
CA THR A 89 11.80 -24.70 -10.38
C THR A 89 11.17 -24.08 -11.63
N GLN A 90 10.49 -24.92 -12.39
CA GLN A 90 9.84 -24.54 -13.63
C GLN A 90 8.67 -23.57 -13.42
N ASP A 91 7.83 -23.87 -12.42
CA ASP A 91 6.59 -23.13 -12.18
C ASP A 91 6.13 -23.23 -10.71
N GLU A 92 4.94 -22.70 -10.41
CA GLU A 92 4.39 -22.71 -9.05
C GLU A 92 3.92 -24.10 -8.63
N LYS A 93 3.29 -24.83 -9.56
CA LYS A 93 2.93 -26.24 -9.35
C LYS A 93 4.12 -27.06 -8.85
N ASP A 94 5.22 -26.97 -9.57
CA ASP A 94 6.45 -27.69 -9.21
C ASP A 94 6.96 -27.25 -7.85
N ALA A 95 7.09 -25.93 -7.66
CA ALA A 95 7.54 -25.34 -6.39
C ALA A 95 6.64 -25.73 -5.20
N ALA A 96 5.34 -25.82 -5.45
CA ALA A 96 4.36 -26.19 -4.41
C ALA A 96 4.55 -27.61 -3.88
N LEU A 97 4.81 -28.57 -4.77
CA LEU A 97 5.03 -29.96 -4.35
C LEU A 97 6.43 -30.18 -3.75
N ILE A 98 7.41 -29.39 -4.19
CA ILE A 98 8.74 -29.37 -3.56
C ILE A 98 8.67 -28.70 -2.17
N ARG A 99 7.83 -27.68 -2.05
CA ARG A 99 7.57 -27.03 -0.75
C ARG A 99 6.96 -28.01 0.25
N SER A 100 5.96 -28.77 -0.19
CA SER A 100 5.33 -29.82 0.64
C SER A 100 6.25 -30.99 1.01
N GLN A 101 7.33 -31.18 0.23
CA GLN A 101 8.38 -32.15 0.55
C GLN A 101 9.38 -31.67 1.61
N GLY A 102 9.30 -30.40 2.02
CA GLY A 102 10.10 -29.87 3.12
C GLY A 102 11.06 -28.74 2.77
N PHE A 103 11.23 -28.46 1.48
CA PHE A 103 12.16 -27.44 1.01
C PHE A 103 11.52 -26.06 1.15
N PHE A 104 12.34 -25.02 1.24
CA PHE A 104 11.82 -23.65 1.43
C PHE A 104 12.53 -22.52 0.65
N ASN A 105 13.85 -22.62 0.50
CA ASN A 105 14.61 -21.67 -0.34
C ASN A 105 14.41 -22.01 -1.82
N ILE A 106 13.35 -21.45 -2.42
CA ILE A 106 12.95 -21.77 -3.81
C ILE A 106 12.70 -20.50 -4.63
N ARG A 107 13.28 -20.44 -5.82
CA ARG A 107 13.02 -19.36 -6.78
C ARG A 107 12.33 -19.93 -8.04
N VAL A 108 11.08 -19.56 -8.25
CA VAL A 108 10.33 -19.98 -9.45
C VAL A 108 10.87 -19.18 -10.63
N LEU A 109 11.56 -19.85 -11.54
CA LEU A 109 12.25 -19.14 -12.63
C LEU A 109 11.29 -18.85 -13.78
N LYS A 110 11.59 -17.80 -14.52
CA LYS A 110 10.69 -17.24 -15.54
C LYS A 110 11.42 -17.01 -16.86
N ASP A 111 10.67 -16.65 -17.90
CA ASP A 111 11.19 -16.52 -19.28
C ASP A 111 12.62 -15.98 -19.40
N GLU A 112 12.94 -14.94 -18.63
CA GLU A 112 14.29 -14.37 -18.57
C GLU A 112 14.68 -14.16 -17.10
N ASN A 113 15.91 -14.54 -16.76
CA ASN A 113 16.42 -14.51 -15.37
C ASN A 113 17.83 -13.91 -15.32
N HIS A 114 17.91 -12.58 -15.15
CA HIS A 114 19.18 -11.85 -15.24
C HIS A 114 19.93 -11.75 -13.91
N PHE A 115 21.27 -11.81 -14.00
CA PHE A 115 22.18 -11.56 -12.88
C PHE A 115 23.08 -10.37 -13.23
N VAL A 116 23.40 -9.54 -12.24
CA VAL A 116 24.25 -8.33 -12.47
C VAL A 116 25.61 -8.60 -13.08
N ASP A 117 26.21 -9.73 -12.76
CA ASP A 117 27.53 -10.13 -13.30
C ASP A 117 27.57 -10.35 -14.82
N GLY A 118 26.40 -10.62 -15.43
CA GLY A 118 26.29 -10.86 -16.87
C GLY A 118 25.65 -12.19 -17.25
N LEU A 119 25.32 -13.03 -16.26
CA LEU A 119 24.63 -14.28 -16.51
C LEU A 119 23.16 -14.04 -16.84
N THR A 120 22.63 -14.84 -17.77
CA THR A 120 21.21 -14.81 -18.14
C THR A 120 20.75 -16.23 -18.42
N ILE A 121 19.82 -16.73 -17.61
CA ILE A 121 19.20 -18.02 -17.83
C ILE A 121 17.80 -17.78 -18.42
N TYR A 122 17.50 -18.42 -19.56
CA TYR A 122 16.17 -18.34 -20.17
C TYR A 122 15.45 -19.68 -19.99
N LYS A 123 14.13 -19.62 -19.80
CA LYS A 123 13.30 -20.80 -19.64
C LYS A 123 12.47 -20.98 -20.91
N THR A 124 12.72 -22.08 -21.62
CA THR A 124 12.14 -22.35 -22.93
C THR A 124 11.12 -23.48 -22.84
N ASP A 125 10.11 -23.42 -23.72
CA ASP A 125 9.03 -24.39 -23.71
C ASP A 125 9.41 -25.62 -24.52
N GLY A 126 8.77 -26.75 -24.23
CA GLY A 126 8.87 -27.96 -25.03
C GLY A 126 7.54 -28.69 -25.00
N GLN A 127 7.54 -29.92 -25.50
CA GLN A 127 6.36 -30.79 -25.44
C GLN A 127 6.83 -32.20 -25.13
N HIS A 128 6.40 -32.73 -23.99
CA HIS A 128 6.90 -33.99 -23.45
C HIS A 128 5.97 -35.12 -23.88
N GLY A 129 5.84 -35.30 -25.20
CA GLY A 129 4.87 -36.22 -25.79
C GLY A 129 4.46 -35.76 -27.17
N SER A 130 3.77 -36.65 -27.90
CA SER A 130 3.31 -36.33 -29.25
C SER A 130 2.07 -35.47 -29.19
N ASN A 131 1.70 -34.91 -30.35
CA ASN A 131 0.42 -34.20 -30.49
C ASN A 131 -0.80 -35.09 -30.16
N GLU A 132 -0.65 -36.39 -30.41
CA GLU A 132 -1.69 -37.39 -30.11
C GLU A 132 -1.83 -37.59 -28.59
N LEU A 133 -0.70 -37.64 -27.88
CA LEU A 133 -0.66 -37.86 -26.43
C LEU A 133 -1.40 -36.80 -25.64
N TYR A 134 -1.13 -35.53 -25.97
CA TYR A 134 -1.76 -34.39 -25.30
C TYR A 134 -3.23 -34.14 -25.67
N ALA A 135 -3.79 -34.93 -26.60
CA ALA A 135 -5.25 -34.98 -26.83
C ALA A 135 -5.96 -35.70 -25.68
N ASP A 136 -5.28 -36.66 -25.06
CA ASP A 136 -5.78 -37.33 -23.85
C ASP A 136 -5.68 -36.39 -22.65
N ALA A 137 -6.73 -36.38 -21.83
CA ALA A 137 -6.79 -35.52 -20.64
C ALA A 137 -5.87 -36.02 -19.52
N GLN A 138 -6.04 -37.29 -19.14
CA GLN A 138 -5.26 -37.90 -18.05
C GLN A 138 -3.77 -37.87 -18.30
N LEU A 139 -3.34 -38.37 -19.46
CA LEU A 139 -1.92 -38.41 -19.84
C LEU A 139 -1.31 -37.02 -20.02
N GLY A 140 -2.14 -36.03 -20.34
CA GLY A 140 -1.71 -34.63 -20.41
C GLY A 140 -1.13 -34.13 -19.10
N ASP A 141 -1.90 -34.30 -18.02
CA ASP A 141 -1.45 -33.94 -16.66
C ASP A 141 -0.25 -34.75 -16.19
N LEU A 142 -0.17 -36.01 -16.60
CA LEU A 142 0.90 -36.92 -16.17
C LEU A 142 2.25 -36.56 -16.81
N LEU A 143 2.24 -36.34 -18.13
CA LEU A 143 3.45 -35.89 -18.85
C LEU A 143 3.75 -34.41 -18.56
N GLY A 144 2.71 -33.58 -18.56
CA GLY A 144 2.78 -32.20 -18.07
C GLY A 144 3.72 -31.28 -18.82
N ASP A 145 4.27 -30.29 -18.12
CA ASP A 145 5.27 -29.39 -18.67
C ASP A 145 6.66 -29.87 -18.29
N ALA A 146 7.66 -29.53 -19.10
CA ALA A 146 9.06 -29.83 -18.80
C ALA A 146 9.99 -28.93 -19.61
N CYS A 147 10.56 -27.92 -18.95
CA CYS A 147 11.26 -26.83 -19.64
C CYS A 147 12.68 -27.18 -20.06
N GLY A 148 13.21 -26.34 -20.93
CA GLY A 148 14.62 -26.37 -21.34
C GLY A 148 15.28 -25.09 -20.92
N LEU A 149 16.59 -25.16 -20.65
CA LEU A 149 17.36 -24.05 -20.10
C LEU A 149 18.40 -23.54 -21.10
N VAL A 150 18.45 -22.22 -21.27
CA VAL A 150 19.45 -21.57 -22.13
C VAL A 150 20.30 -20.68 -21.23
N PHE A 151 21.60 -20.96 -21.15
CA PHE A 151 22.54 -20.18 -20.33
C PHE A 151 23.37 -19.28 -21.24
N THR A 152 23.29 -17.97 -21.03
CA THR A 152 24.02 -16.98 -21.83
C THR A 152 24.96 -16.15 -20.94
N HIS A 153 26.14 -15.83 -21.49
CA HIS A 153 27.11 -14.97 -20.83
C HIS A 153 28.10 -14.46 -21.87
N HIS A 154 28.70 -13.30 -21.61
CA HIS A 154 29.66 -12.69 -22.55
C HIS A 154 31.00 -13.45 -22.62
N ASP A 155 31.55 -13.79 -21.46
CA ASP A 155 32.77 -14.60 -21.36
C ASP A 155 32.61 -16.07 -21.78
N GLU A 156 31.38 -16.59 -21.76
CA GLU A 156 31.13 -18.01 -22.03
C GLU A 156 30.41 -18.20 -23.37
N LYS A 157 30.30 -19.45 -23.82
CA LYS A 157 29.48 -19.79 -24.99
C LYS A 157 28.04 -20.08 -24.56
N THR A 158 27.10 -19.88 -25.48
CA THR A 158 25.69 -20.15 -25.24
C THR A 158 25.45 -21.65 -25.30
N ILE A 159 24.86 -22.22 -24.23
CA ILE A 159 24.52 -23.65 -24.17
C ILE A 159 23.02 -23.79 -23.95
N TYR A 160 22.41 -24.77 -24.63
CA TYR A 160 20.96 -24.99 -24.61
C TYR A 160 20.64 -26.40 -24.14
N ILE A 161 20.20 -26.52 -22.90
CA ILE A 161 19.76 -27.79 -22.34
C ILE A 161 18.27 -27.92 -22.65
N ALA A 162 17.94 -28.74 -23.65
CA ALA A 162 16.60 -28.74 -24.26
C ALA A 162 15.51 -29.43 -23.43
N GLY A 163 15.89 -30.32 -22.52
CA GLY A 163 14.93 -30.99 -21.61
C GLY A 163 14.10 -32.08 -22.26
N ASP A 164 13.19 -32.67 -21.47
CA ASP A 164 12.28 -33.71 -21.97
C ASP A 164 11.24 -33.11 -22.92
N THR A 165 11.61 -33.03 -24.19
CA THR A 165 10.75 -32.54 -25.26
C THR A 165 10.97 -33.33 -26.55
N VAL A 166 9.91 -33.51 -27.34
CA VAL A 166 10.05 -34.04 -28.71
C VAL A 166 10.18 -32.87 -29.66
N TRP A 167 10.39 -33.15 -30.94
CA TRP A 167 10.49 -32.08 -31.94
C TRP A 167 9.15 -31.36 -32.06
N VAL A 168 9.12 -30.12 -31.61
CA VAL A 168 7.99 -29.22 -31.80
C VAL A 168 8.54 -27.86 -32.20
N LYS A 169 7.67 -26.96 -32.65
CA LYS A 169 8.09 -25.64 -33.13
C LYS A 169 8.83 -24.81 -32.08
N PRO A 170 8.34 -24.75 -30.83
CA PRO A 170 9.09 -24.02 -29.79
C PRO A 170 10.57 -24.40 -29.65
N TYR A 171 10.93 -25.65 -29.93
CA TYR A 171 12.33 -26.07 -30.00
C TYR A 171 13.03 -25.42 -31.20
N VAL A 172 12.35 -25.40 -32.35
CA VAL A 172 12.87 -24.75 -33.57
C VAL A 172 13.10 -23.24 -33.38
N LYS A 173 12.11 -22.55 -32.82
CA LYS A 173 12.22 -21.11 -32.54
C LYS A 173 13.31 -20.78 -31.51
N SER A 174 13.55 -21.69 -30.57
CA SER A 174 14.63 -21.53 -29.58
C SER A 174 16.03 -21.60 -30.21
N LEU A 175 16.22 -22.48 -31.20
CA LEU A 175 17.50 -22.60 -31.91
C LEU A 175 17.83 -21.35 -32.74
N GLN A 176 16.84 -20.87 -33.48
CA GLN A 176 16.98 -19.66 -34.31
C GLN A 176 17.27 -18.42 -33.46
N ARG A 177 16.53 -18.28 -32.37
CA ARG A 177 16.60 -17.10 -31.51
C ARG A 177 17.90 -17.04 -30.69
N PHE A 178 18.27 -18.16 -30.07
CA PHE A 178 19.47 -18.20 -29.22
C PHE A 178 20.78 -18.60 -29.92
N LYS A 179 20.70 -19.13 -31.15
CA LYS A 179 21.86 -19.58 -31.93
C LYS A 179 22.96 -20.28 -31.11
N PRO A 180 22.59 -21.31 -30.33
CA PRO A 180 23.53 -21.88 -29.37
C PRO A 180 24.67 -22.66 -30.01
N GLU A 181 25.90 -22.42 -29.54
CA GLU A 181 27.07 -23.16 -30.04
C GLU A 181 27.12 -24.60 -29.53
N ILE A 182 26.48 -24.85 -28.38
CA ILE A 182 26.38 -26.18 -27.78
C ILE A 182 24.91 -26.47 -27.48
N VAL A 183 24.48 -27.70 -27.74
CA VAL A 183 23.11 -28.14 -27.50
C VAL A 183 23.14 -29.46 -26.75
N VAL A 184 22.38 -29.55 -25.66
CA VAL A 184 22.24 -30.78 -24.89
C VAL A 184 20.82 -31.29 -25.09
N LEU A 185 20.69 -32.48 -25.68
CA LEU A 185 19.39 -33.09 -25.94
C LEU A 185 19.19 -34.35 -25.11
N ASN A 186 17.95 -34.55 -24.68
CA ASN A 186 17.55 -35.77 -24.01
C ASN A 186 17.11 -36.77 -25.08
N THR A 187 18.09 -37.55 -25.54
CA THR A 187 17.95 -38.43 -26.70
C THR A 187 17.85 -39.90 -26.26
N GLY A 188 16.88 -40.18 -25.39
CA GLY A 188 16.65 -41.54 -24.87
C GLY A 188 15.68 -42.37 -25.70
N TYR A 189 14.84 -41.71 -26.50
CA TYR A 189 13.77 -42.36 -27.27
C TYR A 189 12.86 -43.22 -26.37
N ALA A 190 12.36 -42.59 -25.31
CA ALA A 190 11.47 -43.25 -24.36
C ALA A 190 10.11 -43.48 -25.00
N VAL A 191 9.67 -44.73 -24.98
CA VAL A 191 8.45 -45.16 -25.67
C VAL A 191 7.30 -45.33 -24.67
N ASN A 192 6.25 -44.53 -24.85
CA ASN A 192 4.94 -44.79 -24.24
C ASN A 192 4.27 -45.90 -25.06
N ASP A 193 3.50 -46.75 -24.39
CA ASP A 193 2.87 -47.93 -25.03
C ASP A 193 1.97 -47.56 -26.20
N LEU A 194 1.05 -46.62 -25.99
CA LEU A 194 -0.02 -46.31 -26.95
C LEU A 194 0.11 -44.97 -27.70
N TYR A 195 1.10 -44.14 -27.34
CA TYR A 195 1.40 -42.90 -28.07
C TYR A 195 2.86 -42.74 -28.51
N GLY A 196 3.73 -43.71 -28.18
CA GLY A 196 5.07 -43.75 -28.76
C GLY A 196 6.07 -42.81 -28.11
N PRO A 197 7.02 -42.27 -28.91
CA PRO A 197 8.09 -41.42 -28.37
C PRO A 197 7.64 -40.20 -27.56
N ILE A 198 8.02 -40.17 -26.28
CA ILE A 198 7.76 -39.01 -25.40
C ILE A 198 8.91 -38.00 -25.33
N ILE A 199 10.10 -38.40 -25.77
CA ILE A 199 11.28 -37.52 -25.89
C ILE A 199 12.05 -37.85 -27.18
N MET A 200 13.13 -37.11 -27.43
CA MET A 200 13.88 -37.22 -28.69
C MET A 200 14.68 -38.52 -28.84
N GLY A 201 15.17 -38.74 -30.07
CA GLY A 201 15.99 -39.89 -30.40
C GLY A 201 17.11 -39.52 -31.36
N LYS A 202 17.49 -40.48 -32.19
CA LYS A 202 18.62 -40.31 -33.11
C LYS A 202 18.34 -39.32 -34.24
N GLU A 203 17.13 -39.40 -34.81
CA GLU A 203 16.73 -38.55 -35.96
C GLU A 203 16.73 -37.07 -35.63
N ASP A 204 16.41 -36.73 -34.38
CA ASP A 204 16.37 -35.33 -33.92
C ASP A 204 17.76 -34.69 -33.85
N THR A 205 18.80 -35.52 -33.72
CA THR A 205 20.18 -35.06 -33.82
C THR A 205 20.58 -34.63 -35.25
N LEU A 206 20.07 -35.34 -36.26
CA LEU A 206 20.24 -34.92 -37.67
C LEU A 206 19.46 -33.65 -37.94
N ARG A 207 18.16 -33.67 -37.62
CA ARG A 207 17.27 -32.53 -37.83
C ARG A 207 17.82 -31.21 -37.28
N THR A 208 18.44 -31.27 -36.09
CA THR A 208 19.02 -30.06 -35.46
C THR A 208 20.27 -29.54 -36.17
N LEU A 209 21.14 -30.44 -36.66
CA LEU A 209 22.32 -30.02 -37.42
C LEU A 209 21.97 -29.50 -38.81
N LYS A 210 20.90 -30.02 -39.40
CA LYS A 210 20.31 -29.46 -40.61
C LYS A 210 19.80 -28.03 -40.33
N MET A 211 19.18 -27.85 -39.16
CA MET A 211 18.65 -26.56 -38.70
C MET A 211 19.76 -25.59 -38.28
N LEU A 212 20.80 -26.11 -37.61
CA LEU A 212 21.89 -25.29 -37.05
C LEU A 212 23.25 -26.02 -37.18
N PRO A 213 23.85 -25.98 -38.39
CA PRO A 213 25.14 -26.64 -38.72
C PRO A 213 26.32 -26.39 -37.77
N THR A 214 26.50 -25.14 -37.32
CA THR A 214 27.61 -24.76 -36.44
C THR A 214 27.54 -25.35 -35.01
N ALA A 215 26.36 -25.82 -34.60
CA ALA A 215 26.16 -26.39 -33.26
C ALA A 215 26.86 -27.73 -33.05
N THR A 216 27.07 -28.06 -31.77
CA THR A 216 27.68 -29.32 -31.34
C THR A 216 26.77 -29.98 -30.30
N ILE A 217 26.25 -31.16 -30.62
CA ILE A 217 25.22 -31.82 -29.81
C ILE A 217 25.85 -32.71 -28.73
N VAL A 218 25.27 -32.68 -27.54
CA VAL A 218 25.61 -33.57 -26.43
C VAL A 218 24.40 -34.41 -26.09
N ALA A 219 24.52 -35.73 -26.23
CA ALA A 219 23.40 -36.66 -26.07
C ALA A 219 23.34 -37.17 -24.63
N SER A 220 22.19 -36.96 -23.99
CA SER A 220 21.96 -37.36 -22.60
C SER A 220 20.60 -38.03 -22.46
N HIS A 221 20.27 -38.45 -21.24
CA HIS A 221 19.00 -39.15 -20.92
C HIS A 221 18.97 -40.57 -21.52
N MET A 222 20.10 -41.27 -21.46
CA MET A 222 20.28 -42.57 -22.11
C MET A 222 20.87 -43.61 -21.16
N GLU A 223 20.42 -44.87 -21.33
CA GLU A 223 20.94 -46.01 -20.58
C GLU A 223 20.88 -45.77 -19.07
N SER A 224 19.66 -45.73 -18.55
CA SER A 224 19.39 -45.37 -17.15
C SER A 224 17.97 -45.68 -16.72
N ILE A 225 16.99 -45.26 -17.53
CA ILE A 225 15.58 -45.54 -17.29
C ILE A 225 15.11 -46.63 -18.24
N ASN A 226 14.16 -47.44 -17.78
CA ASN A 226 13.72 -48.65 -18.47
C ASN A 226 13.16 -48.43 -19.87
N HIS A 227 12.36 -47.37 -20.05
CA HIS A 227 11.69 -47.14 -21.34
C HIS A 227 12.56 -46.46 -22.41
N CYS A 228 13.74 -45.97 -22.03
CA CYS A 228 14.68 -45.38 -23.00
C CYS A 228 15.42 -46.47 -23.79
N LEU A 229 14.99 -46.66 -25.04
CA LEU A 229 15.48 -47.76 -25.89
C LEU A 229 16.78 -47.45 -26.63
N LEU A 230 16.95 -46.18 -27.02
CA LEU A 230 18.08 -45.78 -27.87
C LEU A 230 19.41 -45.83 -27.11
N THR A 231 20.17 -46.90 -27.34
CA THR A 231 21.48 -47.09 -26.72
C THR A 231 22.56 -46.18 -27.34
N ARG A 232 23.70 -46.09 -26.66
CA ARG A 232 24.80 -45.20 -27.08
C ARG A 232 25.45 -45.64 -28.39
N ALA A 233 25.70 -46.94 -28.52
CA ALA A 233 26.31 -47.53 -29.71
C ALA A 233 25.51 -47.27 -31.00
N GLU A 234 24.18 -47.28 -30.88
CA GLU A 234 23.28 -47.07 -32.01
C GLU A 234 23.35 -45.63 -32.53
N LEU A 235 23.33 -44.66 -31.60
CA LEU A 235 23.47 -43.24 -31.95
C LEU A 235 24.84 -42.94 -32.56
N ARG A 236 25.90 -43.51 -31.97
CA ARG A 236 27.25 -43.42 -32.52
C ARG A 236 27.33 -43.97 -33.95
N GLU A 237 26.64 -45.08 -34.20
CA GLU A 237 26.54 -45.66 -35.55
C GLU A 237 25.75 -44.75 -36.50
N PHE A 238 24.66 -44.17 -36.00
CA PHE A 238 23.87 -43.17 -36.74
C PHE A 238 24.68 -41.91 -37.09
N SER A 239 25.63 -41.54 -36.24
CA SER A 239 26.55 -40.42 -36.50
C SER A 239 27.41 -40.68 -37.74
N LEU A 240 28.05 -41.85 -37.75
CA LEU A 240 28.98 -42.23 -38.82
C LEU A 240 28.31 -42.31 -40.19
N GLU A 241 27.10 -42.85 -40.24
CA GLU A 241 26.33 -42.96 -41.49
C GLU A 241 25.98 -41.62 -42.15
N HIS A 242 25.91 -40.54 -41.36
CA HIS A 242 25.58 -39.20 -41.87
C HIS A 242 26.76 -38.20 -41.92
N GLY A 243 27.93 -38.63 -41.45
CA GLY A 243 29.14 -37.80 -41.51
C GLY A 243 29.14 -36.70 -40.46
N ILE A 244 28.83 -37.08 -39.22
CA ILE A 244 28.68 -36.12 -38.11
C ILE A 244 29.20 -36.73 -36.79
N GLU A 245 30.44 -37.21 -36.83
CA GLU A 245 31.03 -37.96 -35.71
C GLU A 245 31.55 -37.00 -34.65
N ASP A 246 32.36 -36.03 -35.08
CA ASP A 246 33.00 -35.06 -34.18
C ASP A 246 32.03 -33.98 -33.68
N LYS A 247 30.88 -33.83 -34.35
CA LYS A 247 29.85 -32.87 -33.95
C LYS A 247 28.81 -33.43 -32.97
N ILE A 248 28.81 -34.75 -32.73
CA ILE A 248 27.95 -35.39 -31.74
C ILE A 248 28.84 -36.03 -30.68
N LEU A 249 28.76 -35.53 -29.45
CA LEU A 249 29.45 -36.13 -28.32
C LEU A 249 28.46 -36.96 -27.50
N ILE A 250 28.90 -38.17 -27.11
CA ILE A 250 28.06 -39.11 -26.36
C ILE A 250 28.82 -39.43 -25.06
N PRO A 251 28.69 -38.57 -24.04
CA PRO A 251 29.47 -38.73 -22.83
C PRO A 251 29.07 -39.92 -21.97
N ALA A 252 30.05 -40.56 -21.34
CA ALA A 252 29.81 -41.63 -20.37
C ALA A 252 29.48 -41.01 -19.01
N ASP A 253 29.00 -41.85 -18.11
CA ASP A 253 28.68 -41.42 -16.74
C ASP A 253 29.97 -40.96 -16.05
N GLY A 254 29.97 -39.70 -15.60
CA GLY A 254 31.14 -39.06 -14.98
C GLY A 254 32.05 -38.29 -15.92
N GLU A 255 31.76 -38.33 -17.23
CA GLU A 255 32.63 -37.69 -18.23
C GLU A 255 32.42 -36.17 -18.25
N THR A 256 33.49 -35.43 -17.94
CA THR A 256 33.47 -33.96 -17.99
C THR A 256 33.80 -33.51 -19.42
N MET A 257 33.12 -32.47 -19.88
CA MET A 257 33.33 -31.90 -21.22
C MET A 257 33.58 -30.41 -21.06
N ALA A 258 34.69 -29.93 -21.62
CA ALA A 258 35.08 -28.52 -21.52
C ALA A 258 34.90 -27.80 -22.86
N PHE A 259 34.51 -26.54 -22.80
CA PHE A 259 34.27 -25.70 -23.99
C PHE A 259 34.79 -24.27 -23.76
N SER A 260 35.71 -23.83 -24.60
CA SER A 260 36.26 -22.46 -24.50
C SER A 260 35.37 -21.47 -25.26
N ALA A 261 35.68 -20.18 -25.15
CA ALA A 261 34.85 -19.10 -25.70
C ALA A 261 35.46 -18.37 -26.90
N TRP A 262 36.50 -17.58 -26.65
CA TRP A 262 37.11 -16.73 -27.68
C TRP A 262 38.14 -17.50 -28.49
N MET B 1 -21.61 -9.97 -26.86
CA MET B 1 -20.84 -10.03 -28.13
C MET B 1 -21.75 -10.08 -29.35
N LYS B 2 -21.16 -9.72 -30.50
CA LYS B 2 -21.72 -10.03 -31.80
C LYS B 2 -20.56 -10.48 -32.70
N LEU B 3 -20.46 -11.79 -32.91
CA LEU B 3 -19.50 -12.38 -33.85
C LEU B 3 -20.25 -12.66 -35.16
N THR B 4 -19.72 -12.15 -36.28
CA THR B 4 -20.26 -12.43 -37.61
C THR B 4 -19.26 -13.25 -38.40
N GLN B 5 -19.67 -14.42 -38.88
CA GLN B 5 -18.89 -15.18 -39.85
C GLN B 5 -19.04 -14.45 -41.19
N ILE B 6 -17.92 -14.12 -41.82
CA ILE B 6 -17.91 -13.51 -43.17
C ILE B 6 -17.65 -14.62 -44.19
N ARG B 7 -16.39 -15.02 -44.36
CA ARG B 7 -16.02 -16.17 -45.21
C ARG B 7 -14.58 -16.61 -44.90
N ASN B 8 -14.37 -17.91 -44.79
CA ASN B 8 -13.10 -18.50 -44.31
C ASN B 8 -12.86 -18.07 -42.85
N ALA B 9 -11.67 -17.58 -42.50
CA ALA B 9 -11.37 -17.11 -41.15
C ALA B 9 -11.68 -15.62 -40.97
N THR B 10 -12.17 -14.97 -42.02
CA THR B 10 -12.60 -13.58 -41.94
C THR B 10 -13.87 -13.48 -41.10
N LEU B 11 -13.87 -12.51 -40.17
CA LEU B 11 -15.00 -12.28 -39.29
C LEU B 11 -14.91 -10.91 -38.64
N VAL B 12 -16.07 -10.32 -38.32
CA VAL B 12 -16.13 -9.08 -37.55
C VAL B 12 -16.69 -9.38 -36.17
N LEU B 13 -16.10 -8.74 -35.16
CA LEU B 13 -16.35 -9.04 -33.75
C LEU B 13 -16.60 -7.74 -33.00
N GLN B 14 -17.86 -7.50 -32.63
CA GLN B 14 -18.22 -6.37 -31.77
C GLN B 14 -18.08 -6.78 -30.31
N TYR B 15 -17.02 -6.29 -29.66
CA TYR B 15 -16.64 -6.73 -28.31
C TYR B 15 -16.30 -5.52 -27.43
N ALA B 16 -17.04 -5.37 -26.32
CA ALA B 16 -16.83 -4.30 -25.33
C ALA B 16 -16.93 -2.89 -25.91
N GLY B 17 -17.94 -2.68 -26.74
CA GLY B 17 -18.19 -1.42 -27.40
C GLY B 17 -17.20 -1.05 -28.50
N LYS B 18 -16.47 -2.05 -29.03
CA LYS B 18 -15.47 -1.84 -30.08
C LYS B 18 -15.66 -2.91 -31.15
N LYS B 19 -15.42 -2.55 -32.41
CA LYS B 19 -15.52 -3.47 -33.54
C LYS B 19 -14.14 -3.79 -34.12
N PHE B 20 -13.91 -5.07 -34.42
CA PHE B 20 -12.67 -5.53 -35.05
C PHE B 20 -13.01 -6.30 -36.31
N LEU B 21 -12.07 -6.31 -37.26
CA LEU B 21 -12.12 -7.16 -38.43
C LEU B 21 -10.89 -8.06 -38.40
N ILE B 22 -11.09 -9.34 -38.11
CA ILE B 22 -9.99 -10.29 -37.98
C ILE B 22 -9.78 -11.00 -39.32
N ASP B 23 -8.54 -10.96 -39.82
CA ASP B 23 -8.11 -11.69 -41.02
C ASP B 23 -8.96 -11.41 -42.27
N PRO B 24 -8.84 -10.19 -42.83
CA PRO B 24 -9.67 -9.83 -43.99
C PRO B 24 -9.24 -10.45 -45.32
N MET B 25 -10.07 -11.34 -45.87
CA MET B 25 -9.96 -11.84 -47.23
C MET B 25 -11.08 -11.21 -48.04
N LEU B 26 -10.74 -10.25 -48.91
CA LEU B 26 -11.72 -9.39 -49.60
C LEU B 26 -11.78 -9.53 -51.14
N ALA B 27 -11.14 -10.56 -51.69
CA ALA B 27 -11.21 -10.81 -53.15
C ALA B 27 -12.60 -11.33 -53.55
N GLU B 28 -13.01 -11.00 -54.78
CA GLU B 28 -14.30 -11.45 -55.32
C GLU B 28 -14.29 -12.97 -55.61
N LYS B 29 -15.47 -13.51 -55.94
CA LYS B 29 -15.62 -14.95 -56.18
C LYS B 29 -14.67 -15.39 -57.30
N GLU B 30 -13.79 -16.33 -56.98
CA GLU B 30 -12.83 -16.92 -57.93
C GLU B 30 -11.85 -15.89 -58.55
N ALA B 31 -11.59 -14.80 -57.83
CA ALA B 31 -10.89 -13.62 -58.38
C ALA B 31 -9.37 -13.54 -58.14
N TRP B 32 -8.78 -14.47 -57.38
CA TRP B 32 -7.32 -14.48 -57.16
C TRP B 32 -6.59 -14.73 -58.48
N ASP B 33 -6.01 -13.67 -59.03
CA ASP B 33 -5.38 -13.70 -60.36
C ASP B 33 -3.84 -13.60 -60.29
N GLY B 34 -3.25 -14.20 -59.26
CA GLY B 34 -1.79 -14.30 -59.15
C GLY B 34 -1.30 -15.37 -60.11
N PHE B 35 -0.38 -15.00 -61.01
CA PHE B 35 0.03 -15.87 -62.11
C PHE B 35 1.49 -15.65 -62.50
N ALA B 36 2.20 -16.75 -62.73
CA ALA B 36 3.59 -16.75 -63.22
C ALA B 36 3.68 -17.48 -64.56
N GLY B 37 3.31 -18.76 -64.56
CA GLY B 37 3.20 -19.52 -65.80
C GLY B 37 2.69 -20.95 -65.69
N SER B 38 1.75 -21.19 -64.77
CA SER B 38 1.26 -22.54 -64.52
C SER B 38 0.47 -23.05 -65.72
N ALA B 39 0.68 -24.32 -66.05
CA ALA B 39 -0.02 -24.97 -67.16
C ALA B 39 -1.47 -25.26 -66.78
N ARG B 40 -1.70 -25.70 -65.54
CA ARG B 40 -3.02 -25.97 -64.99
C ARG B 40 -3.25 -25.11 -63.75
N PRO B 41 -3.50 -23.79 -63.94
CA PRO B 41 -3.74 -22.90 -62.80
C PRO B 41 -5.15 -23.09 -62.22
N HIS B 42 -5.24 -23.40 -60.93
CA HIS B 42 -6.53 -23.56 -60.26
C HIS B 42 -7.17 -22.20 -60.04
N LEU B 43 -8.38 -22.03 -60.57
CA LEU B 43 -9.11 -20.76 -60.47
C LEU B 43 -10.38 -20.92 -59.63
N ARG B 44 -10.33 -21.77 -58.60
CA ARG B 44 -11.45 -22.01 -57.71
C ARG B 44 -11.52 -21.01 -56.53
N ASN B 45 -10.36 -20.50 -56.10
CA ASN B 45 -10.28 -19.64 -54.91
C ASN B 45 -10.53 -18.17 -55.26
N PRO B 46 -11.38 -17.43 -54.52
CA PRO B 46 -12.24 -17.94 -53.45
C PRO B 46 -13.49 -18.65 -53.99
N MET B 47 -13.85 -19.79 -53.39
CA MET B 47 -15.01 -20.59 -53.80
C MET B 47 -16.34 -19.84 -53.77
N VAL B 48 -16.51 -18.97 -52.78
CA VAL B 48 -17.77 -18.24 -52.55
C VAL B 48 -17.50 -16.74 -52.54
N ALA B 49 -18.51 -15.94 -52.87
CA ALA B 49 -18.42 -14.48 -52.79
C ALA B 49 -18.57 -13.98 -51.35
N LEU B 50 -18.42 -12.67 -51.16
CA LEU B 50 -18.69 -12.04 -49.88
C LEU B 50 -20.20 -11.97 -49.64
N PRO B 51 -20.66 -12.34 -48.42
CA PRO B 51 -22.09 -12.28 -48.13
C PRO B 51 -22.63 -10.85 -47.89
N VAL B 52 -21.74 -9.88 -47.74
CA VAL B 52 -22.09 -8.47 -47.57
C VAL B 52 -21.11 -7.59 -48.37
N PRO B 53 -21.45 -6.31 -48.63
CA PRO B 53 -20.51 -5.42 -49.30
C PRO B 53 -19.29 -5.07 -48.44
N VAL B 54 -18.22 -4.64 -49.08
CA VAL B 54 -16.96 -4.29 -48.39
C VAL B 54 -17.08 -3.08 -47.46
N GLU B 55 -17.99 -2.16 -47.77
CA GLU B 55 -18.23 -0.96 -46.94
C GLU B 55 -18.60 -1.30 -45.50
N ASP B 56 -19.46 -2.31 -45.34
CA ASP B 56 -19.87 -2.79 -44.01
C ASP B 56 -18.71 -3.38 -43.21
N LEU B 57 -17.80 -4.08 -43.90
CA LEU B 57 -16.61 -4.68 -43.26
C LEU B 57 -15.65 -3.63 -42.68
N LEU B 58 -15.50 -2.50 -43.37
CA LEU B 58 -14.52 -1.47 -42.99
C LEU B 58 -14.96 -0.54 -41.84
N ALA B 59 -16.25 -0.53 -41.51
CA ALA B 59 -16.76 0.25 -40.35
C ALA B 59 -16.27 -0.39 -39.05
N VAL B 60 -15.00 -0.14 -38.72
CA VAL B 60 -14.26 -0.92 -37.73
C VAL B 60 -13.18 -0.06 -37.07
N ASP B 61 -12.88 -0.35 -35.80
CA ASP B 61 -11.87 0.40 -35.03
C ASP B 61 -10.44 -0.03 -35.35
N ALA B 62 -10.24 -1.33 -35.54
CA ALA B 62 -8.93 -1.85 -35.94
C ALA B 62 -9.03 -3.22 -36.62
N VAL B 63 -8.02 -3.54 -37.43
CA VAL B 63 -7.89 -4.83 -38.10
C VAL B 63 -6.89 -5.68 -37.31
N ILE B 64 -7.13 -6.99 -37.26
CA ILE B 64 -6.22 -7.91 -36.57
C ILE B 64 -5.80 -9.03 -37.53
N LEU B 65 -4.49 -9.16 -37.75
CA LEU B 65 -3.91 -10.21 -38.60
C LEU B 65 -3.21 -11.25 -37.75
N THR B 66 -3.71 -12.48 -37.77
CA THR B 66 -3.09 -13.61 -37.08
C THR B 66 -1.80 -14.01 -37.79
N HIS B 67 -1.82 -13.96 -39.12
CA HIS B 67 -0.62 -14.15 -39.97
C HIS B 67 -0.93 -13.68 -41.40
N THR B 68 0.09 -13.70 -42.27
CA THR B 68 0.00 -13.15 -43.62
C THR B 68 -0.24 -14.19 -44.74
N HIS B 69 -0.74 -15.38 -44.39
CA HIS B 69 -1.17 -16.35 -45.41
C HIS B 69 -2.32 -15.76 -46.22
N THR B 70 -2.31 -15.99 -47.53
CA THR B 70 -3.17 -15.27 -48.48
C THR B 70 -4.66 -15.41 -48.19
N ASP B 71 -5.08 -16.56 -47.68
CA ASP B 71 -6.47 -16.79 -47.23
C ASP B 71 -6.86 -16.06 -45.92
N HIS B 72 -5.95 -15.27 -45.36
CA HIS B 72 -6.23 -14.37 -44.22
C HIS B 72 -5.90 -12.89 -44.49
N TRP B 73 -5.31 -12.58 -45.64
CA TRP B 73 -4.78 -11.25 -45.95
C TRP B 73 -4.32 -11.26 -47.41
N ASP B 74 -5.28 -11.09 -48.32
CA ASP B 74 -5.01 -11.14 -49.77
C ASP B 74 -4.75 -9.77 -50.36
N GLU B 75 -4.32 -9.75 -51.63
CA GLU B 75 -4.04 -8.51 -52.36
C GLU B 75 -5.27 -7.58 -52.42
N ALA B 76 -6.46 -8.16 -52.60
CA ALA B 76 -7.72 -7.39 -52.61
C ALA B 76 -7.94 -6.59 -51.32
N ALA B 77 -7.67 -7.22 -50.18
CA ALA B 77 -7.74 -6.56 -48.87
C ALA B 77 -6.62 -5.54 -48.67
N GLN B 78 -5.42 -5.85 -49.19
CA GLN B 78 -4.28 -4.92 -49.15
C GLN B 78 -4.53 -3.63 -49.94
N GLN B 79 -5.39 -3.71 -50.96
CA GLN B 79 -5.84 -2.53 -51.71
C GLN B 79 -7.03 -1.87 -51.03
N ALA B 80 -8.06 -2.67 -50.72
CA ALA B 80 -9.37 -2.16 -50.26
C ALA B 80 -9.38 -1.54 -48.85
N VAL B 81 -8.59 -2.09 -47.94
CA VAL B 81 -8.47 -1.55 -46.58
C VAL B 81 -7.59 -0.29 -46.63
N PRO B 82 -8.07 0.84 -46.06
CA PRO B 82 -7.31 2.08 -46.17
C PRO B 82 -6.04 2.05 -45.33
N LYS B 83 -5.01 2.75 -45.79
CA LYS B 83 -3.67 2.65 -45.20
C LYS B 83 -3.54 3.28 -43.80
N ASP B 84 -4.43 4.22 -43.50
CA ASP B 84 -4.50 4.88 -42.18
C ASP B 84 -5.30 4.10 -41.12
N MET B 85 -5.79 2.91 -41.47
CA MET B 85 -6.45 2.00 -40.51
C MET B 85 -5.43 1.45 -39.52
N LEU B 86 -5.86 1.28 -38.28
CA LEU B 86 -5.04 0.67 -37.22
C LEU B 86 -4.98 -0.85 -37.42
N ILE B 87 -3.79 -1.36 -37.75
CA ILE B 87 -3.59 -2.80 -37.96
C ILE B 87 -2.82 -3.39 -36.78
N TYR B 88 -3.36 -4.45 -36.20
CA TYR B 88 -2.71 -5.22 -35.13
C TYR B 88 -2.09 -6.49 -35.73
N THR B 89 -0.77 -6.61 -35.65
CA THR B 89 -0.05 -7.77 -36.17
C THR B 89 0.50 -8.69 -35.08
N GLN B 90 0.86 -9.89 -35.49
CA GLN B 90 1.36 -10.97 -34.63
C GLN B 90 2.77 -10.71 -34.11
N ASP B 91 3.66 -10.26 -34.99
CA ASP B 91 5.08 -10.05 -34.65
C ASP B 91 5.74 -9.02 -35.56
N GLU B 92 7.04 -8.77 -35.34
CA GLU B 92 7.78 -7.73 -36.08
C GLU B 92 7.88 -7.94 -37.59
N LYS B 93 8.08 -9.18 -38.04
CA LYS B 93 8.24 -9.44 -39.49
C LYS B 93 6.94 -9.20 -40.28
N ASP B 94 5.80 -9.58 -39.71
CA ASP B 94 4.50 -9.33 -40.34
C ASP B 94 4.17 -7.83 -40.33
N ALA B 95 4.57 -7.13 -39.28
CA ALA B 95 4.43 -5.68 -39.21
C ALA B 95 5.22 -5.00 -40.32
N ALA B 96 6.49 -5.40 -40.47
CA ALA B 96 7.37 -4.89 -41.53
C ALA B 96 6.82 -5.11 -42.93
N LEU B 97 6.30 -6.32 -43.17
CA LEU B 97 5.66 -6.67 -44.44
C LEU B 97 4.47 -5.75 -44.71
N ILE B 98 3.53 -5.73 -43.78
CA ILE B 98 2.33 -4.86 -43.86
C ILE B 98 2.71 -3.37 -44.03
N ARG B 99 3.75 -2.93 -43.32
CA ARG B 99 4.23 -1.53 -43.42
C ARG B 99 4.80 -1.20 -44.80
N SER B 100 5.51 -2.16 -45.40
CA SER B 100 6.09 -1.98 -46.73
C SER B 100 5.06 -2.10 -47.87
N GLN B 101 3.85 -2.55 -47.54
CA GLN B 101 2.72 -2.58 -48.48
C GLN B 101 1.86 -1.30 -48.45
N GLY B 102 2.39 -0.21 -47.89
CA GLY B 102 1.71 1.10 -47.90
C GLY B 102 1.08 1.54 -46.58
N PHE B 103 0.89 0.61 -45.65
CA PHE B 103 0.25 0.91 -44.37
C PHE B 103 1.24 1.60 -43.43
N PHE B 104 0.75 2.50 -42.58
CA PHE B 104 1.61 3.21 -41.61
C PHE B 104 1.14 3.29 -40.14
N ASN B 105 -0.12 2.90 -39.85
CA ASN B 105 -0.64 2.87 -38.48
C ASN B 105 -0.72 1.42 -38.00
N ILE B 106 0.43 0.87 -37.60
CA ILE B 106 0.60 -0.55 -37.30
C ILE B 106 1.06 -0.75 -35.86
N ARG B 107 0.57 -1.82 -35.23
CA ARG B 107 0.98 -2.20 -33.87
C ARG B 107 1.21 -3.71 -33.82
N VAL B 108 2.16 -4.12 -32.98
CA VAL B 108 2.49 -5.52 -32.78
C VAL B 108 1.85 -5.98 -31.47
N LEU B 109 1.10 -7.07 -31.52
CA LEU B 109 0.51 -7.66 -30.32
C LEU B 109 1.61 -8.26 -29.46
N LYS B 110 1.67 -7.82 -28.21
CA LYS B 110 2.48 -8.49 -27.19
C LYS B 110 1.72 -9.73 -26.73
N ASP B 111 2.37 -10.55 -25.91
CA ASP B 111 1.74 -11.74 -25.33
C ASP B 111 0.52 -11.38 -24.48
N GLU B 112 0.58 -10.23 -23.81
CA GLU B 112 -0.55 -9.66 -23.07
C GLU B 112 -0.72 -8.20 -23.47
N ASN B 113 -1.97 -7.78 -23.71
CA ASN B 113 -2.26 -6.42 -24.16
C ASN B 113 -3.42 -5.82 -23.35
N HIS B 114 -3.08 -5.32 -22.17
CA HIS B 114 -4.05 -4.75 -21.23
C HIS B 114 -4.32 -3.30 -21.59
N PHE B 115 -5.56 -2.99 -21.94
CA PHE B 115 -5.97 -1.61 -22.27
C PHE B 115 -6.75 -1.04 -21.09
N VAL B 116 -6.63 0.28 -20.90
CA VAL B 116 -7.15 0.96 -19.70
C VAL B 116 -8.68 0.86 -19.56
N ASP B 117 -9.37 0.81 -20.70
CA ASP B 117 -10.81 0.51 -20.79
C ASP B 117 -11.26 -0.74 -20.00
N GLY B 118 -10.37 -1.73 -19.86
CA GLY B 118 -10.68 -3.01 -19.22
C GLY B 118 -10.57 -4.18 -20.18
N LEU B 119 -10.44 -3.90 -21.47
CA LEU B 119 -10.25 -4.94 -22.49
C LEU B 119 -8.83 -5.46 -22.45
N THR B 120 -8.69 -6.79 -22.42
CA THR B 120 -7.41 -7.46 -22.46
C THR B 120 -7.41 -8.37 -23.69
N ILE B 121 -6.33 -8.34 -24.46
CA ILE B 121 -6.15 -9.22 -25.63
C ILE B 121 -4.87 -10.01 -25.46
N TYR B 122 -5.00 -11.33 -25.32
CA TYR B 122 -3.84 -12.22 -25.19
C TYR B 122 -3.52 -12.88 -26.53
N LYS B 123 -2.25 -12.84 -26.93
CA LYS B 123 -1.76 -13.50 -28.14
C LYS B 123 -1.27 -14.90 -27.76
N THR B 124 -1.72 -15.91 -28.52
CA THR B 124 -1.46 -17.33 -28.24
C THR B 124 -0.52 -17.94 -29.28
N ASP B 125 0.27 -18.93 -28.86
CA ASP B 125 1.17 -19.65 -29.77
C ASP B 125 0.49 -20.94 -30.24
N GLY B 126 0.39 -21.10 -31.56
CA GLY B 126 -0.14 -22.32 -32.16
C GLY B 126 0.95 -23.03 -32.95
N GLN B 127 0.57 -24.12 -33.62
CA GLN B 127 1.45 -24.78 -34.58
C GLN B 127 0.69 -25.06 -35.87
N HIS B 128 1.09 -24.39 -36.95
CA HIS B 128 0.42 -24.45 -38.25
C HIS B 128 0.94 -25.66 -39.05
N GLY B 129 0.75 -26.85 -38.51
CA GLY B 129 1.33 -28.07 -39.08
C GLY B 129 1.66 -29.12 -38.04
N SER B 130 1.96 -30.32 -38.50
CA SER B 130 2.39 -31.42 -37.64
C SER B 130 3.82 -31.22 -37.14
N ASN B 131 4.21 -32.01 -36.14
CA ASN B 131 5.58 -32.00 -35.62
C ASN B 131 6.63 -32.30 -36.69
N GLU B 132 6.29 -33.22 -37.59
CA GLU B 132 7.21 -33.66 -38.66
C GLU B 132 7.46 -32.52 -39.64
N LEU B 133 6.37 -31.86 -40.06
CA LEU B 133 6.45 -30.71 -40.96
C LEU B 133 7.46 -29.64 -40.53
N TYR B 134 7.51 -29.34 -39.24
CA TYR B 134 8.44 -28.32 -38.71
C TYR B 134 9.89 -28.79 -38.54
N ALA B 135 10.16 -30.09 -38.72
CA ALA B 135 11.53 -30.58 -38.90
C ALA B 135 12.12 -30.17 -40.25
N ASP B 136 11.25 -30.00 -41.25
CA ASP B 136 11.63 -29.44 -42.55
C ASP B 136 11.78 -27.93 -42.39
N ALA B 137 12.99 -27.43 -42.60
CA ALA B 137 13.29 -26.00 -42.45
C ALA B 137 12.64 -25.12 -43.52
N GLN B 138 12.34 -25.70 -44.68
CA GLN B 138 11.68 -24.97 -45.78
C GLN B 138 10.20 -24.79 -45.47
N LEU B 139 9.54 -25.89 -45.12
CA LEU B 139 8.13 -25.89 -44.73
C LEU B 139 7.88 -25.26 -43.36
N GLY B 140 8.93 -25.14 -42.53
CA GLY B 140 8.85 -24.40 -41.28
C GLY B 140 8.58 -22.93 -41.52
N ASP B 141 9.38 -22.31 -42.39
CA ASP B 141 9.21 -20.90 -42.76
C ASP B 141 7.92 -20.63 -43.54
N LEU B 142 7.48 -21.60 -44.35
CA LEU B 142 6.35 -21.39 -45.26
C LEU B 142 5.05 -21.32 -44.46
N LEU B 143 4.83 -22.32 -43.61
CA LEU B 143 3.69 -22.36 -42.69
C LEU B 143 3.87 -21.33 -41.57
N GLY B 144 5.12 -21.22 -41.09
CA GLY B 144 5.52 -20.12 -40.20
C GLY B 144 4.80 -20.08 -38.86
N ASP B 145 4.70 -18.88 -38.31
CA ASP B 145 3.92 -18.61 -37.10
C ASP B 145 2.53 -18.10 -37.47
N ALA B 146 1.55 -18.44 -36.63
CA ALA B 146 0.19 -17.93 -36.77
C ALA B 146 -0.53 -17.97 -35.42
N CYS B 147 -0.83 -16.80 -34.87
CA CYS B 147 -1.25 -16.69 -33.47
C CYS B 147 -2.76 -16.83 -33.25
N GLY B 148 -3.12 -17.33 -32.08
CA GLY B 148 -4.49 -17.29 -31.58
C GLY B 148 -4.73 -15.98 -30.85
N LEU B 149 -6.00 -15.71 -30.53
CA LEU B 149 -6.39 -14.46 -29.86
C LEU B 149 -7.48 -14.74 -28.83
N VAL B 150 -7.23 -14.37 -27.58
CA VAL B 150 -8.24 -14.41 -26.53
C VAL B 150 -8.68 -12.97 -26.27
N PHE B 151 -9.97 -12.78 -26.01
CA PHE B 151 -10.52 -11.47 -25.66
C PHE B 151 -11.16 -11.56 -24.28
N THR B 152 -10.74 -10.67 -23.37
CA THR B 152 -11.14 -10.70 -21.96
C THR B 152 -11.68 -9.33 -21.57
N HIS B 153 -12.81 -9.34 -20.85
CA HIS B 153 -13.46 -8.11 -20.34
C HIS B 153 -14.62 -8.52 -19.42
N HIS B 154 -14.83 -7.78 -18.34
CA HIS B 154 -16.11 -7.86 -17.58
C HIS B 154 -17.26 -7.32 -18.45
N ASP B 155 -18.51 -7.56 -18.04
CA ASP B 155 -19.69 -7.28 -18.90
C ASP B 155 -19.77 -8.12 -20.19
N GLU B 156 -18.86 -9.08 -20.37
CA GLU B 156 -18.71 -9.79 -21.65
C GLU B 156 -18.05 -11.15 -21.41
N LYS B 157 -18.53 -12.18 -22.10
CA LYS B 157 -17.93 -13.51 -22.00
C LYS B 157 -16.57 -13.55 -22.68
N THR B 158 -15.76 -14.53 -22.30
CA THR B 158 -14.41 -14.70 -22.82
C THR B 158 -14.47 -15.49 -24.12
N ILE B 159 -13.84 -14.97 -25.18
CA ILE B 159 -13.81 -15.65 -26.50
C ILE B 159 -12.37 -15.92 -26.91
N TYR B 160 -12.14 -17.11 -27.48
CA TYR B 160 -10.83 -17.55 -27.95
C TYR B 160 -10.90 -17.90 -29.44
N ILE B 161 -10.28 -17.08 -30.29
CA ILE B 161 -10.06 -17.42 -31.70
C ILE B 161 -8.73 -18.16 -31.79
N ALA B 162 -8.80 -19.49 -31.99
CA ALA B 162 -7.61 -20.34 -31.99
C ALA B 162 -6.71 -20.13 -33.21
N GLY B 163 -7.33 -19.87 -34.37
CA GLY B 163 -6.60 -19.57 -35.60
C GLY B 163 -6.01 -20.81 -36.25
N ASP B 164 -5.04 -20.59 -37.14
CA ASP B 164 -4.43 -21.66 -37.92
C ASP B 164 -3.41 -22.44 -37.09
N THR B 165 -3.91 -23.38 -36.31
CA THR B 165 -3.09 -24.31 -35.53
C THR B 165 -3.72 -25.70 -35.56
N VAL B 166 -2.89 -26.75 -35.54
CA VAL B 166 -3.36 -28.10 -35.23
C VAL B 166 -3.29 -28.31 -33.70
N TRP B 167 -3.71 -29.48 -33.24
CA TRP B 167 -3.66 -29.79 -31.80
C TRP B 167 -2.22 -29.91 -31.30
N VAL B 168 -1.79 -28.90 -30.54
CA VAL B 168 -0.55 -28.95 -29.75
C VAL B 168 -0.87 -28.54 -28.32
N LYS B 169 0.05 -28.74 -27.38
CA LYS B 169 -0.24 -28.46 -25.95
C LYS B 169 -0.38 -26.96 -25.61
N PRO B 170 0.31 -26.06 -26.36
CA PRO B 170 0.00 -24.64 -26.18
C PRO B 170 -1.46 -24.24 -26.41
N TYR B 171 -2.15 -25.01 -27.26
CA TYR B 171 -3.59 -24.86 -27.44
C TYR B 171 -4.36 -25.37 -26.21
N VAL B 172 -3.96 -26.54 -25.70
CA VAL B 172 -4.60 -27.14 -24.52
C VAL B 172 -4.42 -26.27 -23.27
N LYS B 173 -3.20 -25.79 -23.04
CA LYS B 173 -2.91 -24.88 -21.91
C LYS B 173 -3.67 -23.56 -21.98
N SER B 174 -3.99 -23.09 -23.18
CA SER B 174 -4.80 -21.88 -23.37
C SER B 174 -6.25 -22.09 -22.96
N LEU B 175 -6.80 -23.26 -23.28
CA LEU B 175 -8.14 -23.66 -22.81
C LEU B 175 -8.16 -23.82 -21.29
N GLN B 176 -7.11 -24.40 -20.74
CA GLN B 176 -7.00 -24.59 -19.28
C GLN B 176 -6.80 -23.28 -18.53
N ARG B 177 -5.98 -22.38 -19.07
CA ARG B 177 -5.74 -21.09 -18.44
C ARG B 177 -6.95 -20.17 -18.54
N PHE B 178 -7.28 -19.71 -19.74
CA PHE B 178 -8.29 -18.66 -19.94
C PHE B 178 -9.74 -19.16 -19.82
N LYS B 179 -9.95 -20.46 -20.01
CA LYS B 179 -11.27 -21.11 -19.85
C LYS B 179 -12.40 -20.41 -20.61
N PRO B 180 -12.29 -20.35 -21.95
CA PRO B 180 -13.27 -19.58 -22.72
C PRO B 180 -14.63 -20.28 -22.81
N GLU B 181 -15.70 -19.50 -22.69
CA GLU B 181 -17.05 -20.01 -22.97
C GLU B 181 -17.27 -20.21 -24.48
N ILE B 182 -16.53 -19.44 -25.29
CA ILE B 182 -16.60 -19.52 -26.75
C ILE B 182 -15.19 -19.80 -27.32
N VAL B 183 -15.07 -20.88 -28.07
CA VAL B 183 -13.82 -21.23 -28.76
C VAL B 183 -14.09 -21.29 -30.27
N VAL B 184 -13.53 -20.35 -31.03
CA VAL B 184 -13.69 -20.29 -32.48
C VAL B 184 -12.54 -21.06 -33.14
N LEU B 185 -12.86 -22.17 -33.81
CA LEU B 185 -11.86 -23.02 -34.47
C LEU B 185 -11.86 -22.85 -35.97
N ASN B 186 -10.68 -23.00 -36.57
CA ASN B 186 -10.50 -23.02 -38.02
C ASN B 186 -10.52 -24.47 -38.49
N THR B 187 -11.72 -24.98 -38.77
CA THR B 187 -11.96 -26.40 -39.07
C THR B 187 -12.08 -26.66 -40.58
N GLY B 188 -11.06 -26.24 -41.34
CA GLY B 188 -11.00 -26.49 -42.77
C GLY B 188 -10.56 -27.89 -43.13
N TYR B 189 -9.72 -28.48 -42.29
CA TYR B 189 -9.06 -29.76 -42.56
C TYR B 189 -8.29 -29.73 -43.89
N ALA B 190 -7.55 -28.65 -44.10
CA ALA B 190 -6.53 -28.60 -45.15
C ALA B 190 -5.44 -29.58 -44.76
N VAL B 191 -4.96 -30.36 -45.73
CA VAL B 191 -4.02 -31.43 -45.47
C VAL B 191 -2.80 -31.30 -46.38
N ASN B 192 -1.61 -31.46 -45.83
CA ASN B 192 -0.38 -31.53 -46.60
C ASN B 192 -0.26 -32.93 -47.19
N ASP B 193 0.35 -33.03 -48.38
CA ASP B 193 0.42 -34.30 -49.13
C ASP B 193 1.10 -35.42 -48.34
N LEU B 194 2.22 -35.10 -47.70
CA LEU B 194 3.02 -36.10 -46.97
C LEU B 194 3.07 -35.91 -45.45
N TYR B 195 2.97 -34.67 -44.96
CA TYR B 195 3.10 -34.36 -43.52
C TYR B 195 1.78 -34.24 -42.74
N GLY B 196 0.67 -34.65 -43.33
CA GLY B 196 -0.62 -34.68 -42.63
C GLY B 196 -1.25 -33.31 -42.46
N PRO B 197 -2.36 -33.21 -41.69
CA PRO B 197 -3.13 -31.96 -41.52
C PRO B 197 -2.31 -30.75 -41.08
N ILE B 198 -2.67 -29.57 -41.61
CA ILE B 198 -2.02 -28.30 -41.29
C ILE B 198 -2.87 -27.34 -40.43
N ILE B 199 -4.16 -27.63 -40.31
CA ILE B 199 -5.08 -26.93 -39.42
C ILE B 199 -6.04 -27.95 -38.77
N MET B 200 -7.02 -27.47 -38.00
CA MET B 200 -7.94 -28.38 -37.28
C MET B 200 -8.99 -29.00 -38.19
N GLY B 201 -9.66 -30.02 -37.68
CA GLY B 201 -10.72 -30.71 -38.40
C GLY B 201 -11.90 -31.05 -37.50
N LYS B 202 -12.61 -32.11 -37.86
CA LYS B 202 -13.77 -32.57 -37.09
C LYS B 202 -13.35 -33.20 -35.75
N GLU B 203 -12.31 -34.03 -35.75
CA GLU B 203 -11.80 -34.67 -34.53
C GLU B 203 -11.45 -33.68 -33.42
N ASP B 204 -10.87 -32.55 -33.81
CA ASP B 204 -10.44 -31.52 -32.87
C ASP B 204 -11.61 -30.77 -32.22
N THR B 205 -12.79 -30.82 -32.84
CA THR B 205 -14.02 -30.31 -32.23
C THR B 205 -14.43 -31.11 -30.98
N LEU B 206 -14.36 -32.45 -31.07
CA LEU B 206 -14.72 -33.33 -29.96
C LEU B 206 -13.69 -33.29 -28.82
N ARG B 207 -12.40 -33.36 -29.16
N ARG B 207 -12.41 -33.38 -29.18
CA ARG B 207 -11.31 -33.36 -28.19
CA ARG B 207 -11.29 -33.34 -28.23
C ARG B 207 -11.27 -32.10 -27.30
C ARG B 207 -11.32 -32.12 -27.30
N THR B 208 -11.68 -30.96 -27.86
CA THR B 208 -11.84 -29.72 -27.08
C THR B 208 -12.98 -29.78 -26.09
N LEU B 209 -14.13 -30.26 -26.57
CA LEU B 209 -15.37 -30.29 -25.78
C LEU B 209 -15.29 -31.32 -24.64
N LYS B 210 -14.50 -32.37 -24.80
CA LYS B 210 -14.16 -33.28 -23.70
C LYS B 210 -13.36 -32.56 -22.63
N MET B 211 -12.39 -31.76 -23.07
CA MET B 211 -11.54 -30.94 -22.18
C MET B 211 -12.37 -29.88 -21.46
N LEU B 212 -13.23 -29.19 -22.22
CA LEU B 212 -13.95 -28.01 -21.73
C LEU B 212 -15.44 -28.09 -22.12
N PRO B 213 -16.21 -28.94 -21.41
CA PRO B 213 -17.62 -29.23 -21.79
C PRO B 213 -18.63 -28.10 -21.62
N THR B 214 -18.28 -27.05 -20.88
CA THR B 214 -19.11 -25.85 -20.78
C THR B 214 -19.11 -25.05 -22.09
N ALA B 215 -17.98 -25.09 -22.79
CA ALA B 215 -17.74 -24.22 -23.95
C ALA B 215 -18.63 -24.55 -25.14
N THR B 216 -18.75 -23.56 -26.04
CA THR B 216 -19.48 -23.68 -27.29
C THR B 216 -18.50 -23.45 -28.42
N ILE B 217 -18.49 -24.33 -29.42
CA ILE B 217 -17.54 -24.25 -30.53
C ILE B 217 -18.19 -23.57 -31.75
N VAL B 218 -17.56 -22.49 -32.23
CA VAL B 218 -17.93 -21.86 -33.50
C VAL B 218 -16.97 -22.35 -34.58
N ALA B 219 -17.48 -23.13 -35.53
CA ALA B 219 -16.68 -23.62 -36.65
C ALA B 219 -16.48 -22.52 -37.69
N SER B 220 -15.31 -22.53 -38.33
CA SER B 220 -14.91 -21.50 -39.29
C SER B 220 -13.77 -22.01 -40.17
N HIS B 221 -13.37 -21.20 -41.15
CA HIS B 221 -12.25 -21.52 -42.05
C HIS B 221 -12.58 -22.73 -42.96
N MET B 222 -13.79 -22.77 -43.52
CA MET B 222 -14.17 -23.85 -44.46
C MET B 222 -15.18 -23.41 -45.53
N GLU B 223 -15.18 -24.12 -46.67
CA GLU B 223 -16.00 -23.82 -47.85
C GLU B 223 -15.74 -22.43 -48.42
N SER B 224 -14.45 -22.15 -48.65
CA SER B 224 -13.97 -20.84 -49.10
C SER B 224 -12.74 -20.94 -50.00
N ILE B 225 -11.77 -21.77 -49.60
CA ILE B 225 -10.67 -22.18 -50.48
C ILE B 225 -10.73 -23.70 -50.67
N ASN B 226 -10.47 -24.16 -51.90
CA ASN B 226 -10.63 -25.58 -52.26
C ASN B 226 -9.77 -26.58 -51.48
N HIS B 227 -8.67 -26.11 -50.89
CA HIS B 227 -7.74 -26.98 -50.15
C HIS B 227 -8.29 -27.45 -48.80
N CYS B 228 -9.23 -26.70 -48.23
CA CYS B 228 -9.95 -27.10 -47.02
C CYS B 228 -10.99 -28.19 -47.36
N LEU B 229 -10.70 -29.42 -46.94
CA LEU B 229 -11.48 -30.61 -47.35
C LEU B 229 -12.72 -30.94 -46.50
N LEU B 230 -12.94 -30.20 -45.41
CA LEU B 230 -14.08 -30.45 -44.51
C LEU B 230 -15.29 -29.66 -44.99
N THR B 231 -16.45 -30.31 -45.04
CA THR B 231 -17.70 -29.69 -45.47
C THR B 231 -18.61 -29.38 -44.26
N ARG B 232 -19.33 -28.27 -44.33
CA ARG B 232 -20.41 -27.93 -43.37
C ARG B 232 -21.26 -29.13 -42.98
N ALA B 233 -21.77 -29.83 -43.99
CA ALA B 233 -22.63 -31.00 -43.82
C ALA B 233 -21.94 -32.17 -43.10
N GLU B 234 -20.66 -32.37 -43.36
CA GLU B 234 -19.89 -33.44 -42.71
C GLU B 234 -19.69 -33.18 -41.21
N LEU B 235 -19.38 -31.93 -40.84
CA LEU B 235 -19.15 -31.56 -39.45
C LEU B 235 -20.43 -31.62 -38.61
N ARG B 236 -21.55 -31.22 -39.19
CA ARG B 236 -22.86 -31.37 -38.55
C ARG B 236 -23.21 -32.85 -38.37
N GLU B 237 -22.97 -33.66 -39.41
CA GLU B 237 -23.14 -35.11 -39.35
C GLU B 237 -22.24 -35.76 -38.28
N PHE B 238 -21.03 -35.24 -38.12
CA PHE B 238 -20.11 -35.67 -37.06
C PHE B 238 -20.59 -35.25 -35.67
N SER B 239 -21.15 -34.04 -35.57
CA SER B 239 -21.64 -33.52 -34.28
C SER B 239 -22.88 -34.25 -33.77
N LEU B 240 -23.80 -34.56 -34.69
CA LEU B 240 -24.98 -35.39 -34.38
C LEU B 240 -24.61 -36.79 -33.89
N GLU B 241 -23.53 -37.33 -34.46
CA GLU B 241 -23.06 -38.68 -34.15
C GLU B 241 -22.60 -38.84 -32.69
N HIS B 242 -21.81 -37.88 -32.21
CA HIS B 242 -21.28 -37.90 -30.84
C HIS B 242 -22.12 -37.12 -29.81
N GLY B 243 -23.35 -36.75 -30.17
CA GLY B 243 -24.29 -36.11 -29.24
C GLY B 243 -23.93 -34.70 -28.82
N ILE B 244 -23.32 -33.94 -29.74
CA ILE B 244 -22.88 -32.57 -29.46
C ILE B 244 -23.45 -31.54 -30.44
N GLU B 245 -24.46 -31.94 -31.22
CA GLU B 245 -25.00 -31.10 -32.30
C GLU B 245 -25.34 -29.65 -31.92
N ASP B 246 -25.95 -29.46 -30.74
CA ASP B 246 -26.37 -28.11 -30.28
C ASP B 246 -25.28 -27.30 -29.56
N LYS B 247 -24.10 -27.90 -29.36
CA LYS B 247 -22.92 -27.19 -28.86
C LYS B 247 -21.91 -26.81 -29.96
N ILE B 248 -22.03 -27.40 -31.14
CA ILE B 248 -21.19 -27.03 -32.30
C ILE B 248 -21.95 -26.08 -33.21
N LEU B 249 -21.65 -24.79 -33.10
CA LEU B 249 -22.20 -23.76 -33.99
C LEU B 249 -21.43 -23.80 -35.31
N ILE B 250 -22.17 -23.89 -36.42
CA ILE B 250 -21.57 -23.93 -37.76
C ILE B 250 -22.30 -22.89 -38.62
N PRO B 251 -21.88 -21.61 -38.51
CA PRO B 251 -22.64 -20.52 -39.11
C PRO B 251 -22.47 -20.44 -40.63
N ALA B 252 -23.50 -19.93 -41.28
CA ALA B 252 -23.43 -19.60 -42.71
C ALA B 252 -22.58 -18.34 -42.90
N ASP B 253 -22.20 -18.08 -44.15
CA ASP B 253 -21.51 -16.83 -44.49
C ASP B 253 -22.49 -15.67 -44.35
N GLY B 254 -22.16 -14.73 -43.46
CA GLY B 254 -23.03 -13.59 -43.15
C GLY B 254 -23.86 -13.70 -41.87
N GLU B 255 -23.92 -14.89 -41.27
CA GLU B 255 -24.69 -15.10 -40.04
C GLU B 255 -23.98 -14.51 -38.81
N THR B 256 -24.72 -13.76 -38.01
CA THR B 256 -24.21 -13.17 -36.77
C THR B 256 -24.74 -13.94 -35.56
N MET B 257 -23.84 -14.28 -34.62
CA MET B 257 -24.23 -14.93 -33.36
C MET B 257 -24.02 -13.98 -32.19
N ALA B 258 -25.06 -13.85 -31.36
CA ALA B 258 -25.02 -13.04 -30.14
C ALA B 258 -24.60 -13.91 -28.95
N PHE B 259 -23.72 -13.38 -28.10
CA PHE B 259 -23.31 -14.04 -26.86
C PHE B 259 -23.21 -13.03 -25.72
N SER B 260 -24.28 -12.92 -24.92
CA SER B 260 -24.31 -11.99 -23.78
C SER B 260 -24.06 -12.74 -22.46
N ALA B 261 -23.35 -12.08 -21.55
CA ALA B 261 -23.09 -12.64 -20.21
C ALA B 261 -24.33 -12.59 -19.31
N TRP B 262 -25.11 -11.52 -19.44
CA TRP B 262 -26.37 -11.35 -18.70
C TRP B 262 -27.56 -11.45 -19.66
N SER B 263 -27.67 -10.49 -20.59
CA SER B 263 -28.77 -10.46 -21.56
C SER B 263 -28.44 -9.56 -22.74
N MET C 1 -10.54 17.32 -33.86
CA MET C 1 -10.22 17.79 -32.47
C MET C 1 -10.81 19.18 -32.21
N LYS C 2 -11.38 19.34 -31.02
CA LYS C 2 -11.94 20.61 -30.55
C LYS C 2 -11.54 20.85 -29.09
N LEU C 3 -10.84 21.96 -28.83
CA LEU C 3 -10.41 22.35 -27.48
C LEU C 3 -11.10 23.64 -27.07
N THR C 4 -11.89 23.60 -25.99
CA THR C 4 -12.64 24.76 -25.50
C THR C 4 -12.06 25.31 -24.19
N GLN C 5 -11.74 26.60 -24.17
CA GLN C 5 -11.33 27.32 -22.94
C GLN C 5 -12.56 27.67 -22.13
N ILE C 6 -12.71 27.07 -20.95
CA ILE C 6 -13.81 27.40 -20.05
C ILE C 6 -13.38 28.56 -19.14
N ARG C 7 -12.50 28.28 -18.18
CA ARG C 7 -12.10 29.26 -17.16
C ARG C 7 -10.86 28.77 -16.42
N ASN C 8 -9.87 29.66 -16.24
CA ASN C 8 -8.58 29.32 -15.63
C ASN C 8 -7.92 28.14 -16.39
N ALA C 9 -7.84 26.96 -15.79
CA ALA C 9 -7.27 25.77 -16.43
C ALA C 9 -8.36 24.73 -16.74
N THR C 10 -9.63 25.12 -16.63
CA THR C 10 -10.74 24.23 -16.95
C THR C 10 -10.90 24.18 -18.46
N LEU C 11 -10.88 22.97 -19.03
CA LEU C 11 -10.94 22.77 -20.47
C LEU C 11 -11.90 21.65 -20.81
N VAL C 12 -12.53 21.75 -21.98
CA VAL C 12 -13.26 20.65 -22.58
C VAL C 12 -12.51 20.26 -23.83
N LEU C 13 -11.97 19.04 -23.85
CA LEU C 13 -11.20 18.51 -24.97
C LEU C 13 -11.99 17.40 -25.62
N GLN C 14 -12.30 17.55 -26.91
CA GLN C 14 -12.86 16.48 -27.73
C GLN C 14 -11.75 15.93 -28.61
N TYR C 15 -11.49 14.63 -28.48
CA TYR C 15 -10.30 14.02 -29.07
C TYR C 15 -10.52 12.54 -29.36
N ALA C 16 -10.36 12.15 -30.62
CA ALA C 16 -10.47 10.76 -31.08
C ALA C 16 -11.81 10.10 -30.72
N GLY C 17 -12.90 10.88 -30.82
CA GLY C 17 -14.25 10.40 -30.49
C GLY C 17 -14.68 10.61 -29.05
N LYS C 18 -13.72 10.64 -28.11
CA LYS C 18 -13.99 10.85 -26.69
C LYS C 18 -13.97 12.33 -26.33
N LYS C 19 -14.73 12.68 -25.29
CA LYS C 19 -14.69 14.03 -24.69
C LYS C 19 -14.04 13.95 -23.30
N PHE C 20 -13.45 15.06 -22.86
CA PHE C 20 -12.80 15.14 -21.54
C PHE C 20 -13.05 16.50 -20.90
N LEU C 21 -13.25 16.49 -19.58
CA LEU C 21 -13.28 17.71 -18.76
C LEU C 21 -12.01 17.70 -17.91
N ILE C 22 -11.17 18.71 -18.08
CA ILE C 22 -9.87 18.79 -17.37
C ILE C 22 -9.93 19.84 -16.27
N ASP C 23 -9.66 19.44 -15.03
CA ASP C 23 -9.52 20.35 -13.88
C ASP C 23 -10.75 21.21 -13.65
N PRO C 24 -11.90 20.58 -13.33
CA PRO C 24 -13.15 21.35 -13.21
C PRO C 24 -13.20 22.27 -11.99
N MET C 25 -13.25 23.58 -12.25
CA MET C 25 -13.56 24.60 -11.24
C MET C 25 -14.89 25.24 -11.65
N LEU C 26 -15.96 24.92 -10.93
CA LEU C 26 -17.34 25.22 -11.35
C LEU C 26 -18.08 26.30 -10.54
N ALA C 27 -17.43 26.87 -9.52
CA ALA C 27 -18.11 27.81 -8.61
C ALA C 27 -18.41 29.16 -9.26
N GLU C 28 -19.41 29.85 -8.72
CA GLU C 28 -19.74 31.22 -9.14
C GLU C 28 -18.67 32.19 -8.62
N LYS C 29 -18.62 33.38 -9.21
CA LYS C 29 -17.53 34.32 -8.96
C LYS C 29 -17.49 34.82 -7.51
N GLU C 30 -16.28 34.85 -6.94
CA GLU C 30 -16.02 35.26 -5.57
C GLU C 30 -16.78 34.44 -4.51
N ALA C 31 -16.92 33.14 -4.77
CA ALA C 31 -17.63 32.21 -3.87
C ALA C 31 -16.73 31.46 -2.87
N TRP C 32 -15.40 31.61 -3.01
CA TRP C 32 -14.44 31.08 -2.04
C TRP C 32 -13.19 31.95 -1.97
N ASP C 33 -12.48 31.87 -0.84
CA ASP C 33 -11.45 32.86 -0.50
C ASP C 33 -10.16 32.70 -1.30
N GLY C 34 -9.46 33.82 -1.49
CA GLY C 34 -8.21 33.84 -2.25
C GLY C 34 -7.06 33.14 -1.53
N PHE C 35 -6.02 32.82 -2.29
CA PHE C 35 -4.85 32.10 -1.76
C PHE C 35 -3.99 32.99 -0.88
N ALA C 36 -3.84 32.61 0.39
CA ALA C 36 -2.95 33.30 1.33
C ALA C 36 -1.50 32.90 1.07
N GLY C 37 -0.58 33.77 1.46
CA GLY C 37 0.85 33.57 1.20
C GLY C 37 1.18 33.72 -0.27
N SER C 38 0.67 34.79 -0.88
CA SER C 38 0.88 35.07 -2.30
C SER C 38 0.58 36.53 -2.63
N ALA C 39 0.95 36.95 -3.84
CA ALA C 39 0.72 38.33 -4.29
C ALA C 39 -0.76 38.58 -4.55
N ARG C 40 -1.21 39.79 -4.18
CA ARG C 40 -2.63 40.19 -4.26
C ARG C 40 -3.59 39.23 -3.55
N PRO C 41 -3.50 39.14 -2.21
CA PRO C 41 -4.49 38.37 -1.45
C PRO C 41 -5.81 39.11 -1.19
N HIS C 42 -5.94 40.36 -1.65
CA HIS C 42 -7.14 41.19 -1.43
C HIS C 42 -8.35 40.66 -2.20
N LEU C 43 -8.17 40.45 -3.50
CA LEU C 43 -9.26 40.03 -4.39
C LEU C 43 -9.58 38.55 -4.20
N ARG C 44 -10.87 38.22 -4.15
CA ARG C 44 -11.32 36.83 -4.07
C ARG C 44 -11.39 36.21 -5.47
N ASN C 45 -11.57 34.89 -5.52
CA ASN C 45 -11.65 34.14 -6.79
C ASN C 45 -12.75 33.07 -6.74
N PRO C 46 -13.33 32.70 -7.89
CA PRO C 46 -12.95 33.17 -9.23
C PRO C 46 -13.29 34.64 -9.51
N MET C 47 -12.38 35.32 -10.22
CA MET C 47 -12.55 36.73 -10.56
C MET C 47 -13.56 36.98 -11.70
N VAL C 48 -14.02 35.93 -12.36
CA VAL C 48 -15.05 36.05 -13.40
C VAL C 48 -15.82 34.74 -13.55
N ALA C 49 -17.12 34.85 -13.85
CA ALA C 49 -18.03 33.71 -13.88
C ALA C 49 -17.84 32.82 -15.12
N LEU C 50 -18.60 31.72 -15.19
CA LEU C 50 -18.50 30.75 -16.29
C LEU C 50 -19.03 31.33 -17.59
N PRO C 51 -18.42 30.98 -18.74
CA PRO C 51 -18.94 31.41 -20.04
C PRO C 51 -20.17 30.62 -20.49
N VAL C 52 -20.39 29.43 -19.92
CA VAL C 52 -21.54 28.57 -20.25
C VAL C 52 -22.14 27.97 -18.97
N PRO C 53 -23.36 27.41 -19.06
CA PRO C 53 -23.95 26.73 -17.88
C PRO C 53 -23.21 25.46 -17.45
N VAL C 54 -23.60 24.93 -16.30
CA VAL C 54 -22.92 23.78 -15.70
C VAL C 54 -23.31 22.46 -16.36
N GLU C 55 -24.56 22.32 -16.80
CA GLU C 55 -25.02 21.07 -17.44
C GLU C 55 -24.32 20.79 -18.79
N ASP C 56 -23.90 21.85 -19.48
CA ASP C 56 -23.26 21.72 -20.79
C ASP C 56 -21.88 21.07 -20.72
N LEU C 57 -21.04 21.54 -19.79
CA LEU C 57 -19.65 21.07 -19.69
C LEU C 57 -19.46 19.76 -18.90
N LEU C 58 -20.53 19.25 -18.27
CA LEU C 58 -20.50 17.94 -17.61
C LEU C 58 -21.04 16.78 -18.47
N ALA C 59 -21.64 17.10 -19.63
CA ALA C 59 -22.03 16.08 -20.61
C ALA C 59 -20.79 15.58 -21.36
N VAL C 60 -20.04 14.71 -20.69
CA VAL C 60 -18.68 14.33 -21.10
C VAL C 60 -18.45 12.84 -20.76
N ASP C 61 -17.52 12.20 -21.47
CA ASP C 61 -17.20 10.77 -21.25
C ASP C 61 -16.44 10.54 -19.94
N ALA C 62 -15.43 11.37 -19.67
CA ALA C 62 -14.65 11.30 -18.43
C ALA C 62 -14.17 12.67 -17.94
N VAL C 63 -13.78 12.72 -16.67
CA VAL C 63 -13.14 13.90 -16.06
C VAL C 63 -11.69 13.51 -15.73
N ILE C 64 -10.80 14.50 -15.70
CA ILE C 64 -9.37 14.27 -15.47
C ILE C 64 -8.77 15.39 -14.61
N LEU C 65 -8.31 15.03 -13.40
CA LEU C 65 -7.73 15.96 -12.42
C LEU C 65 -6.21 15.88 -12.44
N THR C 66 -5.54 16.95 -12.88
CA THR C 66 -4.07 17.01 -12.87
C THR C 66 -3.53 17.05 -11.43
N HIS C 67 -4.24 17.77 -10.57
CA HIS C 67 -3.97 17.81 -9.12
C HIS C 67 -5.16 18.43 -8.38
N THR C 68 -5.14 18.35 -7.04
CA THR C 68 -6.26 18.78 -6.21
C THR C 68 -6.05 20.16 -5.54
N HIS C 69 -5.39 21.09 -6.23
CA HIS C 69 -5.44 22.49 -5.82
C HIS C 69 -6.86 23.01 -6.09
N THR C 70 -7.31 23.97 -5.29
CA THR C 70 -8.69 24.44 -5.33
C THR C 70 -9.09 25.07 -6.67
N ASP C 71 -8.14 25.72 -7.35
CA ASP C 71 -8.39 26.29 -8.69
C ASP C 71 -8.45 25.25 -9.83
N HIS C 72 -8.25 23.97 -9.49
CA HIS C 72 -8.44 22.86 -10.41
C HIS C 72 -9.50 21.83 -9.94
N TRP C 73 -10.08 22.01 -8.75
CA TRP C 73 -11.05 21.07 -8.16
C TRP C 73 -11.71 21.68 -6.90
N ASP C 74 -12.55 22.69 -7.11
CA ASP C 74 -13.22 23.40 -5.99
C ASP C 74 -14.42 22.62 -5.46
N GLU C 75 -15.06 23.13 -4.40
CA GLU C 75 -16.27 22.50 -3.81
C GLU C 75 -17.44 22.40 -4.79
N ALA C 76 -17.76 23.50 -5.47
CA ALA C 76 -18.86 23.52 -6.45
C ALA C 76 -18.77 22.37 -7.46
N ALA C 77 -17.55 22.07 -7.90
CA ALA C 77 -17.29 20.91 -8.76
C ALA C 77 -17.52 19.58 -8.04
N GLN C 78 -17.11 19.48 -6.78
CA GLN C 78 -17.34 18.27 -5.97
C GLN C 78 -18.81 17.95 -5.74
N GLN C 79 -19.67 18.98 -5.74
CA GLN C 79 -21.11 18.80 -5.62
C GLN C 79 -21.77 18.62 -7.00
N ALA C 80 -21.28 19.35 -8.01
CA ALA C 80 -21.92 19.37 -9.35
C ALA C 80 -21.65 18.12 -10.18
N VAL C 81 -20.41 17.63 -10.19
CA VAL C 81 -20.03 16.45 -10.97
C VAL C 81 -20.63 15.21 -10.30
N PRO C 82 -21.31 14.33 -11.07
CA PRO C 82 -21.87 13.10 -10.47
C PRO C 82 -20.83 12.16 -9.88
N LYS C 83 -21.23 11.36 -8.90
CA LYS C 83 -20.35 10.33 -8.33
C LYS C 83 -20.16 9.17 -9.31
N ASP C 84 -21.16 8.98 -10.18
CA ASP C 84 -21.12 7.99 -11.26
C ASP C 84 -20.02 8.27 -12.30
N MET C 85 -19.65 9.54 -12.48
CA MET C 85 -18.63 9.95 -13.47
C MET C 85 -17.25 9.30 -13.29
N LEU C 86 -16.63 9.01 -14.43
CA LEU C 86 -15.29 8.42 -14.47
C LEU C 86 -14.23 9.49 -14.26
N ILE C 87 -13.54 9.45 -13.12
CA ILE C 87 -12.50 10.44 -12.80
C ILE C 87 -11.10 9.82 -12.94
N TYR C 88 -10.21 10.53 -13.62
CA TYR C 88 -8.80 10.14 -13.76
C TYR C 88 -7.97 11.03 -12.84
N THR C 89 -7.18 10.43 -11.93
CA THR C 89 -6.29 11.17 -11.01
C THR C 89 -4.81 10.90 -11.28
N GLN C 90 -3.95 11.86 -10.93
CA GLN C 90 -2.50 11.70 -11.10
C GLN C 90 -1.86 10.59 -10.25
N ASP C 91 -2.43 10.31 -9.06
CA ASP C 91 -1.89 9.28 -8.14
C ASP C 91 -2.90 8.85 -7.09
N GLU C 92 -2.52 7.88 -6.25
CA GLU C 92 -3.40 7.32 -5.21
C GLU C 92 -3.65 8.23 -3.99
N LYS C 93 -2.86 9.30 -3.81
CA LYS C 93 -3.15 10.30 -2.77
C LYS C 93 -4.39 11.10 -3.16
N ASP C 94 -4.38 11.65 -4.37
CA ASP C 94 -5.51 12.42 -4.90
C ASP C 94 -6.77 11.58 -5.05
N ALA C 95 -6.59 10.28 -5.32
CA ALA C 95 -7.70 9.33 -5.42
C ALA C 95 -8.40 9.12 -4.09
N ALA C 96 -7.61 8.91 -3.03
CA ALA C 96 -8.13 8.74 -1.66
C ALA C 96 -8.87 9.98 -1.14
N LEU C 97 -8.46 11.16 -1.59
CA LEU C 97 -9.13 12.42 -1.23
C LEU C 97 -10.52 12.49 -1.84
N ILE C 98 -10.61 12.31 -3.16
CA ILE C 98 -11.92 12.38 -3.85
C ILE C 98 -12.87 11.20 -3.52
N ARG C 99 -12.32 10.10 -2.98
CA ARG C 99 -13.15 9.05 -2.36
C ARG C 99 -13.85 9.54 -1.10
N SER C 100 -13.13 10.29 -0.25
CA SER C 100 -13.71 10.89 0.96
C SER C 100 -14.71 12.01 0.64
N GLN C 101 -14.57 12.61 -0.54
CA GLN C 101 -15.52 13.61 -1.05
C GLN C 101 -16.73 13.04 -1.80
N GLY C 102 -16.77 11.71 -2.02
CA GLY C 102 -17.97 11.01 -2.54
C GLY C 102 -17.80 10.19 -3.81
N PHE C 103 -16.73 10.44 -4.55
CA PHE C 103 -16.56 9.88 -5.89
C PHE C 103 -15.93 8.49 -5.83
N PHE C 104 -16.54 7.53 -6.52
CA PHE C 104 -16.14 6.12 -6.45
C PHE C 104 -15.53 5.53 -7.73
N ASN C 105 -15.93 6.04 -8.89
CA ASN C 105 -15.49 5.51 -10.20
C ASN C 105 -14.17 6.17 -10.60
N ILE C 106 -13.09 5.76 -9.93
CA ILE C 106 -11.77 6.41 -10.07
C ILE C 106 -10.78 5.50 -10.78
N ARG C 107 -10.02 6.08 -11.70
CA ARG C 107 -8.91 5.41 -12.38
C ARG C 107 -7.64 6.20 -12.07
N VAL C 108 -6.64 5.54 -11.50
CA VAL C 108 -5.33 6.18 -11.28
C VAL C 108 -4.62 6.23 -12.62
N LEU C 109 -4.09 7.40 -12.97
CA LEU C 109 -3.48 7.63 -14.27
C LEU C 109 -2.05 7.06 -14.24
N LYS C 110 -1.77 6.14 -15.16
CA LYS C 110 -0.46 5.49 -15.25
C LYS C 110 0.45 6.33 -16.13
N ASP C 111 1.71 5.91 -16.29
CA ASP C 111 2.68 6.60 -17.17
C ASP C 111 2.21 6.61 -18.62
N GLU C 112 1.76 5.45 -19.10
CA GLU C 112 1.10 5.30 -20.40
C GLU C 112 -0.26 4.66 -20.17
N ASN C 113 -1.29 5.15 -20.86
CA ASN C 113 -2.65 4.62 -20.73
C ASN C 113 -3.23 4.36 -22.12
N HIS C 114 -3.24 3.08 -22.51
CA HIS C 114 -3.58 2.69 -23.88
C HIS C 114 -5.04 2.32 -24.04
N PHE C 115 -5.65 2.82 -25.11
CA PHE C 115 -6.96 2.33 -25.57
C PHE C 115 -6.75 1.48 -26.81
N VAL C 116 -7.66 0.54 -27.05
CA VAL C 116 -7.55 -0.40 -28.16
C VAL C 116 -7.75 0.26 -29.53
N ASP C 117 -8.62 1.27 -29.61
CA ASP C 117 -8.87 1.99 -30.87
C ASP C 117 -7.74 2.93 -31.29
N GLY C 118 -6.74 3.12 -30.43
CA GLY C 118 -5.51 3.84 -30.79
C GLY C 118 -5.15 5.03 -29.92
N LEU C 119 -6.08 5.49 -29.10
CA LEU C 119 -5.84 6.59 -28.18
C LEU C 119 -4.84 6.15 -27.11
N THR C 120 -3.81 6.97 -26.90
CA THR C 120 -2.87 6.78 -25.79
C THR C 120 -2.75 8.10 -25.01
N ILE C 121 -2.95 8.03 -23.69
CA ILE C 121 -2.76 9.16 -22.79
C ILE C 121 -1.50 8.93 -21.94
N TYR C 122 -0.51 9.80 -22.12
CA TYR C 122 0.72 9.77 -21.31
C TYR C 122 0.60 10.80 -20.19
N LYS C 123 1.09 10.42 -19.01
CA LYS C 123 1.15 11.30 -17.84
C LYS C 123 2.60 11.69 -17.64
N THR C 124 2.87 12.99 -17.60
CA THR C 124 4.23 13.54 -17.61
C THR C 124 4.60 14.20 -16.29
N ASP C 125 5.89 14.47 -16.12
CA ASP C 125 6.42 15.12 -14.92
C ASP C 125 6.36 16.64 -15.00
N GLY C 126 6.47 17.27 -13.84
CA GLY C 126 6.55 18.72 -13.74
C GLY C 126 6.99 19.11 -12.34
N GLN C 127 7.20 20.41 -12.15
CA GLN C 127 7.56 20.98 -10.85
C GLN C 127 6.78 22.27 -10.61
N HIS C 128 5.89 22.21 -9.63
CA HIS C 128 4.94 23.27 -9.32
C HIS C 128 5.60 24.25 -8.32
N GLY C 129 6.59 24.99 -8.78
CA GLY C 129 7.42 25.85 -7.93
C GLY C 129 8.88 25.79 -8.33
N SER C 130 9.68 26.73 -7.85
CA SER C 130 11.12 26.75 -8.12
C SER C 130 11.86 25.67 -7.32
N ASN C 131 13.13 25.50 -7.65
CA ASN C 131 14.00 24.55 -6.93
C ASN C 131 14.09 24.83 -5.43
N GLU C 132 14.12 26.11 -5.06
CA GLU C 132 14.29 26.52 -3.67
C GLU C 132 13.04 26.27 -2.82
N LEU C 133 11.85 26.35 -3.42
CA LEU C 133 10.59 26.02 -2.74
C LEU C 133 10.61 24.61 -2.17
N TYR C 134 11.00 23.64 -3.01
CA TYR C 134 11.02 22.22 -2.62
C TYR C 134 12.15 21.82 -1.67
N ALA C 135 13.05 22.76 -1.34
CA ALA C 135 14.01 22.59 -0.23
C ALA C 135 13.35 22.71 1.16
N ASP C 136 12.27 23.47 1.26
CA ASP C 136 11.48 23.53 2.50
C ASP C 136 10.36 22.50 2.45
N ALA C 137 10.26 21.70 3.51
CA ALA C 137 9.23 20.66 3.65
C ALA C 137 7.81 21.22 3.80
N GLN C 138 7.70 22.48 4.24
CA GLN C 138 6.41 23.17 4.30
C GLN C 138 5.75 23.19 2.93
N LEU C 139 6.39 23.86 1.98
CA LEU C 139 5.77 24.18 0.68
C LEU C 139 5.87 23.05 -0.34
N GLY C 140 6.76 22.08 -0.12
CA GLY C 140 6.84 20.87 -0.92
C GLY C 140 5.53 20.10 -0.93
N ASP C 141 4.90 19.96 0.24
CA ASP C 141 3.62 19.23 0.38
C ASP C 141 2.44 19.97 -0.21
N LEU C 142 2.36 21.28 0.03
CA LEU C 142 1.18 22.09 -0.32
C LEU C 142 1.06 22.29 -1.81
N LEU C 143 2.15 22.66 -2.46
CA LEU C 143 2.19 22.81 -3.92
C LEU C 143 2.26 21.43 -4.60
N GLY C 144 3.07 20.53 -4.03
CA GLY C 144 3.00 19.10 -4.34
C GLY C 144 3.32 18.70 -5.77
N ASP C 145 2.73 17.59 -6.19
CA ASP C 145 2.82 17.12 -7.58
C ASP C 145 1.62 17.59 -8.40
N ALA C 146 1.90 18.10 -9.59
CA ALA C 146 0.86 18.49 -10.57
C ALA C 146 1.28 18.00 -11.94
N CYS C 147 0.70 16.89 -12.40
CA CYS C 147 1.08 16.26 -13.66
C CYS C 147 0.62 17.03 -14.89
N GLY C 148 1.28 16.74 -16.01
CA GLY C 148 0.87 17.17 -17.35
C GLY C 148 0.36 15.97 -18.13
N LEU C 149 -0.37 16.24 -19.21
CA LEU C 149 -1.05 15.20 -19.99
C LEU C 149 -0.73 15.35 -21.46
N VAL C 150 -0.35 14.25 -22.10
CA VAL C 150 -0.07 14.23 -23.54
C VAL C 150 -1.02 13.23 -24.18
N PHE C 151 -1.70 13.65 -25.25
CA PHE C 151 -2.68 12.82 -25.94
C PHE C 151 -2.16 12.46 -27.32
N THR C 152 -2.31 11.20 -27.69
CA THR C 152 -1.73 10.63 -28.90
C THR C 152 -2.76 9.73 -29.57
N HIS C 153 -2.91 9.92 -30.88
CA HIS C 153 -3.79 9.10 -31.71
C HIS C 153 -3.39 9.28 -33.17
N HIS C 154 -3.59 8.24 -33.97
CA HIS C 154 -3.04 8.22 -35.34
C HIS C 154 -3.65 9.24 -36.30
N ASP C 155 -4.97 9.38 -36.29
CA ASP C 155 -5.66 10.36 -37.14
C ASP C 155 -5.82 11.79 -36.56
N GLU C 156 -5.49 11.98 -35.27
CA GLU C 156 -5.49 13.30 -34.63
C GLU C 156 -4.05 13.80 -34.45
N LYS C 157 -3.90 15.11 -34.25
CA LYS C 157 -2.61 15.69 -33.90
C LYS C 157 -2.29 15.45 -32.41
N THR C 158 -1.05 15.72 -32.02
CA THR C 158 -0.63 15.54 -30.62
C THR C 158 -0.86 16.82 -29.83
N ILE C 159 -1.44 16.69 -28.64
CA ILE C 159 -1.68 17.84 -27.75
C ILE C 159 -1.08 17.61 -26.36
N TYR C 160 -0.08 18.43 -26.00
CA TYR C 160 0.53 18.41 -24.68
C TYR C 160 -0.12 19.48 -23.81
N ILE C 161 -0.66 19.06 -22.67
CA ILE C 161 -1.20 19.96 -21.66
C ILE C 161 -0.21 19.88 -20.49
N ALA C 162 0.58 20.94 -20.34
CA ALA C 162 1.75 20.92 -19.45
C ALA C 162 1.36 20.92 -17.97
N GLY C 163 0.42 21.79 -17.60
CA GLY C 163 -0.10 21.87 -16.23
C GLY C 163 0.64 22.89 -15.38
N ASP C 164 0.39 22.86 -14.07
CA ASP C 164 1.07 23.77 -13.14
C ASP C 164 2.51 23.31 -12.92
N THR C 165 3.38 23.71 -13.84
CA THR C 165 4.82 23.44 -13.76
C THR C 165 5.59 24.66 -14.22
N VAL C 166 6.74 24.90 -13.61
CA VAL C 166 7.70 25.89 -14.13
C VAL C 166 8.60 25.19 -15.14
N TRP C 167 9.48 25.95 -15.77
CA TRP C 167 10.48 25.38 -16.67
C TRP C 167 11.48 24.50 -15.91
N VAL C 168 11.34 23.18 -16.06
CA VAL C 168 12.29 22.20 -15.52
C VAL C 168 12.70 21.25 -16.65
N LYS C 169 13.69 20.41 -16.41
CA LYS C 169 14.17 19.49 -17.44
C LYS C 169 13.12 18.46 -17.88
N PRO C 170 12.37 17.85 -16.93
CA PRO C 170 11.27 16.96 -17.35
C PRO C 170 10.28 17.57 -18.36
N TYR C 171 10.13 18.89 -18.36
CA TYR C 171 9.31 19.59 -19.36
C TYR C 171 9.97 19.54 -20.74
N VAL C 172 11.25 19.94 -20.83
CA VAL C 172 11.91 20.06 -22.14
C VAL C 172 12.03 18.72 -22.87
N LYS C 173 12.37 17.65 -22.15
CA LYS C 173 12.48 16.33 -22.78
C LYS C 173 11.12 15.66 -23.01
N SER C 174 10.05 16.24 -22.46
CA SER C 174 8.68 15.90 -22.87
C SER C 174 8.36 16.49 -24.25
N LEU C 175 8.82 17.71 -24.51
CA LEU C 175 8.69 18.32 -25.85
C LEU C 175 9.48 17.54 -26.90
N GLN C 176 10.65 17.03 -26.50
CA GLN C 176 11.50 16.24 -27.39
C GLN C 176 10.98 14.82 -27.62
N ARG C 177 10.45 14.20 -26.57
CA ARG C 177 9.98 12.81 -26.64
C ARG C 177 8.70 12.65 -27.47
N PHE C 178 7.84 13.68 -27.46
CA PHE C 178 6.56 13.64 -28.18
C PHE C 178 6.48 14.56 -29.40
N LYS C 179 7.18 15.70 -29.39
CA LYS C 179 7.06 16.74 -30.44
C LYS C 179 5.59 17.08 -30.74
N PRO C 180 4.88 17.64 -29.75
CA PRO C 180 3.45 17.91 -29.91
C PRO C 180 3.17 19.09 -30.82
N GLU C 181 2.17 18.97 -31.69
CA GLU C 181 1.78 20.07 -32.59
C GLU C 181 1.16 21.23 -31.82
N ILE C 182 0.31 20.90 -30.83
CA ILE C 182 -0.29 21.89 -29.93
C ILE C 182 0.29 21.72 -28.51
N VAL C 183 0.65 22.83 -27.88
CA VAL C 183 1.18 22.84 -26.51
C VAL C 183 0.37 23.82 -25.66
N VAL C 184 -0.41 23.29 -24.72
CA VAL C 184 -1.18 24.13 -23.79
C VAL C 184 -0.33 24.43 -22.55
N LEU C 185 -0.04 25.70 -22.33
CA LEU C 185 0.69 26.14 -21.14
C LEU C 185 -0.20 26.93 -20.20
N ASN C 186 -0.09 26.63 -18.91
CA ASN C 186 -0.71 27.42 -17.85
C ASN C 186 0.22 28.60 -17.52
N THR C 187 0.05 29.69 -18.27
CA THR C 187 0.87 30.90 -18.15
C THR C 187 0.15 32.00 -17.37
N GLY C 188 -0.29 31.68 -16.16
CA GLY C 188 -0.87 32.68 -15.26
C GLY C 188 0.17 33.60 -14.64
N TYR C 189 1.39 33.09 -14.50
CA TYR C 189 2.45 33.74 -13.72
C TYR C 189 1.98 33.99 -12.28
N ALA C 190 1.49 32.93 -11.66
CA ALA C 190 1.13 32.94 -10.24
C ALA C 190 2.41 33.04 -9.42
N VAL C 191 2.41 33.94 -8.44
CA VAL C 191 3.62 34.27 -7.67
C VAL C 191 3.44 33.96 -6.19
N ASN C 192 4.30 33.08 -5.67
CA ASN C 192 4.47 32.88 -4.23
C ASN C 192 5.40 33.97 -3.70
N ASP C 193 5.15 34.42 -2.48
CA ASP C 193 5.99 35.43 -1.84
C ASP C 193 7.28 34.77 -1.37
N LEU C 194 8.42 35.33 -1.80
CA LEU C 194 9.78 34.93 -1.36
C LEU C 194 10.45 33.80 -2.18
N TYR C 195 9.67 32.84 -2.70
CA TYR C 195 10.23 31.74 -3.54
C TYR C 195 9.98 31.87 -5.05
N GLY C 196 9.51 33.03 -5.51
CA GLY C 196 9.33 33.28 -6.94
C GLY C 196 8.07 32.62 -7.51
N PRO C 197 7.92 32.67 -8.85
CA PRO C 197 6.75 32.08 -9.54
C PRO C 197 6.54 30.58 -9.29
N ILE C 198 5.26 30.18 -9.28
CA ILE C 198 4.87 28.78 -9.02
C ILE C 198 4.33 28.03 -10.24
N ILE C 199 3.94 28.78 -11.29
CA ILE C 199 3.67 28.23 -12.62
C ILE C 199 4.36 29.11 -13.67
N MET C 200 4.22 28.75 -14.95
CA MET C 200 4.91 29.45 -16.04
C MET C 200 4.32 30.83 -16.33
N GLY C 201 5.00 31.59 -17.18
CA GLY C 201 4.59 32.96 -17.54
C GLY C 201 4.90 33.31 -19.00
N LYS C 202 5.23 34.57 -19.25
CA LYS C 202 5.43 35.07 -20.62
C LYS C 202 6.73 34.55 -21.25
N GLU C 203 7.86 34.69 -20.55
CA GLU C 203 9.18 34.33 -21.09
C GLU C 203 9.23 32.85 -21.51
N ASP C 204 8.41 32.02 -20.88
CA ASP C 204 8.31 30.59 -21.21
C ASP C 204 7.68 30.31 -22.58
N THR C 205 6.77 31.17 -23.04
CA THR C 205 6.17 31.01 -24.38
C THR C 205 7.23 31.11 -25.49
N LEU C 206 8.20 31.99 -25.33
CA LEU C 206 9.27 32.20 -26.30
C LEU C 206 10.19 30.99 -26.36
N ARG C 207 10.71 30.60 -25.20
CA ARG C 207 11.73 29.54 -25.12
C ARG C 207 11.24 28.13 -25.45
N THR C 208 9.93 27.89 -25.45
CA THR C 208 9.37 26.66 -26.00
C THR C 208 9.53 26.58 -27.51
N LEU C 209 9.42 27.73 -28.19
CA LEU C 209 9.51 27.80 -29.65
C LEU C 209 10.96 27.83 -30.15
N LYS C 210 11.90 28.26 -29.31
CA LYS C 210 13.33 28.00 -29.53
C LYS C 210 13.63 26.50 -29.41
N MET C 211 12.85 25.80 -28.59
CA MET C 211 12.94 24.34 -28.42
C MET C 211 12.23 23.59 -29.56
N LEU C 212 11.00 24.00 -29.87
CA LEU C 212 10.13 23.29 -30.80
C LEU C 212 9.35 24.30 -31.67
N PRO C 213 10.03 24.93 -32.66
CA PRO C 213 9.42 26.01 -33.46
C PRO C 213 8.21 25.63 -34.32
N THR C 214 8.00 24.33 -34.57
CA THR C 214 6.87 23.86 -35.37
C THR C 214 5.52 23.99 -34.64
N ALA C 215 5.54 23.98 -33.31
CA ALA C 215 4.31 23.95 -32.51
C ALA C 215 3.67 25.34 -32.37
N THR C 216 2.34 25.33 -32.22
CA THR C 216 1.58 26.51 -31.81
C THR C 216 1.20 26.33 -30.34
N ILE C 217 1.23 27.40 -29.56
CA ILE C 217 0.97 27.31 -28.12
C ILE C 217 -0.34 28.01 -27.72
N VAL C 218 -1.00 27.46 -26.70
CA VAL C 218 -2.27 27.98 -26.19
C VAL C 218 -2.07 28.40 -24.74
N ALA C 219 -2.11 29.71 -24.49
CA ALA C 219 -1.99 30.27 -23.15
C ALA C 219 -3.28 30.07 -22.37
N SER C 220 -3.15 29.57 -21.13
CA SER C 220 -4.28 29.24 -20.26
C SER C 220 -3.96 29.60 -18.81
N HIS C 221 -4.91 29.33 -17.91
CA HIS C 221 -4.72 29.55 -16.46
C HIS C 221 -4.51 31.05 -16.15
N MET C 222 -5.26 31.92 -16.85
CA MET C 222 -5.08 33.38 -16.76
C MET C 222 -6.36 34.11 -16.35
N GLU C 223 -6.17 35.29 -15.74
CA GLU C 223 -7.26 36.24 -15.43
C GLU C 223 -8.49 35.62 -14.75
N SER C 224 -8.27 34.67 -13.85
CA SER C 224 -9.36 34.11 -13.03
C SER C 224 -9.00 33.63 -11.62
N ILE C 225 -7.74 33.76 -11.20
CA ILE C 225 -7.34 33.52 -9.81
C ILE C 225 -6.58 34.75 -9.32
N ASN C 226 -6.76 35.07 -8.04
CA ASN C 226 -6.22 36.29 -7.42
C ASN C 226 -4.74 36.56 -7.72
N HIS C 227 -3.91 35.52 -7.60
CA HIS C 227 -2.45 35.68 -7.60
C HIS C 227 -1.76 35.42 -8.95
N CYS C 228 -2.53 35.23 -10.02
CA CYS C 228 -1.98 35.14 -11.38
C CYS C 228 -1.84 36.55 -11.95
N LEU C 229 -0.61 37.06 -11.96
CA LEU C 229 -0.33 38.47 -12.31
C LEU C 229 -0.34 38.78 -13.81
N LEU C 230 -0.19 37.75 -14.66
CA LEU C 230 -0.05 37.96 -16.10
C LEU C 230 -1.43 38.17 -16.73
N THR C 231 -1.56 39.23 -17.53
CA THR C 231 -2.80 39.52 -18.25
C THR C 231 -2.70 39.05 -19.69
N ARG C 232 -3.85 38.73 -20.29
CA ARG C 232 -3.93 38.35 -21.71
C ARG C 232 -3.28 39.41 -22.61
N ALA C 233 -3.59 40.68 -22.34
CA ALA C 233 -3.05 41.79 -23.12
C ALA C 233 -1.52 41.91 -23.01
N GLU C 234 -0.98 41.63 -21.83
CA GLU C 234 0.48 41.68 -21.61
C GLU C 234 1.20 40.59 -22.40
N LEU C 235 0.64 39.39 -22.40
CA LEU C 235 1.19 38.27 -23.17
C LEU C 235 1.03 38.47 -24.68
N ARG C 236 -0.04 39.15 -25.10
CA ARG C 236 -0.25 39.44 -26.52
C ARG C 236 0.79 40.43 -27.06
N GLU C 237 1.14 41.46 -26.30
CA GLU C 237 2.20 42.40 -26.72
C GLU C 237 3.60 41.76 -26.67
N PHE C 238 3.79 40.80 -25.76
CA PHE C 238 5.02 40.01 -25.71
C PHE C 238 5.24 39.25 -27.02
N SER C 239 4.16 38.67 -27.54
CA SER C 239 4.20 37.95 -28.83
C SER C 239 4.43 38.89 -30.02
N LEU C 240 3.70 40.00 -30.06
CA LEU C 240 3.86 41.01 -31.13
C LEU C 240 5.28 41.61 -31.17
N GLU C 241 5.90 41.74 -29.99
CA GLU C 241 7.28 42.21 -29.88
C GLU C 241 8.27 41.22 -30.49
N HIS C 242 8.08 39.93 -30.18
CA HIS C 242 8.98 38.86 -30.64
C HIS C 242 8.58 38.24 -32.01
N GLY C 243 7.60 38.83 -32.69
CA GLY C 243 7.17 38.36 -34.03
C GLY C 243 6.50 36.99 -34.04
N ILE C 244 5.95 36.59 -32.90
CA ILE C 244 5.43 35.23 -32.68
C ILE C 244 3.88 35.20 -32.52
N GLU C 245 3.23 36.37 -32.60
CA GLU C 245 1.75 36.47 -32.50
C GLU C 245 0.94 35.39 -33.25
N ASP C 246 1.44 34.97 -34.41
CA ASP C 246 0.79 33.93 -35.21
C ASP C 246 0.69 32.58 -34.48
N LYS C 247 1.71 32.25 -33.69
CA LYS C 247 1.84 30.94 -33.03
C LYS C 247 1.26 30.86 -31.62
N ILE C 248 0.96 32.01 -31.00
CA ILE C 248 0.44 32.05 -29.63
C ILE C 248 -1.04 32.47 -29.63
N LEU C 249 -1.90 31.54 -29.23
CA LEU C 249 -3.35 31.80 -29.12
C LEU C 249 -3.70 32.10 -27.66
N ILE C 250 -4.52 33.13 -27.45
CA ILE C 250 -4.94 33.58 -26.12
C ILE C 250 -6.49 33.51 -26.05
N PRO C 251 -7.06 32.30 -25.93
CA PRO C 251 -8.51 32.18 -26.08
C PRO C 251 -9.31 32.78 -24.92
N ALA C 252 -10.40 33.47 -25.25
CA ALA C 252 -11.30 34.02 -24.23
C ALA C 252 -12.09 32.91 -23.54
N ASP C 253 -12.78 33.25 -22.45
CA ASP C 253 -13.63 32.31 -21.75
C ASP C 253 -14.81 31.93 -22.65
N GLY C 254 -14.95 30.64 -22.93
CA GLY C 254 -15.96 30.13 -23.85
C GLY C 254 -15.45 29.80 -25.26
N GLU C 255 -14.34 30.41 -25.66
CA GLU C 255 -13.82 30.27 -27.02
C GLU C 255 -13.28 28.86 -27.29
N THR C 256 -13.70 28.30 -28.42
CA THR C 256 -13.25 26.98 -28.88
C THR C 256 -12.27 27.11 -30.03
N MET C 257 -11.26 26.24 -30.05
CA MET C 257 -10.33 26.13 -31.17
C MET C 257 -10.43 24.73 -31.75
N ALA C 258 -10.48 24.65 -33.09
CA ALA C 258 -10.43 23.39 -33.81
C ALA C 258 -9.03 23.18 -34.38
N PHE C 259 -8.59 21.91 -34.43
CA PHE C 259 -7.30 21.53 -35.00
C PHE C 259 -7.47 20.28 -35.88
N SER C 260 -7.22 20.43 -37.17
CA SER C 260 -7.47 19.35 -38.15
C SER C 260 -6.35 18.31 -38.15
N ALA C 261 -6.57 17.22 -38.89
CA ALA C 261 -5.63 16.10 -38.96
C ALA C 261 -4.40 16.40 -39.83
N TRP C 262 -3.21 16.19 -39.26
CA TRP C 262 -1.94 16.35 -40.00
C TRP C 262 -0.78 15.68 -39.28
N MET D 1 27.87 -3.59 3.16
CA MET D 1 28.62 -3.14 1.94
C MET D 1 30.03 -2.64 2.28
N LYS D 2 30.76 -2.18 1.27
CA LYS D 2 32.06 -1.54 1.43
C LYS D 2 32.27 -0.55 0.29
N LEU D 3 32.50 0.72 0.63
CA LEU D 3 32.55 1.83 -0.35
C LEU D 3 33.92 2.49 -0.32
N THR D 4 34.52 2.73 -1.50
CA THR D 4 35.86 3.31 -1.62
C THR D 4 35.87 4.54 -2.54
N GLN D 5 36.28 5.69 -2.00
CA GLN D 5 36.49 6.92 -2.78
C GLN D 5 37.84 6.84 -3.48
N ILE D 6 37.85 6.94 -4.80
CA ILE D 6 39.09 6.95 -5.58
C ILE D 6 39.55 8.40 -5.74
N ARG D 7 38.84 9.17 -6.56
CA ARG D 7 39.02 10.63 -6.70
C ARG D 7 37.93 11.20 -7.63
N ASN D 8 37.41 12.38 -7.30
CA ASN D 8 36.23 12.93 -7.96
C ASN D 8 35.04 11.95 -7.76
N ALA D 9 34.27 11.63 -8.81
CA ALA D 9 33.11 10.75 -8.68
C ALA D 9 33.42 9.27 -8.94
N THR D 10 34.66 8.92 -9.30
CA THR D 10 34.99 7.49 -9.48
C THR D 10 34.99 6.80 -8.11
N LEU D 11 34.21 5.73 -7.98
CA LEU D 11 34.01 4.99 -6.75
C LEU D 11 34.06 3.49 -7.03
N VAL D 12 34.54 2.72 -6.07
CA VAL D 12 34.41 1.26 -6.09
C VAL D 12 33.46 0.90 -4.94
N LEU D 13 32.55 -0.03 -5.23
CA LEU D 13 31.48 -0.39 -4.31
C LEU D 13 31.34 -1.91 -4.27
N GLN D 14 31.57 -2.50 -3.09
CA GLN D 14 31.32 -3.91 -2.86
C GLN D 14 29.96 -4.03 -2.18
N TYR D 15 28.94 -4.43 -2.94
CA TYR D 15 27.55 -4.49 -2.47
C TYR D 15 26.95 -5.87 -2.73
N ALA D 16 26.79 -6.66 -1.66
CA ALA D 16 26.20 -8.00 -1.71
C ALA D 16 27.03 -9.00 -2.53
N GLY D 17 28.31 -9.10 -2.20
CA GLY D 17 29.25 -10.00 -2.88
C GLY D 17 29.48 -9.70 -4.35
N LYS D 18 29.35 -8.43 -4.72
CA LYS D 18 29.53 -7.95 -6.11
C LYS D 18 30.29 -6.63 -6.09
N LYS D 19 31.25 -6.48 -7.00
CA LYS D 19 32.07 -5.27 -7.10
C LYS D 19 31.69 -4.43 -8.32
N PHE D 20 31.73 -3.11 -8.17
CA PHE D 20 31.35 -2.16 -9.23
C PHE D 20 32.35 -1.00 -9.33
N LEU D 21 32.52 -0.47 -10.53
CA LEU D 21 33.30 0.75 -10.78
C LEU D 21 32.30 1.79 -11.30
N ILE D 22 32.11 2.86 -10.54
CA ILE D 22 31.17 3.92 -10.92
C ILE D 22 31.98 5.07 -11.48
N ASP D 23 31.49 5.66 -12.59
CA ASP D 23 32.07 6.85 -13.21
C ASP D 23 33.61 6.89 -13.24
N PRO D 24 34.25 5.96 -13.97
CA PRO D 24 35.72 5.88 -13.96
C PRO D 24 36.42 7.04 -14.68
N MET D 25 37.36 7.68 -13.98
CA MET D 25 38.25 8.70 -14.56
C MET D 25 39.68 8.27 -14.18
N LEU D 26 40.41 7.68 -15.13
CA LEU D 26 41.70 7.03 -14.84
C LEU D 26 42.94 7.76 -15.38
N ALA D 27 42.81 9.01 -15.78
CA ALA D 27 43.96 9.79 -16.27
C ALA D 27 44.88 10.18 -15.11
N GLU D 28 46.18 10.24 -15.39
CA GLU D 28 47.19 10.67 -14.42
C GLU D 28 47.15 12.19 -14.24
N LYS D 29 47.86 12.66 -13.20
CA LYS D 29 47.85 14.08 -12.80
C LYS D 29 48.13 15.04 -13.97
N GLU D 30 47.11 15.80 -14.35
CA GLU D 30 47.19 16.85 -15.38
C GLU D 30 47.56 16.34 -16.78
N ALA D 31 47.05 15.17 -17.14
CA ALA D 31 47.39 14.50 -18.40
C ALA D 31 46.29 14.53 -19.48
N TRP D 32 45.48 15.59 -19.49
CA TRP D 32 44.38 15.74 -20.46
C TRP D 32 44.85 16.59 -21.64
N ASP D 33 45.26 15.91 -22.71
CA ASP D 33 45.91 16.53 -23.86
C ASP D 33 44.99 16.86 -25.04
N GLY D 34 43.67 16.97 -24.79
CA GLY D 34 42.72 17.41 -25.81
C GLY D 34 42.97 18.87 -26.18
N PHE D 35 43.19 19.13 -27.46
CA PHE D 35 43.64 20.44 -27.93
C PHE D 35 43.20 20.69 -29.38
N ALA D 36 42.77 21.93 -29.67
CA ALA D 36 42.33 22.32 -31.01
C ALA D 36 42.45 23.84 -31.21
N GLY D 37 43.60 24.39 -30.83
CA GLY D 37 43.86 25.83 -30.87
C GLY D 37 43.29 26.54 -29.65
N SER D 38 44.10 27.41 -29.05
CA SER D 38 43.68 28.26 -27.93
C SER D 38 44.85 29.15 -27.49
N ALA D 39 44.53 30.35 -27.02
CA ALA D 39 45.54 31.33 -26.62
C ALA D 39 46.23 30.93 -25.33
N ARG D 40 45.43 30.70 -24.27
CA ARG D 40 45.95 30.37 -22.94
C ARG D 40 45.33 29.09 -22.37
N PRO D 41 45.67 27.92 -22.95
CA PRO D 41 45.33 26.64 -22.35
C PRO D 41 46.36 26.25 -21.29
N HIS D 42 45.95 25.50 -20.28
CA HIS D 42 46.85 25.06 -19.22
C HIS D 42 46.38 23.73 -18.65
N LEU D 43 47.33 22.79 -18.48
CA LEU D 43 47.02 21.47 -17.92
C LEU D 43 46.79 21.59 -16.42
N ARG D 44 45.54 21.91 -16.06
CA ARG D 44 45.11 22.09 -14.67
C ARG D 44 44.60 20.78 -14.06
N ASN D 45 43.77 20.04 -14.81
CA ASN D 45 43.07 18.85 -14.28
C ASN D 45 43.33 17.59 -15.13
N PRO D 46 43.20 16.38 -14.56
CA PRO D 46 42.84 16.15 -13.15
C PRO D 46 43.94 16.61 -12.19
N MET D 47 43.52 17.25 -11.10
CA MET D 47 44.43 17.95 -10.19
C MET D 47 45.31 17.02 -9.37
N VAL D 48 44.91 15.75 -9.25
CA VAL D 48 45.67 14.75 -8.50
C VAL D 48 45.72 13.41 -9.24
N ALA D 49 46.66 12.57 -8.81
CA ALA D 49 46.78 11.20 -9.33
C ALA D 49 45.80 10.28 -8.62
N LEU D 50 45.66 9.07 -9.15
CA LEU D 50 44.85 8.04 -8.50
C LEU D 50 45.57 7.59 -7.22
N PRO D 51 44.81 7.25 -6.16
CA PRO D 51 45.42 6.81 -4.91
C PRO D 51 46.03 5.41 -4.96
N VAL D 52 45.45 4.54 -5.79
CA VAL D 52 45.88 3.15 -5.96
C VAL D 52 46.12 2.88 -7.45
N PRO D 53 46.80 1.76 -7.78
CA PRO D 53 47.01 1.44 -9.21
C PRO D 53 45.74 1.05 -9.95
N VAL D 54 45.75 1.22 -11.27
CA VAL D 54 44.60 0.89 -12.12
C VAL D 54 44.35 -0.64 -12.15
N GLU D 55 45.40 -1.43 -11.95
CA GLU D 55 45.29 -2.90 -11.86
C GLU D 55 44.29 -3.34 -10.79
N ASP D 56 44.43 -2.80 -9.58
CA ASP D 56 43.48 -3.07 -8.49
C ASP D 56 42.09 -2.49 -8.74
N LEU D 57 42.04 -1.37 -9.48
CA LEU D 57 40.80 -0.68 -9.81
C LEU D 57 39.91 -1.46 -10.80
N LEU D 58 40.53 -2.29 -11.64
CA LEU D 58 39.82 -3.04 -12.69
C LEU D 58 39.29 -4.42 -12.25
N ALA D 59 39.59 -4.86 -11.02
CA ALA D 59 39.11 -6.15 -10.50
C ALA D 59 37.62 -6.07 -10.11
N VAL D 60 36.78 -5.92 -11.13
CA VAL D 60 35.39 -5.47 -10.98
C VAL D 60 34.46 -6.36 -11.82
N ASP D 61 33.24 -6.60 -11.31
CA ASP D 61 32.23 -7.38 -12.03
C ASP D 61 31.58 -6.59 -13.17
N ALA D 62 31.33 -5.29 -12.94
CA ALA D 62 30.79 -4.42 -13.99
C ALA D 62 31.06 -2.95 -13.73
N VAL D 63 31.19 -2.17 -14.82
CA VAL D 63 31.29 -0.72 -14.73
C VAL D 63 29.88 -0.13 -14.90
N ILE D 64 29.62 0.98 -14.21
CA ILE D 64 28.37 1.74 -14.35
C ILE D 64 28.71 3.18 -14.67
N LEU D 65 28.15 3.71 -15.75
CA LEU D 65 28.34 5.12 -16.15
C LEU D 65 27.04 5.90 -15.97
N THR D 66 27.03 6.83 -15.01
CA THR D 66 25.86 7.69 -14.78
C THR D 66 25.67 8.64 -15.94
N HIS D 67 26.79 9.14 -16.47
CA HIS D 67 26.81 9.90 -17.72
C HIS D 67 28.24 9.96 -18.26
N THR D 68 28.38 10.52 -19.46
CA THR D 68 29.65 10.51 -20.20
C THR D 68 30.28 11.90 -20.36
N HIS D 69 30.19 12.72 -19.31
CA HIS D 69 31.06 13.90 -19.19
C HIS D 69 32.49 13.41 -18.91
N THR D 70 33.47 14.16 -19.39
CA THR D 70 34.89 13.76 -19.34
C THR D 70 35.37 13.29 -17.96
N ASP D 71 34.96 14.01 -16.93
CA ASP D 71 35.31 13.70 -15.54
C ASP D 71 34.68 12.43 -14.94
N HIS D 72 33.73 11.82 -15.66
CA HIS D 72 33.17 10.52 -15.29
C HIS D 72 33.54 9.38 -16.26
N TRP D 73 34.16 9.72 -17.39
CA TRP D 73 34.51 8.76 -18.44
C TRP D 73 35.48 9.45 -19.40
N ASP D 74 36.76 9.47 -19.02
CA ASP D 74 37.80 10.15 -19.82
C ASP D 74 38.38 9.23 -20.89
N GLU D 75 39.25 9.78 -21.74
CA GLU D 75 39.92 9.01 -22.79
C GLU D 75 40.80 7.90 -22.21
N ALA D 76 41.50 8.19 -21.10
CA ALA D 76 42.29 7.20 -20.37
C ALA D 76 41.48 5.97 -19.95
N ALA D 77 40.23 6.18 -19.54
CA ALA D 77 39.33 5.08 -19.19
C ALA D 77 38.92 4.25 -20.42
N GLN D 78 38.65 4.93 -21.53
CA GLN D 78 38.28 4.28 -22.79
C GLN D 78 39.39 3.35 -23.32
N GLN D 79 40.64 3.66 -23.00
CA GLN D 79 41.78 2.80 -23.31
C GLN D 79 41.98 1.69 -22.27
N ALA D 80 42.01 2.08 -21.00
CA ALA D 80 42.45 1.21 -19.90
C ALA D 80 41.55 0.01 -19.61
N VAL D 81 40.24 0.24 -19.54
CA VAL D 81 39.27 -0.83 -19.21
C VAL D 81 39.10 -1.79 -20.40
N PRO D 82 39.06 -3.12 -20.14
CA PRO D 82 38.87 -4.07 -21.26
C PRO D 82 37.59 -3.82 -22.06
N LYS D 83 37.65 -4.05 -23.37
CA LYS D 83 36.50 -3.85 -24.26
C LYS D 83 35.41 -4.91 -24.07
N ASP D 84 35.81 -6.06 -23.51
CA ASP D 84 34.88 -7.12 -23.06
C ASP D 84 34.12 -6.84 -21.75
N MET D 85 34.54 -5.81 -21.01
CA MET D 85 33.94 -5.47 -19.70
C MET D 85 32.47 -5.08 -19.81
N LEU D 86 31.68 -5.51 -18.84
CA LEU D 86 30.24 -5.22 -18.77
C LEU D 86 30.00 -3.78 -18.29
N ILE D 87 29.54 -2.93 -19.21
CA ILE D 87 29.21 -1.53 -18.90
C ILE D 87 27.71 -1.34 -18.77
N TYR D 88 27.29 -0.60 -17.74
CA TYR D 88 25.89 -0.20 -17.55
C TYR D 88 25.75 1.31 -17.80
N THR D 89 25.19 1.69 -18.94
CA THR D 89 24.94 3.10 -19.26
C THR D 89 23.56 3.54 -18.78
N GLN D 90 23.32 4.85 -18.79
CA GLN D 90 22.04 5.42 -18.35
C GLN D 90 20.92 5.29 -19.41
N ASP D 91 21.28 5.37 -20.69
CA ASP D 91 20.29 5.32 -21.77
C ASP D 91 20.91 4.87 -23.12
N GLU D 92 20.08 4.83 -24.16
CA GLU D 92 20.52 4.44 -25.52
C GLU D 92 21.59 5.35 -26.12
N LYS D 93 21.49 6.65 -25.89
CA LYS D 93 22.46 7.64 -26.42
C LYS D 93 23.88 7.36 -25.90
N ASP D 94 24.01 7.20 -24.59
CA ASP D 94 25.30 6.88 -23.96
C ASP D 94 25.79 5.46 -24.32
N ALA D 95 24.84 4.55 -24.56
CA ALA D 95 25.15 3.18 -25.00
C ALA D 95 25.72 3.14 -26.42
N ALA D 96 25.15 3.97 -27.30
CA ALA D 96 25.64 4.11 -28.67
C ALA D 96 27.00 4.80 -28.72
N LEU D 97 27.21 5.78 -27.84
CA LEU D 97 28.48 6.51 -27.75
C LEU D 97 29.60 5.56 -27.36
N ILE D 98 29.40 4.82 -26.27
CA ILE D 98 30.41 3.88 -25.78
C ILE D 98 30.65 2.68 -26.70
N ARG D 99 29.60 2.17 -27.34
CA ARG D 99 29.73 1.09 -28.33
C ARG D 99 30.51 1.56 -29.56
N SER D 100 30.34 2.84 -29.94
CA SER D 100 31.11 3.46 -31.03
C SER D 100 32.58 3.74 -30.67
N GLN D 101 32.93 3.57 -29.39
CA GLN D 101 34.31 3.59 -28.91
C GLN D 101 34.85 2.16 -28.65
N GLY D 102 34.29 1.17 -29.35
CA GLY D 102 34.85 -0.19 -29.39
C GLY D 102 34.37 -1.20 -28.35
N PHE D 103 33.36 -0.83 -27.55
CA PHE D 103 32.87 -1.71 -26.48
C PHE D 103 31.75 -2.63 -26.96
N PHE D 104 31.81 -3.89 -26.51
CA PHE D 104 30.94 -4.95 -27.01
C PHE D 104 29.77 -5.22 -26.07
N ASN D 105 30.10 -5.57 -24.82
CA ASN D 105 29.11 -6.08 -23.85
C ASN D 105 28.54 -4.95 -23.00
N ILE D 106 27.50 -4.30 -23.53
CA ILE D 106 26.89 -3.12 -22.90
C ILE D 106 25.41 -3.40 -22.62
N ARG D 107 24.97 -3.08 -21.40
CA ARG D 107 23.56 -3.09 -21.02
C ARG D 107 23.13 -1.66 -20.71
N VAL D 108 21.87 -1.34 -21.00
CA VAL D 108 21.26 -0.08 -20.57
C VAL D 108 20.35 -0.40 -19.39
N LEU D 109 20.64 0.19 -18.24
CA LEU D 109 19.80 -0.03 -17.05
C LEU D 109 18.63 0.94 -17.12
N LYS D 110 17.42 0.43 -16.93
CA LYS D 110 16.19 1.24 -17.01
C LYS D 110 15.71 1.63 -15.61
N ASP D 111 14.51 2.21 -15.52
CA ASP D 111 13.97 2.71 -14.24
C ASP D 111 14.20 1.76 -13.07
N GLU D 112 13.74 0.52 -13.24
CA GLU D 112 13.98 -0.55 -12.28
C GLU D 112 14.67 -1.71 -12.98
N ASN D 113 15.65 -2.31 -12.30
CA ASN D 113 16.43 -3.43 -12.82
C ASN D 113 16.51 -4.53 -11.76
N HIS D 114 15.54 -5.45 -11.80
CA HIS D 114 15.42 -6.49 -10.79
C HIS D 114 16.25 -7.70 -11.18
N PHE D 115 17.15 -8.10 -10.28
CA PHE D 115 18.05 -9.23 -10.52
C PHE D 115 17.69 -10.36 -9.57
N VAL D 116 17.84 -11.58 -10.06
CA VAL D 116 17.36 -12.80 -9.40
C VAL D 116 18.10 -13.08 -8.09
N ASP D 117 19.31 -12.55 -7.96
CA ASP D 117 20.07 -12.51 -6.70
C ASP D 117 19.27 -12.01 -5.50
N GLY D 118 18.46 -10.98 -5.72
CA GLY D 118 17.83 -10.21 -4.63
C GLY D 118 18.23 -8.73 -4.71
N LEU D 119 19.34 -8.48 -5.40
CA LEU D 119 19.82 -7.13 -5.69
C LEU D 119 18.89 -6.43 -6.70
N THR D 120 18.67 -5.13 -6.49
CA THR D 120 17.91 -4.29 -7.42
C THR D 120 18.67 -2.97 -7.56
N ILE D 121 18.79 -2.48 -8.79
CA ILE D 121 19.34 -1.15 -9.06
C ILE D 121 18.24 -0.31 -9.69
N TYR D 122 18.00 0.87 -9.10
CA TYR D 122 17.05 1.83 -9.63
C TYR D 122 17.81 2.99 -10.24
N LYS D 123 17.46 3.35 -11.48
CA LYS D 123 17.95 4.57 -12.12
C LYS D 123 16.99 5.69 -11.73
N THR D 124 17.53 6.81 -11.26
CA THR D 124 16.74 7.94 -10.77
C THR D 124 17.06 9.20 -11.52
N ASP D 125 16.07 10.09 -11.65
CA ASP D 125 16.20 11.34 -12.41
C ASP D 125 17.05 12.33 -11.63
N GLY D 126 17.64 13.28 -12.36
CA GLY D 126 18.31 14.43 -11.75
C GLY D 126 18.25 15.61 -12.69
N GLN D 127 18.91 16.71 -12.33
CA GLN D 127 19.07 17.84 -13.23
C GLN D 127 20.44 18.46 -13.03
N HIS D 128 21.27 18.43 -14.08
CA HIS D 128 22.69 18.79 -13.99
C HIS D 128 22.88 20.29 -14.26
N GLY D 129 22.21 21.13 -13.47
CA GLY D 129 22.15 22.58 -13.71
C GLY D 129 20.81 23.19 -13.30
N SER D 130 20.79 24.52 -13.21
CA SER D 130 19.60 25.24 -12.76
C SER D 130 18.46 25.17 -13.78
N ASN D 131 17.27 25.59 -13.36
CA ASN D 131 16.11 25.66 -14.26
C ASN D 131 16.33 26.62 -15.45
N GLU D 132 17.12 27.68 -15.23
CA GLU D 132 17.47 28.63 -16.30
C GLU D 132 18.43 28.01 -17.32
N LEU D 133 19.45 27.32 -16.81
CA LEU D 133 20.45 26.62 -17.63
C LEU D 133 19.81 25.82 -18.78
N TYR D 134 18.78 25.04 -18.44
CA TYR D 134 18.06 24.22 -19.42
C TYR D 134 17.05 24.98 -20.29
N ALA D 135 16.82 26.26 -20.00
CA ALA D 135 16.08 27.14 -20.92
C ALA D 135 16.85 27.37 -22.22
N ASP D 136 18.18 27.52 -22.13
CA ASP D 136 19.03 27.60 -23.30
C ASP D 136 19.23 26.18 -23.84
N ALA D 137 18.86 26.00 -25.12
CA ALA D 137 18.88 24.69 -25.78
C ALA D 137 20.27 24.07 -25.80
N GLN D 138 21.26 24.88 -26.20
CA GLN D 138 22.65 24.41 -26.32
C GLN D 138 23.29 24.04 -24.97
N LEU D 139 23.01 24.84 -23.93
CA LEU D 139 23.47 24.49 -22.56
C LEU D 139 22.72 23.27 -22.01
N GLY D 140 21.45 23.13 -22.38
CA GLY D 140 20.65 21.95 -22.04
C GLY D 140 21.21 20.65 -22.58
N ASP D 141 21.72 20.67 -23.81
CA ASP D 141 22.36 19.50 -24.43
C ASP D 141 23.70 19.14 -23.79
N LEU D 142 24.54 20.16 -23.59
CA LEU D 142 25.88 19.98 -23.01
C LEU D 142 25.86 19.33 -21.63
N LEU D 143 25.04 19.87 -20.73
CA LEU D 143 24.89 19.31 -19.39
C LEU D 143 24.06 18.02 -19.45
N GLY D 144 22.93 18.10 -20.15
CA GLY D 144 22.17 16.91 -20.55
C GLY D 144 21.56 16.11 -19.40
N ASP D 145 21.55 14.79 -19.56
CA ASP D 145 21.05 13.86 -18.56
C ASP D 145 22.20 13.26 -17.76
N ALA D 146 21.94 13.00 -16.48
CA ALA D 146 22.87 12.26 -15.63
C ALA D 146 22.06 11.69 -14.47
N CYS D 147 22.13 10.37 -14.31
CA CYS D 147 21.25 9.65 -13.40
C CYS D 147 21.86 9.43 -12.02
N GLY D 148 21.01 8.95 -11.10
CA GLY D 148 21.43 8.47 -9.79
C GLY D 148 21.10 6.99 -9.65
N LEU D 149 21.84 6.29 -8.80
CA LEU D 149 21.71 4.83 -8.62
C LEU D 149 21.31 4.53 -7.18
N VAL D 150 20.24 3.76 -7.00
CA VAL D 150 19.84 3.25 -5.68
C VAL D 150 19.97 1.73 -5.68
N PHE D 151 20.81 1.21 -4.78
CA PHE D 151 21.02 -0.24 -4.62
C PHE D 151 20.25 -0.73 -3.39
N THR D 152 19.48 -1.81 -3.54
CA THR D 152 18.74 -2.40 -2.42
C THR D 152 18.89 -3.93 -2.41
N HIS D 153 19.03 -4.50 -1.21
CA HIS D 153 19.18 -5.95 -1.00
C HIS D 153 18.93 -6.27 0.48
N HIS D 154 18.25 -7.38 0.75
CA HIS D 154 17.75 -7.65 2.12
C HIS D 154 18.84 -7.90 3.17
N ASP D 155 19.99 -8.39 2.73
CA ASP D 155 21.19 -8.54 3.59
C ASP D 155 22.12 -7.32 3.53
N GLU D 156 21.59 -6.16 3.18
CA GLU D 156 22.39 -4.95 3.00
C GLU D 156 21.53 -3.71 3.27
N LYS D 157 22.19 -2.61 3.64
CA LYS D 157 21.50 -1.33 3.79
C LYS D 157 21.34 -0.68 2.42
N THR D 158 20.26 0.07 2.23
CA THR D 158 20.03 0.81 1.00
C THR D 158 21.04 1.95 0.89
N ILE D 159 21.58 2.15 -0.32
CA ILE D 159 22.54 3.23 -0.60
C ILE D 159 22.11 3.96 -1.86
N TYR D 160 22.23 5.29 -1.87
CA TYR D 160 21.77 6.12 -2.98
C TYR D 160 22.90 7.03 -3.47
N ILE D 161 23.48 6.67 -4.62
CA ILE D 161 24.47 7.49 -5.28
C ILE D 161 23.70 8.46 -6.17
N ALA D 162 23.45 9.65 -5.64
CA ALA D 162 22.97 10.76 -6.42
C ALA D 162 24.15 11.21 -7.25
N GLY D 163 23.90 11.47 -8.53
CA GLY D 163 24.97 11.79 -9.46
C GLY D 163 25.22 13.28 -9.48
N ASP D 164 25.47 13.79 -10.68
CA ASP D 164 25.56 15.23 -10.89
C ASP D 164 24.18 15.79 -11.06
N THR D 165 23.57 16.09 -9.91
CA THR D 165 22.30 16.77 -9.87
C THR D 165 22.42 17.94 -8.88
N VAL D 166 21.46 18.86 -8.94
CA VAL D 166 21.30 19.88 -7.91
C VAL D 166 20.00 19.56 -7.18
N TRP D 167 19.64 20.38 -6.19
CA TRP D 167 18.38 20.19 -5.50
C TRP D 167 17.22 20.49 -6.47
N VAL D 168 16.53 19.43 -6.88
CA VAL D 168 15.34 19.52 -7.74
C VAL D 168 14.34 18.50 -7.19
N LYS D 169 13.05 18.71 -7.47
CA LYS D 169 11.97 17.86 -6.90
C LYS D 169 12.19 16.35 -7.00
N PRO D 170 12.66 15.83 -8.17
CA PRO D 170 12.92 14.39 -8.27
C PRO D 170 13.95 13.83 -7.28
N TYR D 171 14.94 14.64 -6.88
CA TYR D 171 15.90 14.21 -5.85
C TYR D 171 15.20 14.04 -4.50
N VAL D 172 14.30 14.98 -4.16
CA VAL D 172 13.53 14.92 -2.91
C VAL D 172 12.67 13.66 -2.90
N LYS D 173 11.95 13.40 -3.99
CA LYS D 173 11.17 12.16 -4.15
C LYS D 173 11.97 10.87 -3.97
N SER D 174 13.19 10.84 -4.49
CA SER D 174 14.09 9.68 -4.35
C SER D 174 14.49 9.40 -2.90
N LEU D 175 14.68 10.45 -2.10
CA LEU D 175 14.96 10.30 -0.67
C LEU D 175 13.75 9.73 0.04
N GLN D 176 12.59 10.34 -0.21
CA GLN D 176 11.33 9.94 0.42
C GLN D 176 10.87 8.52 0.06
N ARG D 177 11.05 8.12 -1.20
CA ARG D 177 10.59 6.80 -1.66
C ARG D 177 11.49 5.68 -1.13
N PHE D 178 12.78 5.75 -1.45
CA PHE D 178 13.71 4.68 -1.13
C PHE D 178 14.22 4.69 0.31
N LYS D 179 14.21 5.87 0.96
CA LYS D 179 14.66 6.03 2.34
C LYS D 179 16.07 5.43 2.54
N PRO D 180 17.09 6.04 1.90
CA PRO D 180 18.44 5.47 2.04
C PRO D 180 19.06 5.74 3.41
N GLU D 181 19.69 4.72 4.00
CA GLU D 181 20.56 4.90 5.16
C GLU D 181 21.79 5.72 4.80
N ILE D 182 22.25 5.61 3.54
CA ILE D 182 23.45 6.31 3.06
C ILE D 182 23.14 7.03 1.75
N VAL D 183 23.51 8.31 1.66
CA VAL D 183 23.31 9.13 0.47
C VAL D 183 24.64 9.76 0.04
N VAL D 184 25.16 9.33 -1.10
CA VAL D 184 26.42 9.86 -1.63
C VAL D 184 26.15 11.03 -2.58
N LEU D 185 26.61 12.23 -2.21
CA LEU D 185 26.37 13.45 -2.98
C LEU D 185 27.63 13.95 -3.70
N ASN D 186 27.42 14.52 -4.88
CA ASN D 186 28.50 15.12 -5.66
C ASN D 186 28.65 16.60 -5.29
N THR D 187 29.38 16.85 -4.20
CA THR D 187 29.47 18.17 -3.57
C THR D 187 30.67 19.02 -4.06
N GLY D 188 30.90 19.06 -5.37
CA GLY D 188 32.03 19.82 -5.92
C GLY D 188 31.78 21.31 -6.01
N TYR D 189 30.50 21.68 -6.13
CA TYR D 189 30.11 23.07 -6.34
C TYR D 189 30.81 23.69 -7.55
N ALA D 190 30.69 23.02 -8.69
CA ALA D 190 31.01 23.63 -9.98
C ALA D 190 29.87 24.55 -10.34
N VAL D 191 30.19 25.62 -11.09
CA VAL D 191 29.23 26.69 -11.36
C VAL D 191 29.37 27.19 -12.80
N ASN D 192 28.23 27.32 -13.48
CA ASN D 192 28.14 28.03 -14.75
C ASN D 192 28.10 29.52 -14.46
N ASP D 193 28.92 30.31 -15.17
CA ASP D 193 29.08 31.74 -14.87
C ASP D 193 27.76 32.52 -14.89
N LEU D 194 26.91 32.24 -15.87
CA LEU D 194 25.66 32.96 -16.02
C LEU D 194 24.53 32.34 -15.16
N TYR D 195 24.46 31.01 -15.14
CA TYR D 195 23.32 30.27 -14.56
C TYR D 195 23.58 29.55 -13.22
N GLY D 196 24.76 29.73 -12.63
CA GLY D 196 24.98 29.32 -11.24
C GLY D 196 25.26 27.84 -11.06
N PRO D 197 25.26 27.35 -9.80
CA PRO D 197 25.62 25.98 -9.45
C PRO D 197 25.16 24.92 -10.43
N ILE D 198 26.09 24.04 -10.82
CA ILE D 198 25.85 22.99 -11.80
C ILE D 198 25.77 21.60 -11.12
N ILE D 199 26.33 21.48 -9.91
CA ILE D 199 26.13 20.33 -9.03
C ILE D 199 26.00 20.82 -7.58
N MET D 200 25.69 19.91 -6.65
CA MET D 200 25.45 20.26 -5.25
C MET D 200 26.68 20.84 -4.52
N GLY D 201 26.41 21.42 -3.34
CA GLY D 201 27.44 21.94 -2.45
C GLY D 201 27.10 21.64 -1.00
N LYS D 202 27.61 22.48 -0.09
CA LYS D 202 27.49 22.22 1.37
C LYS D 202 26.08 22.42 1.92
N GLU D 203 25.35 23.42 1.41
CA GLU D 203 23.95 23.62 1.81
C GLU D 203 23.09 22.38 1.57
N ASP D 204 23.34 21.72 0.45
CA ASP D 204 22.59 20.50 0.07
C ASP D 204 22.80 19.34 1.04
N THR D 205 23.96 19.31 1.68
CA THR D 205 24.26 18.32 2.72
C THR D 205 23.33 18.50 3.93
N LEU D 206 23.16 19.73 4.38
CA LEU D 206 22.27 20.04 5.51
C LEU D 206 20.79 19.88 5.13
N ARG D 207 20.43 20.41 3.96
CA ARG D 207 19.06 20.29 3.43
C ARG D 207 18.62 18.82 3.32
N THR D 208 19.53 17.96 2.84
CA THR D 208 19.27 16.52 2.75
C THR D 208 18.78 15.90 4.06
N LEU D 209 19.45 16.25 5.16
CA LEU D 209 19.11 15.73 6.49
C LEU D 209 17.74 16.20 7.02
N LYS D 210 17.25 17.34 6.54
CA LYS D 210 15.87 17.76 6.83
C LYS D 210 14.89 16.75 6.27
N MET D 211 15.06 16.41 4.99
CA MET D 211 14.17 15.44 4.31
C MET D 211 14.39 14.01 4.78
N LEU D 212 15.56 13.71 5.34
CA LEU D 212 15.84 12.37 5.87
C LEU D 212 16.85 12.41 7.04
N PRO D 213 16.35 12.62 8.28
CA PRO D 213 17.18 12.61 9.51
C PRO D 213 18.06 11.37 9.66
N THR D 214 17.48 10.22 9.32
CA THR D 214 18.14 8.90 9.32
C THR D 214 19.49 8.84 8.61
N ALA D 215 19.61 9.55 7.50
CA ALA D 215 20.73 9.40 6.57
C ALA D 215 22.12 9.64 7.15
N THR D 216 23.12 9.14 6.43
CA THR D 216 24.53 9.36 6.70
C THR D 216 25.14 9.77 5.38
N ILE D 217 25.53 11.05 5.26
CA ILE D 217 25.96 11.61 3.97
C ILE D 217 27.42 11.25 3.70
N VAL D 218 27.74 11.01 2.43
CA VAL D 218 29.11 10.85 1.96
C VAL D 218 29.33 11.90 0.86
N ALA D 219 30.31 12.77 1.08
CA ALA D 219 30.62 13.86 0.14
C ALA D 219 31.75 13.46 -0.81
N SER D 220 31.42 13.29 -2.08
CA SER D 220 32.38 12.93 -3.13
C SER D 220 32.36 14.01 -4.20
N HIS D 221 33.18 13.84 -5.24
CA HIS D 221 33.27 14.77 -6.37
C HIS D 221 33.93 16.10 -5.90
N MET D 222 35.04 15.97 -5.18
CA MET D 222 35.77 17.13 -4.62
C MET D 222 37.27 17.02 -4.78
N GLU D 223 37.94 18.18 -4.85
CA GLU D 223 39.41 18.27 -4.92
C GLU D 223 40.00 17.32 -5.96
N SER D 224 39.63 17.56 -7.21
CA SER D 224 40.00 16.69 -8.35
C SER D 224 39.90 17.40 -9.69
N ILE D 225 38.80 18.11 -9.90
CA ILE D 225 38.63 19.01 -11.05
C ILE D 225 38.75 20.45 -10.53
N ASN D 226 39.47 21.29 -11.28
CA ASN D 226 39.71 22.69 -10.88
C ASN D 226 38.45 23.55 -10.83
N HIS D 227 37.47 23.21 -11.65
CA HIS D 227 36.20 23.95 -11.71
C HIS D 227 35.33 23.70 -10.47
N CYS D 228 35.56 22.61 -9.74
CA CYS D 228 34.89 22.35 -8.47
C CYS D 228 35.45 23.26 -7.37
N LEU D 229 34.68 24.30 -7.04
CA LEU D 229 35.15 25.35 -6.12
C LEU D 229 35.11 24.97 -4.64
N LEU D 230 34.27 24.00 -4.27
CA LEU D 230 34.12 23.60 -2.86
C LEU D 230 35.27 22.68 -2.43
N THR D 231 35.68 22.83 -1.17
CA THR D 231 36.83 22.11 -0.62
C THR D 231 36.42 21.30 0.61
N ARG D 232 37.19 20.25 0.89
CA ARG D 232 36.98 19.40 2.08
C ARG D 232 37.13 20.17 3.40
N ALA D 233 38.01 21.16 3.40
CA ALA D 233 38.19 22.05 4.57
C ALA D 233 36.91 22.83 4.89
N GLU D 234 36.32 23.46 3.88
CA GLU D 234 35.09 24.26 4.07
C GLU D 234 33.89 23.40 4.49
N LEU D 235 33.74 22.22 3.90
CA LEU D 235 32.62 21.32 4.26
C LEU D 235 32.74 20.76 5.67
N ARG D 236 33.97 20.48 6.12
CA ARG D 236 34.20 20.06 7.52
C ARG D 236 33.91 21.21 8.49
N GLU D 237 34.28 22.44 8.13
CA GLU D 237 33.92 23.64 8.91
C GLU D 237 32.39 23.83 8.96
N PHE D 238 31.74 23.71 7.80
CA PHE D 238 30.28 23.80 7.69
C PHE D 238 29.57 22.82 8.62
N SER D 239 30.06 21.57 8.68
CA SER D 239 29.47 20.52 9.51
C SER D 239 29.76 20.73 11.01
N LEU D 240 31.00 21.10 11.33
CA LEU D 240 31.39 21.44 12.72
C LEU D 240 30.54 22.58 13.31
N GLU D 241 30.21 23.57 12.47
CA GLU D 241 29.33 24.68 12.87
C GLU D 241 27.94 24.19 13.29
N HIS D 242 27.34 23.31 12.47
CA HIS D 242 26.00 22.77 12.73
C HIS D 242 25.98 21.54 13.65
N GLY D 243 27.15 21.06 14.05
CA GLY D 243 27.25 19.94 15.01
C GLY D 243 26.83 18.60 14.44
N ILE D 244 27.07 18.42 13.14
CA ILE D 244 26.64 17.21 12.42
C ILE D 244 27.86 16.54 11.78
N GLU D 245 28.91 16.34 12.58
CA GLU D 245 30.20 15.86 12.09
C GLU D 245 30.14 14.37 11.83
N ASP D 246 29.45 13.64 12.72
CA ASP D 246 29.28 12.20 12.60
C ASP D 246 28.39 11.78 11.43
N LYS D 247 27.58 12.71 10.92
CA LYS D 247 26.60 12.40 9.88
C LYS D 247 27.04 12.81 8.47
N ILE D 248 28.10 13.63 8.35
CA ILE D 248 28.72 13.95 7.06
C ILE D 248 30.12 13.32 7.02
N LEU D 249 30.28 12.29 6.18
CA LEU D 249 31.57 11.64 5.98
C LEU D 249 32.25 12.26 4.77
N ILE D 250 33.48 12.76 4.94
CA ILE D 250 34.26 13.34 3.85
C ILE D 250 35.49 12.45 3.59
N PRO D 251 35.37 11.48 2.67
CA PRO D 251 36.44 10.49 2.47
C PRO D 251 37.58 11.02 1.62
N ALA D 252 38.82 10.69 2.00
CA ALA D 252 40.01 11.08 1.25
C ALA D 252 40.22 10.14 0.09
N ASP D 253 41.01 10.57 -0.90
CA ASP D 253 41.33 9.75 -2.06
C ASP D 253 42.04 8.46 -1.66
N GLY D 254 41.38 7.33 -1.89
CA GLY D 254 41.84 6.00 -1.46
C GLY D 254 41.15 5.43 -0.23
N GLU D 255 40.40 6.27 0.49
CA GLU D 255 39.79 5.86 1.78
C GLU D 255 38.58 4.95 1.56
N THR D 256 38.52 3.90 2.38
CA THR D 256 37.44 2.90 2.31
C THR D 256 36.51 3.00 3.53
N MET D 257 35.22 3.18 3.27
CA MET D 257 34.17 3.16 4.28
C MET D 257 33.50 1.79 4.31
N ALA D 258 32.99 1.42 5.48
CA ALA D 258 32.30 0.14 5.68
C ALA D 258 30.97 0.36 6.42
N PHE D 259 29.93 -0.33 5.95
CA PHE D 259 28.58 -0.25 6.54
C PHE D 259 27.95 -1.64 6.46
N SER D 260 27.11 -1.98 7.44
CA SER D 260 26.41 -3.28 7.43
C SER D 260 25.18 -3.30 8.34
N ALA D 261 24.28 -4.24 8.06
CA ALA D 261 23.04 -4.44 8.84
C ALA D 261 22.94 -5.89 9.29
N MET E 1 -36.46 -7.88 13.52
CA MET E 1 -35.63 -8.05 12.30
C MET E 1 -35.99 -9.33 11.54
N LYS E 2 -35.92 -9.25 10.20
CA LYS E 2 -36.25 -10.37 9.31
C LYS E 2 -34.97 -10.93 8.66
N LEU E 3 -34.92 -12.25 8.51
CA LEU E 3 -33.78 -12.95 7.92
C LEU E 3 -34.28 -14.02 6.94
N THR E 4 -33.99 -13.84 5.65
CA THR E 4 -34.45 -14.76 4.61
C THR E 4 -33.29 -15.65 4.11
N GLN E 5 -33.48 -16.97 4.21
CA GLN E 5 -32.57 -17.94 3.60
C GLN E 5 -32.92 -18.05 2.12
N ILE E 6 -31.97 -17.69 1.26
CA ILE E 6 -32.15 -17.76 -0.20
C ILE E 6 -31.62 -19.10 -0.71
N ARG E 7 -30.29 -19.26 -0.72
CA ARG E 7 -29.65 -20.47 -1.27
C ARG E 7 -28.19 -20.54 -0.82
N ASN E 8 -27.78 -21.73 -0.38
CA ASN E 8 -26.42 -21.96 0.16
C ASN E 8 -26.16 -21.03 1.37
N ALA E 9 -25.28 -20.03 1.23
CA ALA E 9 -24.99 -19.05 2.26
C ALA E 9 -25.51 -17.66 1.88
N THR E 10 -26.27 -17.58 0.78
CA THR E 10 -26.88 -16.34 0.34
C THR E 10 -28.10 -16.08 1.22
N LEU E 11 -28.17 -14.88 1.78
CA LEU E 11 -29.29 -14.49 2.66
C LEU E 11 -29.68 -13.03 2.39
N VAL E 12 -30.91 -12.70 2.78
CA VAL E 12 -31.35 -11.30 2.87
C VAL E 12 -31.62 -11.03 4.34
N LEU E 13 -31.20 -9.87 4.81
CA LEU E 13 -31.30 -9.51 6.22
C LEU E 13 -31.83 -8.08 6.35
N GLN E 14 -33.11 -7.96 6.71
CA GLN E 14 -33.71 -6.68 7.06
C GLN E 14 -33.37 -6.44 8.54
N TYR E 15 -32.68 -5.34 8.83
CA TYR E 15 -32.16 -5.08 10.18
C TYR E 15 -32.00 -3.58 10.45
N ALA E 16 -32.86 -3.04 11.31
CA ALA E 16 -32.83 -1.63 11.72
C ALA E 16 -33.07 -0.70 10.54
N GLY E 17 -34.16 -0.95 9.81
CA GLY E 17 -34.55 -0.16 8.65
C GLY E 17 -33.63 -0.27 7.43
N LYS E 18 -32.86 -1.36 7.35
CA LYS E 18 -31.86 -1.54 6.29
C LYS E 18 -31.83 -3.00 5.84
N LYS E 19 -32.00 -3.21 4.53
CA LYS E 19 -31.83 -4.54 3.93
C LYS E 19 -30.37 -4.77 3.53
N PHE E 20 -29.87 -5.97 3.77
CA PHE E 20 -28.51 -6.37 3.38
C PHE E 20 -28.54 -7.70 2.63
N LEU E 21 -27.84 -7.75 1.49
CA LEU E 21 -27.65 -8.98 0.73
C LEU E 21 -26.26 -9.52 1.05
N ILE E 22 -26.20 -10.78 1.48
CA ILE E 22 -24.98 -11.36 2.05
C ILE E 22 -24.57 -12.61 1.26
N ASP E 23 -23.40 -12.53 0.60
CA ASP E 23 -22.83 -13.60 -0.22
C ASP E 23 -23.70 -14.07 -1.39
N PRO E 24 -24.05 -13.14 -2.31
CA PRO E 24 -24.89 -13.50 -3.44
C PRO E 24 -24.19 -14.36 -4.50
N MET E 25 -24.74 -15.55 -4.75
CA MET E 25 -24.38 -16.34 -5.92
C MET E 25 -25.68 -16.74 -6.65
N LEU E 26 -25.91 -16.09 -7.79
CA LEU E 26 -27.22 -16.01 -8.43
C LEU E 26 -27.31 -16.80 -9.73
N ALA E 27 -26.43 -17.80 -9.91
CA ALA E 27 -26.43 -18.62 -11.11
C ALA E 27 -27.60 -19.59 -11.11
N GLU E 28 -28.03 -19.99 -12.31
CA GLU E 28 -29.08 -20.98 -12.48
C GLU E 28 -28.52 -22.37 -12.21
N LYS E 29 -29.42 -23.33 -11.97
CA LYS E 29 -29.06 -24.75 -11.75
C LYS E 29 -27.85 -25.24 -12.56
N GLU E 30 -26.90 -25.89 -11.87
CA GLU E 30 -25.72 -26.52 -12.46
C GLU E 30 -25.13 -25.78 -13.68
N ALA E 31 -24.82 -24.50 -13.46
CA ALA E 31 -24.30 -23.60 -14.50
C ALA E 31 -22.78 -23.33 -14.41
N TRP E 32 -22.12 -23.82 -13.36
CA TRP E 32 -20.66 -23.78 -13.27
C TRP E 32 -20.08 -25.00 -12.54
N ASP E 33 -18.79 -25.24 -12.76
CA ASP E 33 -18.11 -26.48 -12.32
C ASP E 33 -18.25 -26.81 -10.83
N GLY E 34 -18.30 -28.12 -10.55
CA GLY E 34 -18.17 -28.60 -9.18
C GLY E 34 -16.74 -28.45 -8.71
N PHE E 35 -16.56 -28.27 -7.41
CA PHE E 35 -15.23 -28.02 -6.83
C PHE E 35 -14.30 -29.24 -6.96
N ALA E 36 -13.13 -29.02 -7.57
CA ALA E 36 -12.10 -30.04 -7.71
C ALA E 36 -11.20 -30.05 -6.47
N GLY E 37 -10.67 -31.22 -6.14
CA GLY E 37 -9.89 -31.42 -4.92
C GLY E 37 -10.77 -31.39 -3.67
N SER E 38 -11.92 -32.06 -3.76
CA SER E 38 -12.94 -32.05 -2.70
C SER E 38 -13.95 -33.19 -2.90
N ALA E 39 -14.91 -33.32 -1.99
CA ALA E 39 -15.87 -34.43 -1.99
C ALA E 39 -16.81 -34.46 -3.21
N ARG E 40 -16.91 -35.64 -3.83
CA ARG E 40 -17.78 -35.93 -4.99
C ARG E 40 -17.94 -34.82 -6.04
N PRO E 41 -16.91 -34.61 -6.90
CA PRO E 41 -17.03 -33.67 -8.02
C PRO E 41 -17.79 -34.31 -9.20
N HIS E 42 -19.09 -34.56 -9.00
CA HIS E 42 -19.92 -35.27 -9.98
C HIS E 42 -20.94 -34.30 -10.58
N LEU E 43 -21.91 -33.87 -9.77
CA LEU E 43 -22.93 -32.92 -10.21
C LEU E 43 -22.40 -31.51 -10.02
N ARG E 44 -22.85 -30.60 -10.89
CA ARG E 44 -22.32 -29.25 -10.95
C ARG E 44 -23.14 -28.29 -10.07
N ASN E 45 -22.52 -27.16 -9.70
CA ASN E 45 -23.13 -26.19 -8.79
C ASN E 45 -23.78 -25.03 -9.57
N PRO E 46 -24.81 -24.38 -9.02
CA PRO E 46 -25.51 -24.77 -7.79
C PRO E 46 -26.50 -25.92 -8.04
N MET E 47 -26.69 -26.78 -7.04
CA MET E 47 -27.53 -27.98 -7.19
C MET E 47 -29.04 -27.69 -7.26
N VAL E 48 -29.47 -26.51 -6.80
CA VAL E 48 -30.88 -26.08 -6.90
C VAL E 48 -30.97 -24.62 -7.35
N ALA E 49 -32.09 -24.29 -8.02
CA ALA E 49 -32.35 -22.93 -8.49
C ALA E 49 -32.87 -22.06 -7.35
N LEU E 50 -33.01 -20.75 -7.62
CA LEU E 50 -33.46 -19.80 -6.61
C LEU E 50 -34.95 -19.99 -6.28
N PRO E 51 -35.35 -19.65 -5.03
CA PRO E 51 -36.76 -19.70 -4.64
C PRO E 51 -37.61 -18.57 -5.25
N VAL E 52 -36.99 -17.41 -5.48
CA VAL E 52 -37.64 -16.24 -6.06
C VAL E 52 -36.68 -15.58 -7.07
N PRO E 53 -37.21 -14.78 -8.02
CA PRO E 53 -36.36 -14.22 -9.08
C PRO E 53 -35.32 -13.20 -8.57
N VAL E 54 -34.34 -12.92 -9.41
CA VAL E 54 -33.18 -12.08 -9.04
C VAL E 54 -33.59 -10.61 -8.77
N GLU E 55 -34.66 -10.15 -9.42
CA GLU E 55 -35.22 -8.79 -9.22
C GLU E 55 -35.43 -8.43 -7.75
N ASP E 56 -36.02 -9.34 -6.99
CA ASP E 56 -36.31 -9.14 -5.56
C ASP E 56 -35.04 -9.14 -4.71
N LEU E 57 -34.07 -9.97 -5.09
CA LEU E 57 -32.78 -10.05 -4.37
C LEU E 57 -31.97 -8.75 -4.47
N LEU E 58 -32.05 -8.07 -5.61
CA LEU E 58 -31.28 -6.84 -5.85
C LEU E 58 -31.89 -5.58 -5.20
N ALA E 59 -33.17 -5.62 -4.82
CA ALA E 59 -33.82 -4.50 -4.14
C ALA E 59 -33.32 -4.40 -2.70
N VAL E 60 -32.12 -3.84 -2.54
CA VAL E 60 -31.38 -3.87 -1.28
C VAL E 60 -30.52 -2.61 -1.11
N ASP E 61 -30.25 -2.22 0.14
CA ASP E 61 -29.46 -1.01 0.41
C ASP E 61 -27.97 -1.18 0.16
N ALA E 62 -27.46 -2.38 0.42
CA ALA E 62 -26.04 -2.70 0.18
C ALA E 62 -25.82 -4.20 0.09
N VAL E 63 -24.68 -4.57 -0.48
CA VAL E 63 -24.22 -5.97 -0.56
C VAL E 63 -23.05 -6.16 0.41
N ILE E 64 -22.90 -7.37 0.94
CA ILE E 64 -21.82 -7.69 1.88
C ILE E 64 -21.24 -9.08 1.56
N LEU E 65 -19.94 -9.12 1.25
CA LEU E 65 -19.25 -10.34 0.84
C LEU E 65 -18.24 -10.78 1.90
N THR E 66 -18.49 -11.94 2.51
CA THR E 66 -17.58 -12.48 3.55
C THR E 66 -16.24 -12.89 2.93
N HIS E 67 -16.29 -13.51 1.76
CA HIS E 67 -15.10 -13.77 0.94
C HIS E 67 -15.52 -14.05 -0.52
N THR E 68 -14.54 -14.20 -1.42
CA THR E 68 -14.79 -14.32 -2.85
C THR E 68 -14.63 -15.74 -3.41
N HIS E 69 -14.88 -16.75 -2.58
CA HIS E 69 -15.11 -18.10 -3.10
C HIS E 69 -16.34 -18.06 -4.00
N THR E 70 -16.38 -18.93 -5.01
CA THR E 70 -17.41 -18.90 -6.04
C THR E 70 -18.83 -19.16 -5.50
N ASP E 71 -18.93 -19.99 -4.46
CA ASP E 71 -20.23 -20.24 -3.78
C ASP E 71 -20.70 -19.09 -2.85
N HIS E 72 -19.94 -18.00 -2.80
CA HIS E 72 -20.37 -16.76 -2.14
C HIS E 72 -20.32 -15.53 -3.06
N TRP E 73 -19.81 -15.68 -4.28
CA TRP E 73 -19.66 -14.59 -5.25
C TRP E 73 -19.30 -15.17 -6.62
N ASP E 74 -20.34 -15.57 -7.37
CA ASP E 74 -20.17 -16.22 -8.68
C ASP E 74 -20.24 -15.21 -9.83
N GLU E 75 -20.10 -15.70 -11.07
CA GLU E 75 -20.21 -14.87 -12.27
C GLU E 75 -21.59 -14.22 -12.45
N ALA E 76 -22.65 -15.01 -12.29
CA ALA E 76 -24.01 -14.50 -12.43
C ALA E 76 -24.30 -13.33 -11.50
N ALA E 77 -23.79 -13.42 -10.27
CA ALA E 77 -23.83 -12.30 -9.32
C ALA E 77 -23.05 -11.08 -9.82
N GLN E 78 -21.86 -11.29 -10.35
CA GLN E 78 -21.04 -10.20 -10.93
C GLN E 78 -21.72 -9.45 -12.07
N GLN E 79 -22.54 -10.17 -12.85
CA GLN E 79 -23.26 -9.58 -13.98
C GLN E 79 -24.62 -8.97 -13.58
N ALA E 80 -25.24 -9.54 -12.55
CA ALA E 80 -26.60 -9.14 -12.12
C ALA E 80 -26.62 -7.92 -11.21
N VAL E 81 -25.68 -7.84 -10.27
CA VAL E 81 -25.64 -6.73 -9.30
C VAL E 81 -25.18 -5.45 -10.03
N PRO E 82 -25.91 -4.32 -9.84
CA PRO E 82 -25.45 -3.05 -10.43
C PRO E 82 -24.06 -2.65 -9.93
N LYS E 83 -23.33 -1.89 -10.74
CA LYS E 83 -21.96 -1.49 -10.39
C LYS E 83 -21.92 -0.42 -9.29
N ASP E 84 -22.86 0.53 -9.36
CA ASP E 84 -22.99 1.60 -8.36
C ASP E 84 -23.62 1.16 -7.01
N MET E 85 -24.04 -0.09 -6.89
CA MET E 85 -24.46 -0.67 -5.61
C MET E 85 -23.30 -0.67 -4.62
N LEU E 86 -23.60 -0.33 -3.37
CA LEU E 86 -22.60 -0.29 -2.29
C LEU E 86 -22.27 -1.71 -1.84
N ILE E 87 -21.01 -2.12 -2.02
CA ILE E 87 -20.54 -3.45 -1.62
C ILE E 87 -19.55 -3.34 -0.46
N TYR E 88 -19.69 -4.21 0.53
CA TYR E 88 -18.79 -4.29 1.68
C TYR E 88 -17.90 -5.53 1.55
N THR E 89 -16.58 -5.34 1.47
CA THR E 89 -15.62 -6.46 1.44
C THR E 89 -14.92 -6.65 2.78
N GLN E 90 -14.37 -7.84 2.99
CA GLN E 90 -13.61 -8.15 4.20
C GLN E 90 -12.24 -7.46 4.26
N ASP E 91 -11.62 -7.21 3.10
CA ASP E 91 -10.29 -6.58 3.04
C ASP E 91 -9.96 -5.92 1.70
N GLU E 92 -8.78 -5.28 1.65
CA GLU E 92 -8.24 -4.67 0.42
C GLU E 92 -8.02 -5.65 -0.72
N LYS E 93 -7.63 -6.89 -0.40
CA LYS E 93 -7.40 -7.93 -1.42
C LYS E 93 -8.68 -8.20 -2.22
N ASP E 94 -9.77 -8.51 -1.50
CA ASP E 94 -11.07 -8.77 -2.13
C ASP E 94 -11.63 -7.57 -2.86
N ALA E 95 -11.36 -6.37 -2.33
CA ALA E 95 -11.80 -5.13 -2.96
C ALA E 95 -11.21 -4.94 -4.34
N ALA E 96 -9.90 -5.15 -4.46
CA ALA E 96 -9.17 -5.02 -5.74
C ALA E 96 -9.64 -6.01 -6.80
N LEU E 97 -9.93 -7.23 -6.38
CA LEU E 97 -10.50 -8.26 -7.26
C LEU E 97 -11.85 -7.80 -7.82
N ILE E 98 -12.73 -7.40 -6.91
CA ILE E 98 -14.08 -6.94 -7.26
C ILE E 98 -14.07 -5.59 -7.99
N ARG E 99 -13.03 -4.78 -7.77
CA ARG E 99 -12.83 -3.55 -8.55
C ARG E 99 -12.38 -3.83 -9.98
N SER E 100 -11.61 -4.91 -10.18
CA SER E 100 -11.25 -5.38 -11.53
C SER E 100 -12.45 -6.06 -12.24
N GLN E 101 -13.40 -6.58 -11.47
CA GLN E 101 -14.68 -7.09 -11.98
C GLN E 101 -15.74 -6.00 -12.28
N GLY E 102 -15.38 -4.72 -12.13
CA GLY E 102 -16.22 -3.60 -12.61
C GLY E 102 -16.97 -2.77 -11.56
N PHE E 103 -16.79 -3.11 -10.29
CA PHE E 103 -17.54 -2.50 -9.19
C PHE E 103 -16.71 -1.41 -8.53
N PHE E 104 -17.24 -0.19 -8.47
CA PHE E 104 -16.51 0.98 -7.98
C PHE E 104 -16.88 1.41 -6.55
N ASN E 105 -18.15 1.26 -6.19
CA ASN E 105 -18.66 1.74 -4.89
C ASN E 105 -18.39 0.72 -3.79
N ILE E 106 -17.12 0.62 -3.40
CA ILE E 106 -16.66 -0.41 -2.45
C ILE E 106 -16.19 0.26 -1.16
N ARG E 107 -16.59 -0.33 -0.03
CA ARG E 107 -16.12 0.08 1.30
C ARG E 107 -15.59 -1.15 2.03
N VAL E 108 -14.39 -1.04 2.58
CA VAL E 108 -13.75 -2.17 3.28
C VAL E 108 -14.24 -2.19 4.73
N LEU E 109 -14.73 -3.34 5.18
CA LEU E 109 -15.09 -3.52 6.59
C LEU E 109 -13.86 -3.39 7.49
N LYS E 110 -14.02 -2.64 8.58
CA LYS E 110 -13.03 -2.56 9.65
C LYS E 110 -13.51 -3.54 10.72
N ASP E 111 -12.79 -3.59 11.85
CA ASP E 111 -13.21 -4.43 12.99
C ASP E 111 -14.55 -3.97 13.54
N GLU E 112 -14.68 -2.66 13.75
CA GLU E 112 -15.93 -2.02 14.18
C GLU E 112 -16.35 -1.01 13.11
N ASN E 113 -17.65 -1.02 12.78
CA ASN E 113 -18.22 -0.12 11.78
C ASN E 113 -19.49 0.49 12.34
N HIS E 114 -19.35 1.72 12.84
CA HIS E 114 -20.44 2.40 13.54
C HIS E 114 -21.27 3.26 12.60
N PHE E 115 -22.59 3.11 12.70
CA PHE E 115 -23.53 4.07 12.13
C PHE E 115 -24.06 4.91 13.28
N VAL E 116 -24.38 6.18 13.00
CA VAL E 116 -24.85 7.11 14.05
C VAL E 116 -26.26 6.80 14.58
N ASP E 117 -27.05 6.02 13.83
CA ASP E 117 -28.38 5.57 14.28
C ASP E 117 -28.33 4.53 15.40
N GLY E 118 -27.14 3.97 15.67
CA GLY E 118 -26.96 2.99 16.74
C GLY E 118 -26.45 1.65 16.23
N LEU E 119 -26.55 1.43 14.92
CA LEU E 119 -26.11 0.17 14.32
C LEU E 119 -24.59 0.06 14.31
N THR E 120 -24.11 -1.11 14.72
CA THR E 120 -22.70 -1.47 14.62
C THR E 120 -22.59 -2.83 13.92
N ILE E 121 -21.70 -2.92 12.93
CA ILE E 121 -21.33 -4.20 12.31
C ILE E 121 -19.89 -4.50 12.73
N TYR E 122 -19.66 -5.74 13.18
CA TYR E 122 -18.32 -6.17 13.59
C TYR E 122 -17.76 -7.22 12.63
N LYS E 123 -16.53 -7.01 12.18
CA LYS E 123 -15.81 -8.01 11.38
C LYS E 123 -15.02 -8.91 12.32
N THR E 124 -15.31 -10.21 12.27
CA THR E 124 -14.77 -11.20 13.19
C THR E 124 -13.84 -12.18 12.48
N ASP E 125 -13.09 -12.94 13.27
CA ASP E 125 -12.10 -13.88 12.75
C ASP E 125 -12.66 -15.28 12.54
N GLY E 126 -11.90 -16.08 11.80
CA GLY E 126 -12.28 -17.45 11.52
C GLY E 126 -11.14 -18.21 10.89
N GLN E 127 -11.32 -19.52 10.74
CA GLN E 127 -10.37 -20.39 10.06
C GLN E 127 -11.11 -21.30 9.07
N HIS E 128 -11.02 -20.95 7.79
CA HIS E 128 -11.71 -21.67 6.72
C HIS E 128 -10.89 -22.91 6.34
N GLY E 129 -10.86 -23.91 7.22
CA GLY E 129 -9.95 -25.05 7.13
C GLY E 129 -9.30 -25.36 8.48
N SER E 130 -8.90 -26.61 8.67
CA SER E 130 -8.27 -27.05 9.93
C SER E 130 -6.84 -26.51 10.10
N ASN E 131 -6.26 -26.77 11.28
CA ASN E 131 -4.90 -26.32 11.60
C ASN E 131 -3.81 -26.93 10.71
N GLU E 132 -4.05 -28.13 10.19
CA GLU E 132 -3.10 -28.81 9.28
C GLU E 132 -3.13 -28.18 7.89
N LEU E 133 -4.34 -27.87 7.41
CA LEU E 133 -4.54 -27.21 6.11
C LEU E 133 -3.68 -25.95 5.94
N TYR E 134 -3.67 -25.09 6.95
CA TYR E 134 -2.95 -23.81 6.90
C TYR E 134 -1.43 -23.92 7.13
N ALA E 135 -0.92 -25.12 7.38
CA ALA E 135 0.52 -25.41 7.29
C ALA E 135 0.98 -25.60 5.83
N ASP E 136 0.05 -26.03 4.97
CA ASP E 136 0.30 -26.04 3.52
C ASP E 136 0.07 -24.64 2.95
N ALA E 137 1.10 -24.10 2.30
CA ALA E 137 1.05 -22.76 1.70
C ALA E 137 0.24 -22.71 0.40
N GLN E 138 0.01 -23.86 -0.22
CA GLN E 138 -0.89 -23.96 -1.39
C GLN E 138 -2.30 -23.62 -0.95
N LEU E 139 -2.81 -24.42 0.00
CA LEU E 139 -4.22 -24.37 0.41
C LEU E 139 -4.50 -23.27 1.45
N GLY E 140 -3.46 -22.63 1.95
CA GLY E 140 -3.61 -21.40 2.72
C GLY E 140 -4.19 -20.28 1.88
N ASP E 141 -3.63 -20.08 0.68
CA ASP E 141 -4.08 -19.03 -0.25
C ASP E 141 -5.49 -19.24 -0.80
N LEU E 142 -5.83 -20.49 -1.14
CA LEU E 142 -7.07 -20.78 -1.84
C LEU E 142 -8.29 -20.69 -0.92
N LEU E 143 -8.17 -21.30 0.26
CA LEU E 143 -9.19 -21.16 1.31
C LEU E 143 -9.19 -19.73 1.87
N GLY E 144 -8.00 -19.22 2.17
CA GLY E 144 -7.80 -17.81 2.52
C GLY E 144 -8.49 -17.37 3.78
N ASP E 145 -8.84 -16.08 3.84
CA ASP E 145 -9.64 -15.52 4.93
C ASP E 145 -11.12 -15.49 4.54
N ALA E 146 -11.97 -15.94 5.47
CA ALA E 146 -13.42 -15.80 5.37
C ALA E 146 -13.95 -15.22 6.69
N CYS E 147 -14.42 -13.96 6.65
CA CYS E 147 -14.86 -13.26 7.86
C CYS E 147 -16.29 -13.60 8.25
N GLY E 148 -16.68 -13.14 9.44
CA GLY E 148 -18.05 -13.26 9.97
C GLY E 148 -18.57 -11.90 10.38
N LEU E 149 -19.88 -11.69 10.26
CA LEU E 149 -20.54 -10.43 10.60
C LEU E 149 -21.35 -10.56 11.88
N VAL E 150 -21.17 -9.63 12.81
CA VAL E 150 -21.99 -9.51 14.02
C VAL E 150 -22.71 -8.16 13.96
N PHE E 151 -24.04 -8.19 13.94
CA PHE E 151 -24.86 -6.97 13.90
C PHE E 151 -25.39 -6.63 15.29
N THR E 152 -25.39 -5.34 15.62
CA THR E 152 -25.76 -4.83 16.95
C THR E 152 -26.48 -3.48 16.85
N HIS E 153 -27.76 -3.50 17.20
CA HIS E 153 -28.58 -2.28 17.30
C HIS E 153 -29.34 -2.34 18.64
N HIS E 154 -29.72 -1.18 19.17
CA HIS E 154 -30.41 -1.13 20.48
C HIS E 154 -31.86 -1.60 20.42
N ASP E 155 -32.57 -1.25 19.35
CA ASP E 155 -33.95 -1.71 19.12
C ASP E 155 -34.13 -3.18 18.73
N GLU E 156 -33.06 -3.91 18.42
CA GLU E 156 -33.16 -5.31 17.95
C GLU E 156 -32.18 -6.26 18.62
N LYS E 157 -32.42 -7.56 18.45
CA LYS E 157 -31.53 -8.60 18.97
C LYS E 157 -30.19 -8.62 18.23
N THR E 158 -29.18 -9.17 18.90
CA THR E 158 -27.86 -9.38 18.30
C THR E 158 -27.93 -10.61 17.40
N ILE E 159 -27.26 -10.55 16.25
CA ILE E 159 -27.17 -11.69 15.33
C ILE E 159 -25.71 -11.87 14.89
N TYR E 160 -25.23 -13.11 14.95
CA TYR E 160 -23.86 -13.46 14.58
C TYR E 160 -23.88 -14.42 13.40
N ILE E 161 -23.28 -14.00 12.29
CA ILE E 161 -23.13 -14.82 11.08
C ILE E 161 -21.66 -15.23 11.06
N ALA E 162 -21.39 -16.49 11.38
CA ALA E 162 -20.03 -16.97 11.63
C ALA E 162 -19.20 -17.07 10.36
N GLY E 163 -19.82 -17.46 9.25
CA GLY E 163 -19.16 -17.59 7.96
C GLY E 163 -18.59 -18.97 7.73
N ASP E 164 -17.73 -19.08 6.72
CA ASP E 164 -17.00 -20.31 6.44
C ASP E 164 -15.83 -20.41 7.41
N THR E 165 -16.08 -20.98 8.58
CA THR E 165 -15.03 -21.22 9.56
C THR E 165 -15.30 -22.53 10.30
N VAL E 166 -14.24 -23.27 10.60
CA VAL E 166 -14.33 -24.40 11.53
C VAL E 166 -14.26 -23.88 12.96
N TRP E 167 -14.43 -24.77 13.93
CA TRP E 167 -14.31 -24.39 15.34
C TRP E 167 -12.87 -23.96 15.65
N VAL E 168 -12.71 -22.69 16.03
CA VAL E 168 -11.41 -22.18 16.51
C VAL E 168 -11.65 -21.25 17.71
N LYS E 169 -10.58 -20.88 18.39
CA LYS E 169 -10.67 -20.01 19.58
C LYS E 169 -11.32 -18.64 19.30
N PRO E 170 -10.93 -17.96 18.20
CA PRO E 170 -11.61 -16.71 17.85
C PRO E 170 -13.12 -16.79 17.61
N TYR E 171 -13.64 -17.98 17.30
CA TYR E 171 -15.10 -18.20 17.26
C TYR E 171 -15.68 -18.18 18.67
N VAL E 172 -15.04 -18.90 19.58
CA VAL E 172 -15.46 -18.93 20.99
C VAL E 172 -15.40 -17.53 21.63
N LYS E 173 -14.37 -16.77 21.29
CA LYS E 173 -14.27 -15.35 21.68
C LYS E 173 -15.44 -14.48 21.20
N SER E 174 -15.92 -14.72 19.99
CA SER E 174 -17.07 -13.98 19.44
C SER E 174 -18.37 -14.32 20.17
N LEU E 175 -18.55 -15.59 20.54
CA LEU E 175 -19.69 -16.00 21.37
C LEU E 175 -19.65 -15.37 22.75
N GLN E 176 -18.45 -15.23 23.32
CA GLN E 176 -18.28 -14.70 24.68
C GLN E 176 -18.31 -13.18 24.76
N ARG E 177 -17.73 -12.50 23.77
CA ARG E 177 -17.63 -11.04 23.78
C ARG E 177 -18.90 -10.33 23.27
N PHE E 178 -19.72 -11.02 22.47
CA PHE E 178 -20.98 -10.48 21.96
C PHE E 178 -22.24 -11.13 22.53
N LYS E 179 -22.18 -12.45 22.79
CA LYS E 179 -23.34 -13.20 23.30
C LYS E 179 -24.59 -12.98 22.42
N PRO E 180 -24.52 -13.42 21.15
CA PRO E 180 -25.63 -13.22 20.20
C PRO E 180 -26.84 -14.07 20.52
N GLU E 181 -28.04 -13.50 20.34
CA GLU E 181 -29.29 -14.23 20.53
C GLU E 181 -29.49 -15.25 19.40
N ILE E 182 -29.24 -14.80 18.16
CA ILE E 182 -29.33 -15.65 16.98
C ILE E 182 -27.93 -15.89 16.42
N VAL E 183 -27.59 -17.16 16.17
CA VAL E 183 -26.30 -17.53 15.56
C VAL E 183 -26.55 -18.26 14.24
N VAL E 184 -26.09 -17.67 13.14
CA VAL E 184 -26.17 -18.30 11.82
C VAL E 184 -24.86 -19.02 11.50
N LEU E 185 -24.91 -20.34 11.41
CA LEU E 185 -23.74 -21.15 11.07
C LEU E 185 -23.85 -21.72 9.67
N ASN E 186 -22.71 -21.74 8.97
CA ASN E 186 -22.58 -22.45 7.69
C ASN E 186 -22.16 -23.89 7.99
N THR E 187 -23.16 -24.78 8.10
CA THR E 187 -22.96 -26.17 8.49
C THR E 187 -23.16 -27.13 7.31
N GLY E 188 -22.47 -26.87 6.20
CA GLY E 188 -22.49 -27.77 5.06
C GLY E 188 -21.72 -29.06 5.28
N TYR E 189 -20.69 -28.98 6.11
CA TYR E 189 -19.69 -30.05 6.27
C TYR E 189 -19.01 -30.35 4.92
N ALA E 190 -18.56 -29.29 4.26
CA ALA E 190 -17.72 -29.40 3.08
C ALA E 190 -16.38 -30.01 3.48
N VAL E 191 -15.91 -30.99 2.70
CA VAL E 191 -14.76 -31.81 3.08
C VAL E 191 -13.64 -31.66 2.04
N ASN E 192 -12.43 -31.46 2.54
CA ASN E 192 -11.21 -31.56 1.75
C ASN E 192 -10.74 -33.00 1.85
N ASP E 193 -10.24 -33.55 0.74
CA ASP E 193 -9.88 -34.97 0.66
C ASP E 193 -8.65 -35.34 1.50
N LEU E 194 -7.79 -34.36 1.78
CA LEU E 194 -6.56 -34.58 2.54
C LEU E 194 -6.64 -34.10 3.99
N TYR E 195 -7.08 -32.86 4.20
CA TYR E 195 -6.99 -32.17 5.50
C TYR E 195 -8.31 -32.04 6.28
N GLY E 196 -9.26 -32.94 6.06
CA GLY E 196 -10.52 -32.95 6.81
C GLY E 196 -11.49 -31.84 6.41
N PRO E 197 -12.56 -31.63 7.22
CA PRO E 197 -13.58 -30.60 6.96
C PRO E 197 -13.05 -29.15 6.90
N ILE E 198 -13.67 -28.33 6.05
CA ILE E 198 -13.29 -26.91 5.85
C ILE E 198 -14.32 -25.86 6.30
N ILE E 199 -15.49 -26.31 6.75
CA ILE E 199 -16.48 -25.45 7.44
C ILE E 199 -17.13 -26.29 8.55
N MET E 200 -18.11 -25.72 9.26
CA MET E 200 -18.77 -26.41 10.38
C MET E 200 -19.62 -27.61 9.93
N GLY E 201 -20.01 -28.42 10.91
CA GLY E 201 -20.89 -29.56 10.69
C GLY E 201 -22.00 -29.60 11.72
N LYS E 202 -22.61 -30.78 11.87
CA LYS E 202 -23.70 -31.01 12.81
C LYS E 202 -23.25 -30.89 14.26
N GLU E 203 -22.05 -31.42 14.55
CA GLU E 203 -21.49 -31.39 15.90
C GLU E 203 -21.30 -29.96 16.43
N ASP E 204 -20.92 -29.04 15.56
CA ASP E 204 -20.75 -27.60 15.93
C ASP E 204 -22.03 -26.95 16.45
N THR E 205 -23.19 -27.45 16.01
CA THR E 205 -24.48 -27.00 16.53
C THR E 205 -24.63 -27.33 18.03
N LEU E 206 -24.17 -28.51 18.44
CA LEU E 206 -24.24 -28.92 19.84
C LEU E 206 -23.33 -28.07 20.74
N ARG E 207 -22.03 -28.06 20.47
CA ARG E 207 -21.06 -27.39 21.37
C ARG E 207 -21.18 -25.86 21.46
N THR E 208 -21.87 -25.24 20.50
CA THR E 208 -22.28 -23.83 20.63
C THR E 208 -23.29 -23.64 21.78
N LEU E 209 -24.21 -24.59 21.93
CA LEU E 209 -25.20 -24.53 23.02
C LEU E 209 -24.62 -24.90 24.39
N LYS E 210 -23.52 -25.66 24.42
CA LYS E 210 -22.68 -25.78 25.61
C LYS E 210 -22.05 -24.43 26.00
N MET E 211 -21.68 -23.65 24.97
CA MET E 211 -21.08 -22.33 25.15
C MET E 211 -22.15 -21.28 25.48
N LEU E 212 -23.17 -21.19 24.63
CA LEU E 212 -24.21 -20.14 24.71
C LEU E 212 -25.60 -20.80 24.67
N PRO E 213 -26.04 -21.40 25.80
CA PRO E 213 -27.32 -22.13 25.83
C PRO E 213 -28.58 -21.28 25.58
N THR E 214 -28.48 -19.97 25.81
CA THR E 214 -29.56 -19.01 25.53
C THR E 214 -29.91 -18.89 24.04
N ALA E 215 -28.91 -19.12 23.17
CA ALA E 215 -29.02 -18.72 21.76
C ALA E 215 -29.84 -19.69 20.91
N THR E 216 -30.26 -19.19 19.75
CA THR E 216 -30.93 -19.96 18.71
C THR E 216 -29.99 -20.09 17.50
N ILE E 217 -29.86 -21.30 16.96
CA ILE E 217 -28.98 -21.57 15.81
C ILE E 217 -29.78 -21.61 14.50
N VAL E 218 -29.23 -21.01 13.45
CA VAL E 218 -29.79 -21.10 12.09
C VAL E 218 -28.75 -21.79 11.20
N ALA E 219 -29.07 -22.99 10.71
CA ALA E 219 -28.16 -23.74 9.84
C ALA E 219 -28.25 -23.24 8.40
N SER E 220 -27.09 -23.02 7.79
CA SER E 220 -26.97 -22.48 6.44
C SER E 220 -25.91 -23.25 5.66
N HIS E 221 -25.79 -22.97 4.37
CA HIS E 221 -24.72 -23.52 3.51
C HIS E 221 -24.89 -25.03 3.25
N MET E 222 -26.15 -25.49 3.15
CA MET E 222 -26.47 -26.92 2.97
C MET E 222 -27.32 -27.18 1.72
N GLU E 223 -27.11 -28.36 1.12
CA GLU E 223 -27.89 -28.85 -0.04
C GLU E 223 -27.87 -27.89 -1.25
N SER E 224 -26.70 -27.35 -1.54
CA SER E 224 -26.52 -26.38 -2.64
C SER E 224 -25.21 -26.55 -3.40
N ILE E 225 -24.10 -26.77 -2.68
CA ILE E 225 -22.80 -27.06 -3.28
C ILE E 225 -22.53 -28.57 -3.21
N ASN E 226 -21.80 -29.08 -4.21
CA ASN E 226 -21.48 -30.51 -4.32
C ASN E 226 -20.82 -31.12 -3.09
N HIS E 227 -19.76 -30.48 -2.60
CA HIS E 227 -18.92 -31.08 -1.55
C HIS E 227 -19.51 -30.98 -0.14
N CYS E 228 -20.55 -30.17 0.04
CA CYS E 228 -21.27 -30.08 1.31
C CYS E 228 -22.13 -31.34 1.51
N LEU E 229 -21.74 -32.17 2.47
CA LEU E 229 -22.35 -33.49 2.67
C LEU E 229 -23.58 -33.50 3.58
N LEU E 230 -23.59 -32.66 4.61
CA LEU E 230 -24.63 -32.70 5.63
C LEU E 230 -25.99 -32.22 5.12
N THR E 231 -26.97 -33.13 5.09
CA THR E 231 -28.33 -32.82 4.64
C THR E 231 -29.16 -32.21 5.76
N ARG E 232 -30.20 -31.46 5.37
CA ARG E 232 -31.16 -30.87 6.32
C ARG E 232 -31.78 -31.94 7.23
N ALA E 233 -32.16 -33.07 6.63
CA ALA E 233 -32.76 -34.18 7.37
C ALA E 233 -31.79 -34.82 8.35
N GLU E 234 -30.53 -34.99 7.94
CA GLU E 234 -29.49 -35.54 8.82
C GLU E 234 -29.21 -34.64 10.03
N LEU E 235 -29.26 -33.31 9.82
CA LEU E 235 -29.10 -32.34 10.90
C LEU E 235 -30.33 -32.34 11.82
N ARG E 236 -31.52 -32.38 11.23
CA ARG E 236 -32.77 -32.45 11.98
C ARG E 236 -32.85 -33.73 12.80
N GLU E 237 -32.42 -34.85 12.21
CA GLU E 237 -32.23 -36.13 12.90
C GLU E 237 -31.30 -35.95 14.12
N PHE E 238 -30.14 -35.33 13.88
CA PHE E 238 -29.15 -35.05 14.94
C PHE E 238 -29.73 -34.19 16.07
N SER E 239 -30.60 -33.25 15.71
CA SER E 239 -31.23 -32.35 16.68
C SER E 239 -32.19 -33.07 17.64
N LEU E 240 -32.98 -34.01 17.11
CA LEU E 240 -33.91 -34.81 17.91
C LEU E 240 -33.20 -35.81 18.83
N GLU E 241 -32.00 -36.25 18.43
CA GLU E 241 -31.18 -37.17 19.23
C GLU E 241 -30.69 -36.52 20.52
N HIS E 242 -30.08 -35.34 20.39
CA HIS E 242 -29.49 -34.62 21.52
C HIS E 242 -30.48 -33.75 22.31
N GLY E 243 -31.70 -33.60 21.79
CA GLY E 243 -32.74 -32.84 22.49
C GLY E 243 -32.55 -31.33 22.41
N ILE E 244 -32.31 -30.84 21.20
CA ILE E 244 -32.22 -29.40 20.93
C ILE E 244 -33.06 -28.96 19.71
N GLU E 245 -34.00 -29.81 19.29
CA GLU E 245 -34.94 -29.54 18.18
C GLU E 245 -35.57 -28.14 18.14
N ASP E 246 -35.90 -27.60 19.31
CA ASP E 246 -36.56 -26.29 19.41
C ASP E 246 -35.60 -25.10 19.20
N LYS E 247 -34.30 -25.33 19.37
CA LYS E 247 -33.28 -24.27 19.24
C LYS E 247 -32.47 -24.29 17.93
N ILE E 248 -32.53 -25.38 17.16
CA ILE E 248 -31.82 -25.48 15.86
C ILE E 248 -32.82 -25.34 14.71
N LEU E 249 -32.86 -24.16 14.10
CA LEU E 249 -33.75 -23.87 12.97
C LEU E 249 -33.06 -24.20 11.65
N ILE E 250 -33.76 -24.93 10.78
CA ILE E 250 -33.22 -25.37 9.49
C ILE E 250 -34.15 -24.88 8.37
N PRO E 251 -34.01 -23.60 7.98
CA PRO E 251 -34.94 -23.02 7.00
C PRO E 251 -34.73 -23.55 5.58
N ALA E 252 -35.82 -23.67 4.82
CA ALA E 252 -35.75 -24.07 3.41
C ALA E 252 -35.38 -22.87 2.56
N ASP E 253 -35.11 -23.12 1.27
CA ASP E 253 -34.77 -22.05 0.33
C ASP E 253 -35.98 -21.16 0.08
N GLY E 254 -35.83 -19.87 0.38
CA GLY E 254 -36.90 -18.88 0.25
C GLY E 254 -37.61 -18.51 1.54
N GLU E 255 -37.40 -19.28 2.60
CA GLU E 255 -38.15 -19.11 3.85
C GLU E 255 -37.60 -17.95 4.69
N THR E 256 -38.50 -17.07 5.12
CA THR E 256 -38.16 -15.93 5.99
C THR E 256 -38.34 -16.32 7.47
N MET E 257 -37.52 -15.70 8.33
CA MET E 257 -37.55 -15.95 9.77
C MET E 257 -37.56 -14.60 10.49
N ALA E 258 -38.56 -14.37 11.33
CA ALA E 258 -38.71 -13.11 12.06
C ALA E 258 -38.21 -13.24 13.51
N PHE E 259 -37.69 -12.13 14.04
CA PHE E 259 -37.24 -12.05 15.44
C PHE E 259 -37.62 -10.68 16.02
N SER E 260 -38.59 -10.68 16.93
CA SER E 260 -39.12 -9.43 17.52
C SER E 260 -38.22 -8.91 18.64
N ALA E 261 -38.55 -7.70 19.12
CA ALA E 261 -37.88 -7.06 20.27
C ALA E 261 -36.39 -6.81 20.01
N MET F 1 21.36 -5.71 19.85
CA MET F 1 20.38 -6.61 20.53
C MET F 1 21.08 -7.77 21.22
N LYS F 2 20.51 -8.21 22.35
CA LYS F 2 20.94 -9.42 23.04
C LYS F 2 19.71 -10.16 23.58
N LEU F 3 19.79 -11.49 23.56
CA LEU F 3 18.71 -12.36 24.01
C LEU F 3 19.31 -13.52 24.79
N THR F 4 19.03 -13.58 26.09
CA THR F 4 19.58 -14.62 26.96
C THR F 4 18.49 -15.63 27.32
N GLN F 5 18.71 -16.89 26.96
CA GLN F 5 17.85 -18.00 27.38
C GLN F 5 18.16 -18.28 28.86
N ILE F 6 17.14 -18.18 29.72
CA ILE F 6 17.29 -18.41 31.16
C ILE F 6 16.89 -19.84 31.48
N ARG F 7 15.59 -20.13 31.54
CA ARG F 7 15.09 -21.51 31.57
C ARG F 7 13.61 -21.53 31.22
N ASN F 8 13.19 -22.56 30.49
CA ASN F 8 11.83 -22.66 29.95
C ASN F 8 11.54 -21.43 29.05
N ALA F 9 10.35 -20.83 29.16
CA ALA F 9 10.02 -19.61 28.40
C ALA F 9 10.58 -18.32 29.00
N THR F 10 11.15 -18.39 30.20
CA THR F 10 11.80 -17.22 30.81
C THR F 10 13.03 -16.81 30.01
N LEU F 11 13.13 -15.51 29.72
CA LEU F 11 14.30 -14.94 29.05
C LEU F 11 14.36 -13.43 29.25
N VAL F 12 15.56 -12.86 29.14
CA VAL F 12 15.75 -11.41 29.17
C VAL F 12 16.07 -10.91 27.76
N LEU F 13 15.47 -9.78 27.39
CA LEU F 13 15.60 -9.23 26.05
C LEU F 13 16.12 -7.79 26.13
N GLN F 14 17.33 -7.57 25.63
CA GLN F 14 17.89 -6.24 25.49
C GLN F 14 17.57 -5.75 24.08
N TYR F 15 16.81 -4.67 23.98
CA TYR F 15 16.28 -4.19 22.69
C TYR F 15 16.17 -2.66 22.67
N ALA F 16 16.93 -2.04 21.78
CA ALA F 16 16.89 -0.58 21.54
C ALA F 16 17.21 0.21 22.81
N GLY F 17 18.28 -0.20 23.50
CA GLY F 17 18.72 0.45 24.74
C GLY F 17 18.00 0.04 26.00
N LYS F 18 16.84 -0.61 25.88
CA LYS F 18 16.02 -1.03 27.01
C LYS F 18 16.33 -2.48 27.37
N LYS F 19 15.73 -2.95 28.46
CA LYS F 19 15.95 -4.30 28.97
C LYS F 19 14.65 -4.86 29.54
N PHE F 20 14.37 -6.13 29.28
CA PHE F 20 13.09 -6.77 29.61
C PHE F 20 13.29 -8.14 30.27
N LEU F 21 12.23 -8.61 30.94
CA LEU F 21 12.19 -9.95 31.52
C LEU F 21 10.83 -10.54 31.13
N ILE F 22 10.85 -11.60 30.31
CA ILE F 22 9.63 -12.20 29.76
C ILE F 22 9.31 -13.46 30.54
N ASP F 23 8.04 -13.60 30.94
CA ASP F 23 7.51 -14.81 31.58
C ASP F 23 8.40 -15.38 32.70
N PRO F 24 8.52 -14.65 33.83
CA PRO F 24 9.41 -15.10 34.91
C PRO F 24 8.90 -16.34 35.64
N MET F 25 9.77 -17.34 35.75
CA MET F 25 9.53 -18.53 36.55
C MET F 25 10.78 -18.73 37.41
N LEU F 26 10.74 -18.20 38.63
CA LEU F 26 11.94 -18.10 39.48
C LEU F 26 11.92 -19.03 40.70
N ALA F 27 11.31 -20.21 40.54
CA ALA F 27 11.34 -21.24 41.59
C ALA F 27 12.69 -21.94 41.60
N GLU F 28 13.00 -22.58 42.74
CA GLU F 28 14.18 -23.43 42.84
C GLU F 28 13.81 -24.85 42.42
N LYS F 29 14.80 -25.74 42.37
CA LYS F 29 14.60 -27.12 41.90
C LYS F 29 13.65 -27.91 42.81
N GLU F 30 12.59 -28.47 42.21
CA GLU F 30 11.54 -29.22 42.92
C GLU F 30 10.86 -28.40 44.02
N ALA F 31 10.51 -27.15 43.71
CA ALA F 31 9.99 -26.19 44.69
C ALA F 31 8.47 -26.02 44.71
N TRP F 32 7.78 -26.32 43.61
CA TRP F 32 6.33 -26.06 43.51
C TRP F 32 5.51 -26.90 44.49
N ASP F 33 4.93 -26.22 45.48
CA ASP F 33 4.18 -26.84 46.56
C ASP F 33 2.68 -26.80 46.22
N GLY F 34 1.85 -27.31 47.12
CA GLY F 34 0.41 -27.44 46.93
C GLY F 34 0.00 -28.87 47.25
N PHE F 35 -1.17 -29.04 47.84
CA PHE F 35 -1.61 -30.34 48.35
C PHE F 35 -3.13 -30.47 48.38
N GLY F 37 -4.14 -35.22 47.33
CA GLY F 37 -3.16 -35.92 46.50
C GLY F 37 -2.73 -37.23 47.14
N SER F 38 -3.29 -38.34 46.66
CA SER F 38 -2.98 -39.67 47.17
C SER F 38 -1.62 -40.16 46.68
N ALA F 39 -1.41 -40.06 45.36
CA ALA F 39 -0.14 -40.40 44.73
C ALA F 39 0.52 -39.13 44.20
N ARG F 40 1.28 -38.46 45.07
CA ARG F 40 2.05 -37.27 44.70
C ARG F 40 3.48 -37.24 45.26
N PRO F 41 4.22 -38.37 45.16
CA PRO F 41 5.62 -38.36 45.64
C PRO F 41 6.60 -37.67 44.68
N HIS F 42 6.49 -37.94 43.38
CA HIS F 42 7.48 -37.51 42.39
C HIS F 42 7.22 -36.10 41.87
N LEU F 43 7.48 -35.10 42.73
CA LEU F 43 7.37 -33.68 42.37
C LEU F 43 8.71 -33.18 41.84
N ARG F 44 8.86 -33.17 40.51
CA ARG F 44 10.14 -32.90 39.84
C ARG F 44 10.30 -31.48 39.30
N ASN F 45 9.23 -30.89 38.75
CA ASN F 45 9.32 -29.53 38.16
C ASN F 45 9.39 -28.45 39.27
N PRO F 46 10.23 -27.42 39.12
CA PRO F 46 11.16 -27.22 38.00
C PRO F 46 12.33 -28.21 38.03
N MET F 47 12.59 -28.84 36.89
CA MET F 47 13.59 -29.92 36.80
C MET F 47 15.01 -29.39 36.93
N VAL F 48 15.28 -28.26 36.28
CA VAL F 48 16.58 -27.58 36.34
C VAL F 48 16.44 -26.32 37.20
N ALA F 49 17.55 -25.90 37.82
CA ALA F 49 17.61 -24.63 38.56
C ALA F 49 17.92 -23.48 37.59
N LEU F 50 17.96 -22.26 38.12
CA LEU F 50 18.31 -21.08 37.32
C LEU F 50 19.82 -21.06 37.07
N PRO F 51 20.25 -20.72 35.83
CA PRO F 51 21.67 -20.71 35.48
C PRO F 51 22.47 -19.53 36.04
N VAL F 52 21.78 -18.48 36.50
CA VAL F 52 22.39 -17.30 37.10
C VAL F 52 21.61 -16.92 38.37
N PRO F 53 22.20 -16.08 39.24
CA PRO F 53 21.46 -15.65 40.43
C PRO F 53 20.24 -14.80 40.09
N VAL F 54 19.22 -14.85 40.96
CA VAL F 54 17.98 -14.08 40.75
C VAL F 54 18.20 -12.56 40.70
N GLU F 55 19.26 -12.07 41.37
CA GLU F 55 19.61 -10.65 41.39
C GLU F 55 19.84 -10.06 39.99
N ASP F 56 20.62 -10.77 39.17
CA ASP F 56 20.96 -10.31 37.81
C ASP F 56 19.76 -10.25 36.85
N LEU F 57 18.76 -11.11 37.09
CA LEU F 57 17.52 -11.11 36.31
C LEU F 57 16.67 -9.85 36.51
N LEU F 58 16.60 -9.37 37.76
CA LEU F 58 15.71 -8.25 38.12
C LEU F 58 16.23 -6.85 37.78
N ALA F 59 17.50 -6.73 37.37
CA ALA F 59 18.06 -5.45 36.90
C ALA F 59 17.49 -5.12 35.52
N VAL F 60 16.22 -4.72 35.49
CA VAL F 60 15.42 -4.72 34.27
C VAL F 60 14.46 -3.53 34.20
N ASP F 61 14.35 -2.91 33.02
CA ASP F 61 13.51 -1.73 32.82
C ASP F 61 12.00 -2.03 32.88
N ALA F 62 11.60 -3.25 32.53
CA ALA F 62 10.20 -3.69 32.61
C ALA F 62 10.07 -5.21 32.65
N VAL F 63 8.84 -5.69 32.81
CA VAL F 63 8.51 -7.12 32.80
C VAL F 63 7.27 -7.32 31.92
N ILE F 64 7.27 -8.38 31.11
CA ILE F 64 6.14 -8.71 30.22
C ILE F 64 5.66 -10.13 30.49
N LEU F 65 4.35 -10.28 30.72
CA LEU F 65 3.73 -11.59 30.98
C LEU F 65 2.73 -11.94 29.86
N THR F 66 3.03 -13.01 29.12
CA THR F 66 2.19 -13.45 28.00
C THR F 66 0.91 -14.11 28.49
N HIS F 67 1.03 -14.91 29.55
CA HIS F 67 -0.13 -15.45 30.26
C HIS F 67 0.27 -15.89 31.67
N THR F 68 -0.73 -16.23 32.49
CA THR F 68 -0.52 -16.56 33.91
C THR F 68 -0.67 -18.05 34.23
N HIS F 69 -0.19 -18.91 33.33
CA HIS F 69 0.08 -20.31 33.67
C HIS F 69 1.29 -20.32 34.61
N THR F 70 1.34 -21.31 35.49
CA THR F 70 2.37 -21.37 36.54
C THR F 70 3.81 -21.33 36.00
N ASP F 71 4.06 -22.02 34.88
CA ASP F 71 5.39 -22.04 34.26
C ASP F 71 5.86 -20.72 33.62
N HIS F 72 4.97 -19.74 33.54
CA HIS F 72 5.30 -18.37 33.11
C HIS F 72 5.17 -17.31 34.23
N TRP F 73 4.61 -17.70 35.38
CA TRP F 73 4.36 -16.79 36.50
C TRP F 73 4.07 -17.59 37.77
N ASP F 74 5.14 -18.12 38.36
CA ASP F 74 5.04 -18.91 39.60
C ASP F 74 5.08 -18.01 40.85
N GLU F 75 4.80 -18.62 42.01
CA GLU F 75 4.75 -17.89 43.29
C GLU F 75 6.12 -17.34 43.73
N ALA F 76 7.19 -18.07 43.43
CA ALA F 76 8.56 -17.61 43.72
C ALA F 76 8.89 -16.29 43.01
N ALA F 77 8.45 -16.15 41.77
CA ALA F 77 8.61 -14.90 41.02
C ALA F 77 7.78 -13.75 41.61
N GLN F 78 6.56 -14.06 42.08
CA GLN F 78 5.69 -13.08 42.74
C GLN F 78 6.33 -12.51 44.01
N GLN F 79 7.09 -13.34 44.72
CA GLN F 79 7.92 -12.88 45.84
C GLN F 79 9.06 -11.99 45.32
N ALA F 80 9.88 -12.57 44.45
CA ALA F 80 11.18 -11.97 44.05
C ALA F 80 11.08 -10.56 43.47
N VAL F 81 10.29 -10.40 42.40
CA VAL F 81 10.14 -9.10 41.74
C VAL F 81 9.33 -8.13 42.60
N PRO F 82 9.82 -6.87 42.77
CA PRO F 82 9.14 -5.93 43.65
C PRO F 82 7.81 -5.43 43.10
N LYS F 83 6.92 -4.99 43.98
CA LYS F 83 5.54 -4.64 43.59
C LYS F 83 5.43 -3.32 42.81
N ASP F 84 6.49 -2.49 42.86
CA ASP F 84 6.60 -1.28 42.02
C ASP F 84 7.22 -1.54 40.63
N MET F 85 7.46 -2.80 40.28
CA MET F 85 7.98 -3.18 38.95
C MET F 85 6.90 -2.98 37.89
N LEU F 86 7.33 -2.49 36.73
CA LEU F 86 6.42 -2.25 35.61
C LEU F 86 6.11 -3.60 34.95
N ILE F 87 4.87 -4.06 35.11
CA ILE F 87 4.38 -5.32 34.54
C ILE F 87 3.53 -5.01 33.31
N TYR F 88 3.77 -5.76 32.23
CA TYR F 88 2.95 -5.70 31.01
C TYR F 88 2.17 -7.00 30.86
N THR F 89 0.87 -6.94 31.14
CA THR F 89 -0.02 -8.09 31.02
C THR F 89 -0.65 -8.19 29.63
N GLN F 90 -1.26 -9.34 29.37
CA GLN F 90 -1.92 -9.62 28.10
C GLN F 90 -3.21 -8.83 27.95
N ASP F 91 -4.09 -8.97 28.93
CA ASP F 91 -5.41 -8.29 28.92
C ASP F 91 -5.86 -7.92 30.34
N GLU F 92 -7.14 -7.57 30.50
CA GLU F 92 -7.67 -7.07 31.79
C GLU F 92 -7.85 -8.16 32.85
N LYS F 93 -8.20 -9.39 32.43
CA LYS F 93 -8.30 -10.52 33.36
C LYS F 93 -6.95 -10.81 34.01
N ASP F 94 -5.89 -10.87 33.21
CA ASP F 94 -4.52 -11.06 33.70
C ASP F 94 -4.04 -9.89 34.57
N ALA F 95 -4.46 -8.67 34.24
CA ALA F 95 -4.15 -7.48 35.04
C ALA F 95 -4.74 -7.56 36.44
N ALA F 96 -6.06 -7.79 36.50
CA ALA F 96 -6.79 -7.98 37.77
C ALA F 96 -6.22 -9.12 38.63
N LEU F 97 -5.75 -10.18 37.98
CA LEU F 97 -5.05 -11.29 38.65
C LEU F 97 -3.79 -10.80 39.37
N ILE F 98 -3.02 -9.95 38.70
CA ILE F 98 -1.77 -9.40 39.27
C ILE F 98 -2.02 -8.23 40.24
N ARG F 99 -3.02 -7.40 39.97
CA ARG F 99 -3.48 -6.36 40.92
C ARG F 99 -3.84 -6.99 42.27
N SER F 100 -4.52 -8.13 42.22
CA SER F 100 -4.93 -8.87 43.43
C SER F 100 -3.81 -9.73 44.07
N GLN F 101 -2.54 -9.43 43.76
CA GLN F 101 -1.39 -10.11 44.36
C GLN F 101 -0.35 -9.09 44.86
N GLY F 102 -0.83 -7.91 45.26
CA GLY F 102 0.03 -6.85 45.81
C GLY F 102 0.65 -5.87 44.81
N PHE F 103 0.69 -6.24 43.52
CA PHE F 103 1.27 -5.37 42.49
C PHE F 103 0.32 -4.21 42.19
N PHE F 104 0.91 -3.02 42.02
CA PHE F 104 0.14 -1.78 41.85
C PHE F 104 0.67 -0.96 40.67
N ASN F 105 1.26 -1.64 39.68
CA ASN F 105 2.00 -0.97 38.62
C ASN F 105 1.95 -1.72 37.28
N ILE F 106 0.78 -2.27 36.96
CA ILE F 106 0.58 -3.04 35.73
C ILE F 106 0.36 -2.11 34.53
N ARG F 107 0.35 -2.70 33.34
CA ARG F 107 0.12 -1.95 32.11
C ARG F 107 -0.41 -2.91 31.03
N VAL F 108 -1.71 -2.83 30.77
CA VAL F 108 -2.37 -3.72 29.81
C VAL F 108 -2.04 -3.26 28.40
N LEU F 109 -1.17 -4.00 27.72
CA LEU F 109 -0.74 -3.61 26.37
C LEU F 109 -1.79 -4.08 25.35
N LYS F 110 -2.02 -3.25 24.34
CA LYS F 110 -3.11 -3.46 23.36
C LYS F 110 -2.54 -4.12 22.10
N ASP F 111 -3.40 -4.36 21.11
CA ASP F 111 -2.99 -4.96 19.82
C ASP F 111 -1.65 -4.44 19.31
N GLU F 112 -1.48 -3.12 19.26
CA GLU F 112 -0.19 -2.49 18.98
C GLU F 112 0.06 -1.31 19.92
N ASN F 113 1.34 -1.13 20.28
CA ASN F 113 1.75 -0.20 21.33
C ASN F 113 2.91 0.68 20.84
N HIS F 114 2.57 1.82 20.25
CA HIS F 114 3.57 2.67 19.59
C HIS F 114 4.20 3.66 20.56
N PHE F 115 5.44 3.38 20.96
CA PHE F 115 6.15 4.20 21.93
C PHE F 115 7.00 5.25 21.21
N VAL F 116 7.18 6.39 21.88
CA VAL F 116 7.87 7.58 21.32
C VAL F 116 9.33 7.30 20.93
N ASP F 117 10.00 6.42 21.67
CA ASP F 117 11.37 5.97 21.38
C ASP F 117 11.62 5.53 19.93
N GLY F 118 10.60 4.97 19.29
CA GLY F 118 10.73 4.24 18.03
C GLY F 118 10.31 2.79 18.21
N LEU F 119 10.27 2.34 19.47
CA LEU F 119 9.90 0.98 19.79
C LEU F 119 8.40 0.75 19.58
N THR F 120 8.06 -0.43 19.08
CA THR F 120 6.67 -0.85 18.95
C THR F 120 6.57 -2.31 19.38
N ILE F 121 5.74 -2.58 20.38
CA ILE F 121 5.36 -3.93 20.75
C ILE F 121 3.99 -4.18 20.13
N TYR F 122 3.87 -5.28 19.39
CA TYR F 122 2.60 -5.77 18.90
C TYR F 122 2.24 -7.00 19.70
N LYS F 123 1.00 -7.06 20.17
CA LYS F 123 0.45 -8.24 20.82
C LYS F 123 -0.29 -9.04 19.76
N THR F 124 0.12 -10.30 19.57
CA THR F 124 -0.41 -11.18 18.53
C THR F 124 -1.25 -12.29 19.16
N ASP F 125 -2.21 -12.78 18.38
CA ASP F 125 -3.14 -13.80 18.85
C ASP F 125 -2.55 -15.19 18.64
N GLY F 126 -2.85 -16.10 19.56
CA GLY F 126 -2.43 -17.51 19.46
C GLY F 126 -3.58 -18.44 19.80
N GLN F 127 -3.30 -19.74 19.87
CA GLN F 127 -4.25 -20.73 20.40
C GLN F 127 -3.46 -21.82 21.14
N HIS F 128 -3.78 -22.01 22.42
CA HIS F 128 -2.97 -22.81 23.34
C HIS F 128 -3.53 -24.22 23.46
N GLY F 129 -3.66 -24.90 22.32
CA GLY F 129 -4.34 -26.20 22.24
C GLY F 129 -4.93 -26.45 20.87
N SER F 130 -5.40 -27.67 20.66
CA SER F 130 -6.06 -28.05 19.41
C SER F 130 -7.45 -27.44 19.31
N ASN F 131 -8.01 -27.46 18.10
CA ASN F 131 -9.36 -26.95 17.86
C ASN F 131 -10.42 -27.71 18.65
N GLU F 132 -10.24 -29.03 18.78
CA GLU F 132 -11.15 -29.86 19.59
C GLU F 132 -11.08 -29.54 21.08
N LEU F 133 -9.89 -29.22 21.59
CA LEU F 133 -9.71 -28.84 23.01
C LEU F 133 -10.52 -27.60 23.39
N TYR F 134 -10.58 -26.61 22.50
CA TYR F 134 -11.36 -25.39 22.73
C TYR F 134 -12.88 -25.53 22.46
N ALA F 135 -13.31 -26.69 21.96
CA ALA F 135 -14.73 -27.05 21.91
C ALA F 135 -15.26 -27.48 23.29
N ASP F 136 -14.37 -27.98 24.14
CA ASP F 136 -14.65 -28.19 25.56
C ASP F 136 -14.49 -26.84 26.27
N ALA F 137 -15.59 -26.31 26.80
CA ALA F 137 -15.59 -25.01 27.48
C ALA F 137 -14.68 -24.98 28.71
N GLN F 138 -14.61 -26.11 29.42
CA GLN F 138 -13.81 -26.27 30.64
C GLN F 138 -12.31 -26.16 30.33
N LEU F 139 -11.87 -26.91 29.32
CA LEU F 139 -10.47 -26.89 28.86
C LEU F 139 -10.12 -25.59 28.12
N GLY F 140 -11.11 -24.97 27.49
CA GLY F 140 -10.93 -23.66 26.88
C GLY F 140 -10.55 -22.59 27.89
N ASP F 141 -11.26 -22.57 29.03
CA ASP F 141 -10.98 -21.63 30.12
C ASP F 141 -9.59 -21.82 30.72
N LEU F 142 -9.20 -23.09 30.93
CA LEU F 142 -7.96 -23.43 31.65
C LEU F 142 -6.69 -23.12 30.85
N LEU F 143 -6.67 -23.53 29.58
CA LEU F 143 -5.57 -23.19 28.68
C LEU F 143 -5.63 -21.70 28.34
N GLY F 144 -6.84 -21.24 28.02
CA GLY F 144 -7.14 -19.80 27.91
C GLY F 144 -6.39 -19.09 26.80
N ASP F 145 -6.20 -17.78 26.98
CA ASP F 145 -5.46 -16.96 26.03
C ASP F 145 -3.98 -16.96 26.39
N ALA F 146 -3.13 -16.80 25.38
CA ALA F 146 -1.71 -16.64 25.58
C ALA F 146 -1.13 -16.00 24.33
N CYS F 147 -0.63 -14.78 24.47
CA CYS F 147 -0.26 -13.95 23.33
C CYS F 147 1.19 -14.17 22.88
N GLY F 148 1.53 -13.55 21.77
CA GLY F 148 2.91 -13.43 21.30
C GLY F 148 3.28 -11.95 21.25
N LEU F 149 4.57 -11.66 21.09
CA LEU F 149 5.09 -10.30 21.12
C LEU F 149 6.02 -10.05 19.93
N VAL F 150 5.85 -8.91 19.24
CA VAL F 150 6.74 -8.50 18.14
C VAL F 150 7.37 -7.16 18.49
N PHE F 151 8.70 -7.12 18.53
CA PHE F 151 9.46 -5.91 18.82
C PHE F 151 9.99 -5.39 17.49
N THR F 152 9.78 -4.10 17.20
CA THR F 152 10.32 -3.46 15.99
C THR F 152 10.89 -2.08 16.32
N HIS F 153 12.17 -1.88 16.02
CA HIS F 153 12.82 -0.56 16.11
C HIS F 153 13.57 -0.29 14.81
N HIS F 154 13.81 0.98 14.51
CA HIS F 154 14.53 1.40 13.31
C HIS F 154 15.98 0.87 13.27
N ASP F 155 16.65 0.85 14.43
CA ASP F 155 18.06 0.46 14.54
C ASP F 155 18.31 -1.04 14.72
N GLU F 156 17.25 -1.86 14.84
CA GLU F 156 17.39 -3.29 15.10
C GLU F 156 16.39 -4.17 14.34
N LYS F 157 16.69 -5.47 14.32
CA LYS F 157 15.88 -6.46 13.60
C LYS F 157 14.59 -6.75 14.34
N THR F 158 13.57 -7.15 13.59
CA THR F 158 12.28 -7.53 14.17
C THR F 158 12.38 -8.93 14.75
N ILE F 159 12.35 -9.03 16.09
CA ILE F 159 12.24 -10.32 16.78
C ILE F 159 10.77 -10.62 17.06
N TYR F 160 10.40 -11.91 16.95
CA TYR F 160 9.04 -12.37 17.22
C TYR F 160 9.10 -13.49 18.24
N ILE F 161 8.29 -13.37 19.30
CA ILE F 161 8.20 -14.38 20.34
C ILE F 161 6.80 -14.95 20.24
N ALA F 162 6.70 -16.12 19.61
CA ALA F 162 5.41 -16.74 19.31
C ALA F 162 4.60 -17.03 20.56
N GLY F 163 5.27 -17.54 21.60
CA GLY F 163 4.63 -17.88 22.88
C GLY F 163 3.95 -19.23 22.84
N ASP F 164 3.22 -19.54 23.92
CA ASP F 164 2.43 -20.76 24.01
C ASP F 164 1.28 -20.73 22.99
N THR F 165 1.55 -21.29 21.82
CA THR F 165 0.54 -21.46 20.78
C THR F 165 0.93 -22.64 19.88
N VAL F 166 -0.06 -23.41 19.41
CA VAL F 166 0.17 -24.41 18.35
C VAL F 166 0.02 -23.74 16.98
N TRP F 167 0.26 -24.50 15.91
CA TRP F 167 0.13 -23.95 14.54
C TRP F 167 -1.35 -23.63 14.26
N VAL F 168 -1.62 -22.35 14.01
CA VAL F 168 -2.95 -21.82 13.72
C VAL F 168 -2.83 -20.67 12.74
N LYS F 169 -3.90 -20.35 12.00
CA LYS F 169 -3.84 -19.32 10.96
C LYS F 169 -3.33 -17.95 11.45
N PRO F 170 -3.76 -17.50 12.65
CA PRO F 170 -3.20 -16.24 13.17
C PRO F 170 -1.67 -16.22 13.33
N TYR F 171 -1.07 -17.37 13.64
CA TYR F 171 0.39 -17.48 13.72
C TYR F 171 1.03 -17.33 12.34
N VAL F 172 0.43 -17.95 11.32
CA VAL F 172 0.88 -17.78 9.92
C VAL F 172 0.76 -16.32 9.51
N LYS F 173 -0.39 -15.70 9.78
CA LYS F 173 -0.63 -14.27 9.49
C LYS F 173 0.44 -13.34 10.10
N SER F 174 0.89 -13.68 11.32
CA SER F 174 1.92 -12.92 12.01
C SER F 174 3.31 -13.01 11.35
N LEU F 175 3.65 -14.16 10.77
CA LEU F 175 4.92 -14.29 10.03
C LEU F 175 4.90 -13.40 8.79
N GLN F 176 3.89 -13.59 7.95
CA GLN F 176 3.80 -12.87 6.67
C GLN F 176 3.59 -11.36 6.81
N ARG F 177 3.02 -10.90 7.92
CA ARG F 177 2.86 -9.46 8.16
C ARG F 177 4.15 -8.83 8.67
N PHE F 178 4.62 -9.30 9.81
CA PHE F 178 5.74 -8.66 10.50
C PHE F 178 7.11 -9.06 9.90
N LYS F 179 7.19 -10.25 9.31
CA LYS F 179 8.39 -10.73 8.62
C LYS F 179 9.65 -10.65 9.51
N PRO F 180 9.59 -11.31 10.69
CA PRO F 180 10.70 -11.24 11.64
C PRO F 180 11.95 -11.96 11.14
N GLU F 181 13.11 -11.34 11.36
CA GLU F 181 14.41 -11.98 11.11
C GLU F 181 14.63 -13.15 12.07
N ILE F 182 14.18 -12.99 13.33
CA ILE F 182 14.33 -14.01 14.38
C ILE F 182 12.95 -14.41 14.89
N VAL F 183 12.75 -15.71 15.12
CA VAL F 183 11.48 -16.23 15.64
C VAL F 183 11.73 -17.20 16.81
N VAL F 184 11.22 -16.83 17.99
CA VAL F 184 11.35 -17.68 19.18
C VAL F 184 10.09 -18.52 19.30
N LEU F 185 10.23 -19.84 19.12
CA LEU F 185 9.12 -20.79 19.33
C LEU F 185 9.26 -21.50 20.67
N ASN F 186 8.11 -21.78 21.29
CA ASN F 186 8.03 -22.56 22.51
C ASN F 186 7.86 -24.03 22.12
N THR F 187 8.97 -24.65 21.73
CA THR F 187 9.02 -26.04 21.31
C THR F 187 9.35 -26.96 22.47
N GLY F 188 8.33 -27.27 23.26
CA GLY F 188 8.40 -28.24 24.36
C GLY F 188 7.59 -29.51 24.14
N TYR F 189 6.52 -29.40 23.34
CA TYR F 189 5.66 -30.54 23.00
C TYR F 189 5.00 -31.14 24.23
N ALA F 190 4.33 -30.29 24.99
CA ALA F 190 3.44 -30.73 26.04
C ALA F 190 2.14 -31.14 25.39
N VAL F 191 1.50 -32.18 25.94
CA VAL F 191 0.27 -32.73 25.37
C VAL F 191 -0.84 -32.85 26.41
N ASN F 192 -2.06 -32.51 25.99
CA ASN F 192 -3.25 -32.90 26.72
C ASN F 192 -3.50 -34.35 26.35
N ASP F 193 -3.84 -35.18 27.33
CA ASP F 193 -3.95 -36.64 27.13
C ASP F 193 -4.95 -37.01 26.04
N LEU F 194 -6.13 -36.39 26.07
CA LEU F 194 -7.19 -36.70 25.11
C LEU F 194 -7.02 -35.94 23.78
N TYR F 195 -6.75 -34.64 23.87
CA TYR F 195 -6.74 -33.75 22.69
C TYR F 195 -5.36 -33.42 22.09
N GLY F 196 -4.29 -34.00 22.65
CA GLY F 196 -2.96 -33.89 22.04
C GLY F 196 -2.26 -32.58 22.29
N PRO F 197 -1.24 -32.25 21.47
CA PRO F 197 -0.36 -31.10 21.68
C PRO F 197 -1.05 -29.79 22.08
N ILE F 198 -0.41 -29.07 23.01
CA ILE F 198 -0.88 -27.76 23.46
C ILE F 198 0.12 -26.61 23.22
N ILE F 199 1.36 -26.94 22.84
CA ILE F 199 2.35 -25.97 22.37
C ILE F 199 3.13 -26.59 21.20
N MET F 200 4.11 -25.88 20.64
CA MET F 200 4.82 -26.35 19.45
C MET F 200 5.79 -27.51 19.71
N GLY F 201 6.31 -28.08 18.63
CA GLY F 201 7.34 -29.12 18.68
C GLY F 201 8.35 -28.97 17.56
N LYS F 202 8.98 -30.08 17.17
CA LYS F 202 10.03 -30.04 16.14
C LYS F 202 9.50 -29.74 14.73
N GLU F 203 8.30 -30.22 14.41
CA GLU F 203 7.73 -30.04 13.07
C GLU F 203 7.45 -28.56 12.79
N ASP F 204 6.98 -27.86 13.82
CA ASP F 204 6.64 -26.43 13.71
C ASP F 204 7.85 -25.57 13.35
N THR F 205 9.03 -25.98 13.81
CA THR F 205 10.29 -25.32 13.44
C THR F 205 10.54 -25.37 11.92
N LEU F 206 10.35 -26.54 11.32
CA LEU F 206 10.54 -26.72 9.87
C LEU F 206 9.42 -26.02 9.08
N ARG F 207 8.18 -26.20 9.53
CA ARG F 207 7.01 -25.55 8.92
C ARG F 207 7.11 -24.03 8.91
N THR F 208 7.65 -23.46 9.99
CA THR F 208 7.91 -22.02 10.09
C THR F 208 8.84 -21.51 8.97
N LEU F 209 9.91 -22.27 8.70
CA LEU F 209 10.87 -21.89 7.66
C LEU F 209 10.32 -21.90 6.22
N LYS F 210 9.24 -22.64 5.99
CA LYS F 210 8.54 -22.61 4.70
C LYS F 210 7.85 -21.25 4.48
N MET F 211 7.14 -20.76 5.49
CA MET F 211 6.52 -19.43 5.45
C MET F 211 7.52 -18.28 5.44
N LEU F 212 8.66 -18.47 6.11
CA LEU F 212 9.76 -17.49 6.14
C LEU F 212 11.11 -18.16 5.89
N PRO F 213 11.54 -18.22 4.62
CA PRO F 213 12.89 -18.71 4.27
C PRO F 213 14.01 -17.99 5.03
N THR F 214 13.90 -16.67 5.13
CA THR F 214 14.93 -15.80 5.69
C THR F 214 15.07 -15.80 7.23
N ALA F 215 14.14 -16.45 7.94
CA ALA F 215 14.12 -16.39 9.40
C ALA F 215 15.08 -17.38 10.07
N THR F 216 15.78 -16.91 11.10
CA THR F 216 16.49 -17.76 12.06
C THR F 216 15.52 -18.13 13.18
N ILE F 217 15.57 -19.38 13.62
CA ILE F 217 14.66 -19.88 14.67
C ILE F 217 15.40 -19.94 16.02
N VAL F 218 14.64 -19.80 17.12
CA VAL F 218 15.16 -19.95 18.47
C VAL F 218 14.22 -20.87 19.26
N ALA F 219 14.74 -22.01 19.69
CA ALA F 219 13.95 -23.03 20.39
C ALA F 219 14.04 -22.82 21.90
N SER F 220 12.88 -22.90 22.57
CA SER F 220 12.75 -22.61 23.99
C SER F 220 11.55 -23.35 24.60
N HIS F 221 11.36 -23.20 25.90
CA HIS F 221 10.23 -23.81 26.64
C HIS F 221 10.37 -25.35 26.74
N MET F 222 11.60 -25.81 27.01
CA MET F 222 11.88 -27.25 27.11
C MET F 222 13.02 -27.55 28.10
N GLU F 223 13.01 -28.78 28.62
CA GLU F 223 13.96 -29.24 29.64
C GLU F 223 13.91 -28.33 30.88
N SER F 224 12.73 -28.30 31.49
CA SER F 224 12.41 -27.44 32.63
C SER F 224 11.14 -27.91 33.32
N ILE F 225 10.07 -28.02 32.54
CA ILE F 225 8.82 -28.64 32.99
C ILE F 225 8.82 -30.10 32.53
N ASN F 226 8.30 -30.98 33.39
CA ASN F 226 8.30 -32.43 33.12
C ASN F 226 7.34 -32.84 32.00
N HIS F 227 6.21 -32.15 31.90
CA HIS F 227 5.18 -32.45 30.90
C HIS F 227 5.59 -32.11 29.46
N CYS F 228 6.61 -31.27 29.29
CA CYS F 228 7.19 -31.00 27.97
C CYS F 228 8.11 -32.15 27.53
N LEU F 229 7.67 -32.89 26.51
CA LEU F 229 8.34 -34.12 26.09
C LEU F 229 9.52 -33.92 25.14
N LEU F 230 9.46 -32.89 24.29
CA LEU F 230 10.48 -32.68 23.25
C LEU F 230 11.79 -32.19 23.87
N THR F 231 12.85 -32.99 23.71
CA THR F 231 14.17 -32.69 24.27
C THR F 231 15.04 -31.99 23.23
N ARG F 232 16.07 -31.31 23.72
CA ARG F 232 17.01 -30.57 22.87
C ARG F 232 17.89 -31.50 22.01
N ALA F 233 18.11 -32.73 22.48
CA ALA F 233 18.84 -33.74 21.72
C ALA F 233 18.09 -34.14 20.45
N GLU F 234 16.81 -34.46 20.62
CA GLU F 234 15.92 -34.88 19.52
C GLU F 234 15.78 -33.81 18.42
N LEU F 235 15.57 -32.57 18.83
CA LEU F 235 15.42 -31.46 17.89
C LEU F 235 16.72 -31.12 17.17
N ARG F 236 17.86 -31.38 17.81
CA ARG F 236 19.18 -31.22 17.15
C ARG F 236 19.45 -32.31 16.11
N GLU F 237 18.91 -33.52 16.33
CA GLU F 237 18.92 -34.56 15.28
C GLU F 237 18.02 -34.16 14.11
N PHE F 238 16.80 -33.70 14.44
CA PHE F 238 15.83 -33.19 13.47
C PHE F 238 16.43 -32.06 12.62
N SER F 239 17.13 -31.14 13.28
CA SER F 239 17.88 -30.06 12.62
C SER F 239 18.95 -30.58 11.65
N LEU F 240 19.74 -31.54 12.13
CA LEU F 240 20.80 -32.18 11.32
C LEU F 240 20.26 -33.01 10.15
N GLU F 241 19.11 -33.66 10.36
CA GLU F 241 18.47 -34.50 9.34
C GLU F 241 18.07 -33.71 8.09
N HIS F 242 17.50 -32.52 8.28
CA HIS F 242 17.05 -31.66 7.17
C HIS F 242 18.12 -30.69 6.63
N GLY F 243 19.31 -30.67 7.25
CA GLY F 243 20.42 -29.85 6.78
C GLY F 243 20.26 -28.38 7.13
N ILE F 244 19.79 -28.11 8.34
CA ILE F 244 19.45 -26.76 8.80
C ILE F 244 19.95 -26.54 10.23
N GLU F 245 21.27 -26.54 10.38
CA GLU F 245 21.92 -26.39 11.68
C GLU F 245 22.01 -24.92 12.06
N ASP F 246 22.40 -24.09 11.10
CA ASP F 246 22.55 -22.65 11.30
C ASP F 246 21.22 -21.90 11.46
N LYS F 247 20.12 -22.47 10.96
CA LYS F 247 18.80 -21.83 11.01
C LYS F 247 17.95 -22.18 12.23
N ILE F 248 18.40 -23.14 13.05
CA ILE F 248 17.71 -23.51 14.29
C ILE F 248 18.69 -23.46 15.46
N LEU F 249 18.54 -22.44 16.30
CA LEU F 249 19.38 -22.26 17.48
C LEU F 249 18.70 -22.87 18.71
N ILE F 250 19.42 -23.73 19.42
CA ILE F 250 18.92 -24.41 20.61
C ILE F 250 19.83 -24.04 21.78
N PRO F 251 19.59 -22.86 22.39
CA PRO F 251 20.57 -22.34 23.34
C PRO F 251 20.44 -22.91 24.75
N ALA F 252 21.57 -22.97 25.45
CA ALA F 252 21.62 -23.52 26.82
C ALA F 252 21.08 -22.52 27.83
N ASP F 253 20.79 -23.00 29.04
CA ASP F 253 20.41 -22.12 30.15
C ASP F 253 21.58 -21.19 30.50
N GLY F 254 21.34 -19.88 30.37
CA GLY F 254 22.37 -18.85 30.54
C GLY F 254 22.99 -18.33 29.25
N GLU F 255 22.74 -19.00 28.13
CA GLU F 255 23.36 -18.64 26.85
C GLU F 255 22.74 -17.38 26.25
N THR F 256 23.58 -16.55 25.64
CA THR F 256 23.18 -15.26 25.09
C THR F 256 23.51 -15.20 23.59
N MET F 257 22.48 -15.13 22.75
CA MET F 257 22.67 -14.88 21.31
C MET F 257 22.75 -13.38 21.06
N ALA F 258 23.72 -12.98 20.24
CA ALA F 258 23.98 -11.56 19.95
C ALA F 258 23.64 -11.23 18.50
N PHE F 259 22.37 -10.95 18.24
CA PHE F 259 21.90 -10.52 16.92
C PHE F 259 21.97 -8.99 16.87
N SER F 260 22.35 -8.43 15.72
CA SER F 260 22.39 -6.96 15.57
C SER F 260 22.35 -6.51 14.11
N ALA F 261 21.77 -5.33 13.90
CA ALA F 261 21.80 -4.65 12.59
C ALA F 261 22.06 -3.16 12.82
N TRP F 262 23.15 -2.87 13.54
CA TRP F 262 23.51 -1.50 13.91
C TRP F 262 24.10 -0.74 12.72
N MET G 1 13.38 13.48 41.16
CA MET G 1 13.79 14.44 40.09
C MET G 1 14.76 15.52 40.58
N LYS G 2 15.23 16.34 39.65
CA LYS G 2 16.06 17.51 39.96
C LYS G 2 15.78 18.64 38.97
N LEU G 3 14.88 19.54 39.37
CA LEU G 3 14.57 20.74 38.58
C LEU G 3 15.59 21.84 38.87
N THR G 4 15.97 22.58 37.84
CA THR G 4 16.95 23.66 37.94
C THR G 4 16.44 24.89 37.20
N GLN G 5 16.11 25.96 37.94
CA GLN G 5 15.67 27.23 37.35
C GLN G 5 16.93 27.95 36.87
N ILE G 6 17.03 28.16 35.55
CA ILE G 6 18.20 28.81 34.94
C ILE G 6 17.95 30.30 34.77
N ARG G 7 16.94 30.66 33.97
CA ARG G 7 16.66 32.05 33.58
C ARG G 7 15.32 32.16 32.86
N ASN G 8 14.42 33.02 33.36
CA ASN G 8 13.08 33.20 32.81
C ASN G 8 12.29 31.88 32.85
N ALA G 9 12.13 31.18 31.71
CA ALA G 9 11.40 29.91 31.65
C ALA G 9 12.28 28.69 31.37
N THR G 10 13.55 28.89 30.97
CA THR G 10 14.43 27.76 30.65
C THR G 10 14.77 26.95 31.91
N LEU G 11 14.51 25.64 31.85
CA LEU G 11 14.70 24.72 32.97
C LEU G 11 15.52 23.53 32.50
N VAL G 12 16.24 22.91 33.44
CA VAL G 12 16.98 21.68 33.19
C VAL G 12 16.41 20.61 34.10
N LEU G 13 15.39 19.92 33.60
CA LEU G 13 14.70 18.87 34.34
C LEU G 13 15.45 17.55 34.18
N GLN G 14 15.61 16.83 35.29
CA GLN G 14 16.10 15.46 35.30
C GLN G 14 14.98 14.60 35.84
N TYR G 15 14.45 13.69 35.02
CA TYR G 15 13.23 12.94 35.34
C TYR G 15 13.26 11.51 34.82
N ALA G 16 13.31 10.55 35.75
CA ALA G 16 13.28 9.11 35.47
C ALA G 16 14.49 8.64 34.65
N GLY G 17 15.69 9.03 35.10
CA GLY G 17 16.93 8.68 34.43
C GLY G 17 17.19 9.38 33.10
N LYS G 18 16.40 10.40 32.79
CA LYS G 18 16.53 11.18 31.55
C LYS G 18 16.82 12.64 31.92
N LYS G 19 17.03 13.47 30.91
CA LYS G 19 17.33 14.89 31.12
C LYS G 19 16.79 15.72 29.97
N PHE G 20 16.11 16.83 30.31
CA PHE G 20 15.46 17.70 29.33
C PHE G 20 15.86 19.15 29.52
N LEU G 21 15.96 19.89 28.42
CA LEU G 21 16.23 21.32 28.42
C LEU G 21 15.00 22.02 27.87
N ILE G 22 14.20 22.60 28.77
CA ILE G 22 12.93 23.25 28.40
C ILE G 22 13.20 24.72 28.00
N ASP G 23 12.49 25.18 26.97
CA ASP G 23 12.43 26.60 26.55
C ASP G 23 13.73 27.42 26.62
N PRO G 24 14.81 26.95 25.95
CA PRO G 24 16.13 27.56 26.06
C PRO G 24 16.26 28.94 25.43
N MET G 25 16.54 29.94 26.28
CA MET G 25 16.85 31.31 25.87
C MET G 25 18.32 31.55 26.19
N LEU G 26 19.17 31.63 25.17
CA LEU G 26 20.63 31.61 25.35
C LEU G 26 21.37 32.86 24.86
N ALA G 27 20.65 33.98 24.70
CA ALA G 27 21.28 35.26 24.35
C ALA G 27 21.91 35.90 25.59
N GLU G 28 22.94 36.71 25.36
CA GLU G 28 23.66 37.40 26.44
C GLU G 28 22.81 38.52 27.04
N LYS G 29 23.28 39.06 28.17
CA LYS G 29 22.58 40.14 28.88
C LYS G 29 22.32 41.34 27.94
N GLU G 30 21.10 41.85 27.98
CA GLU G 30 20.60 42.91 27.08
C GLU G 30 21.09 42.80 25.61
N ALA G 31 20.87 41.62 25.03
CA ALA G 31 21.28 41.32 23.65
C ALA G 31 20.26 41.83 22.63
N TRP G 32 19.00 41.47 22.83
CA TRP G 32 17.90 41.88 21.93
C TRP G 32 16.86 42.68 22.71
N ASP G 33 16.50 43.84 22.19
CA ASP G 33 15.67 44.83 22.92
C ASP G 33 14.28 44.35 23.35
N GLY G 34 13.63 45.14 24.20
CA GLY G 34 12.32 44.79 24.76
C GLY G 34 11.18 44.74 23.76
N PHE G 35 10.10 44.06 24.14
CA PHE G 35 8.94 43.85 23.28
C PHE G 35 8.14 45.13 23.07
N ALA G 36 7.73 45.38 21.83
CA ALA G 36 6.83 46.49 21.51
C ALA G 36 5.39 46.05 21.76
N GLY G 37 4.53 47.01 22.11
CA GLY G 37 3.14 46.73 22.47
C GLY G 37 3.05 46.00 23.80
N SER G 38 3.77 46.50 24.79
CA SER G 38 3.85 45.87 26.11
C SER G 38 4.44 46.84 27.14
N ALA G 39 4.30 46.49 28.41
CA ALA G 39 4.74 47.34 29.51
C ALA G 39 6.26 47.46 29.56
N ARG G 40 6.74 48.65 29.90
CA ARG G 40 8.16 48.90 30.20
C ARG G 40 9.10 48.66 29.01
N PRO G 41 8.70 49.11 27.80
CA PRO G 41 9.40 48.75 26.55
C PRO G 41 10.85 49.26 26.38
N HIS G 42 11.27 50.24 27.18
CA HIS G 42 12.65 50.76 27.14
C HIS G 42 13.77 49.75 27.52
N LEU G 43 13.46 48.78 28.38
CA LEU G 43 14.48 47.82 28.87
C LEU G 43 14.84 46.74 27.84
N ARG G 44 16.13 46.47 27.68
CA ARG G 44 16.64 45.48 26.71
C ARG G 44 16.81 44.10 27.36
N ASN G 45 16.57 43.04 26.57
CA ASN G 45 16.52 41.66 27.08
C ASN G 45 17.69 40.79 26.60
N PRO G 46 18.07 39.76 27.35
CA PRO G 46 17.56 39.47 28.70
C PRO G 46 18.15 40.41 29.74
N MET G 47 17.39 40.68 30.81
CA MET G 47 17.82 41.60 31.87
C MET G 47 19.00 41.06 32.67
N VAL G 48 18.96 39.77 32.97
CA VAL G 48 20.04 39.08 33.70
C VAL G 48 20.69 38.05 32.78
N ALA G 49 22.01 37.87 32.94
CA ALA G 49 22.77 36.89 32.16
C ALA G 49 22.50 35.47 32.66
N LEU G 50 23.03 34.48 31.92
CA LEU G 50 22.85 33.07 32.29
C LEU G 50 23.89 32.67 33.35
N PRO G 51 23.43 32.04 34.45
CA PRO G 51 24.31 31.73 35.58
C PRO G 51 25.32 30.60 35.30
N VAL G 52 24.93 29.63 34.48
CA VAL G 52 25.80 28.54 34.06
C VAL G 52 26.11 28.76 32.57
N PRO G 53 27.33 28.40 32.09
CA PRO G 53 27.64 28.58 30.66
C PRO G 53 26.77 27.77 29.70
N VAL G 54 26.88 28.10 28.41
CA VAL G 54 26.03 27.50 27.37
C VAL G 54 26.37 26.02 27.17
N GLU G 55 27.66 25.68 27.22
CA GLU G 55 28.13 24.30 27.04
C GLU G 55 27.56 23.32 28.08
N ASP G 56 27.41 23.78 29.33
CA ASP G 56 26.81 22.96 30.39
C ASP G 56 25.31 22.71 30.19
N LEU G 57 24.61 23.68 29.60
CA LEU G 57 23.20 23.51 29.21
C LEU G 57 23.03 22.54 28.03
N LEU G 58 23.95 22.61 27.07
CA LEU G 58 23.99 21.69 25.93
C LEU G 58 24.72 20.39 26.33
N ALA G 59 24.06 19.60 27.17
CA ALA G 59 24.59 18.32 27.66
C ALA G 59 23.42 17.52 28.20
N VAL G 60 22.49 17.24 27.30
CA VAL G 60 21.13 16.84 27.66
C VAL G 60 20.54 15.89 26.60
N ASP G 61 19.62 15.01 27.01
CA ASP G 61 19.05 13.99 26.11
C ASP G 61 18.11 14.55 25.04
N ALA G 62 17.40 15.64 25.36
CA ALA G 62 16.50 16.29 24.41
C ALA G 62 16.13 17.73 24.83
N VAL G 63 15.61 18.47 23.87
CA VAL G 63 15.11 19.83 24.08
C VAL G 63 13.59 19.82 23.92
N ILE G 64 12.89 20.66 24.69
CA ILE G 64 11.43 20.81 24.56
C ILE G 64 11.07 22.29 24.45
N LEU G 65 10.48 22.68 23.32
CA LEU G 65 9.93 24.03 23.12
C LEU G 65 8.42 24.03 23.39
N THR G 66 8.00 24.72 24.45
CA THR G 66 6.57 24.94 24.73
C THR G 66 5.94 25.77 23.61
N HIS G 67 6.66 26.79 23.15
CA HIS G 67 6.29 27.59 21.98
C HIS G 67 7.53 28.36 21.47
N THR G 68 7.36 29.15 20.42
CA THR G 68 8.49 29.84 19.76
C THR G 68 8.48 31.38 19.90
N HIS G 69 8.05 31.88 21.05
CA HIS G 69 8.27 33.29 21.41
C HIS G 69 9.76 33.46 21.72
N THR G 70 10.27 34.66 21.54
CA THR G 70 11.71 34.92 21.60
C THR G 70 12.36 34.69 22.98
N ASP G 71 11.58 34.82 24.05
CA ASP G 71 12.05 34.52 25.41
C ASP G 71 12.05 33.01 25.77
N HIS G 72 11.52 32.17 24.87
CA HIS G 72 11.59 30.71 24.97
C HIS G 72 12.45 30.05 23.86
N TRP G 73 12.76 30.79 22.80
CA TRP G 73 13.54 30.27 21.67
C TRP G 73 14.06 31.45 20.85
N ASP G 74 15.35 31.76 21.02
CA ASP G 74 15.99 32.93 20.39
C ASP G 74 17.09 32.53 19.41
N GLU G 75 17.58 33.52 18.66
CA GLU G 75 18.63 33.33 17.64
C GLU G 75 19.95 32.77 18.19
N ALA G 76 20.26 33.09 19.44
CA ALA G 76 21.44 32.56 20.12
C ALA G 76 21.34 31.05 20.30
N ALA G 77 20.17 30.59 20.76
CA ALA G 77 19.90 29.15 20.92
C ALA G 77 19.84 28.40 19.59
N GLN G 78 19.33 29.07 18.55
CA GLN G 78 19.31 28.50 17.20
C GLN G 78 20.71 28.17 16.67
N GLN G 79 21.68 29.05 16.95
CA GLN G 79 23.08 28.82 16.56
C GLN G 79 23.86 27.97 17.57
N ALA G 80 23.47 28.03 18.85
CA ALA G 80 24.16 27.28 19.92
C ALA G 80 23.84 25.78 19.91
N VAL G 81 22.57 25.44 19.75
CA VAL G 81 22.11 24.04 19.87
C VAL G 81 22.47 23.27 18.58
N PRO G 82 23.01 22.03 18.72
CA PRO G 82 23.31 21.19 17.55
C PRO G 82 22.09 20.89 16.68
N LYS G 83 22.29 20.79 15.36
CA LYS G 83 21.17 20.54 14.44
C LYS G 83 20.67 19.09 14.48
N ASP G 84 21.50 18.18 14.99
CA ASP G 84 21.09 16.79 15.27
C ASP G 84 20.44 16.58 16.66
N MET G 85 20.10 17.66 17.37
CA MET G 85 19.46 17.57 18.69
C MET G 85 17.98 17.17 18.61
N LEU G 86 17.57 16.35 19.56
CA LEU G 86 16.18 15.91 19.66
C LEU G 86 15.37 17.04 20.29
N ILE G 87 14.61 17.74 19.46
CA ILE G 87 13.74 18.83 19.89
C ILE G 87 12.28 18.36 19.79
N TYR G 88 11.54 18.47 20.89
CA TYR G 88 10.09 18.25 20.90
C TYR G 88 9.36 19.59 20.70
N THR G 89 8.28 19.61 19.90
CA THR G 89 7.46 20.81 19.68
C THR G 89 5.99 20.56 20.03
N GLN G 90 5.25 21.64 20.29
CA GLN G 90 3.82 21.55 20.59
C GLN G 90 2.98 21.19 19.35
N ASP G 91 3.40 21.64 18.16
CA ASP G 91 2.68 21.33 16.92
C ASP G 91 3.57 21.42 15.65
N GLU G 92 2.99 21.07 14.51
CA GLU G 92 3.71 21.07 13.23
C GLU G 92 4.13 22.45 12.74
N LYS G 93 3.35 23.48 13.10
CA LYS G 93 3.70 24.87 12.81
C LYS G 93 5.04 25.25 13.44
N ASP G 94 5.20 24.94 14.73
CA ASP G 94 6.47 25.11 15.44
C ASP G 94 7.61 24.33 14.78
N ALA G 95 7.35 23.05 14.49
CA ALA G 95 8.35 22.15 13.87
C ALA G 95 8.82 22.64 12.49
N ALA G 96 7.87 23.16 11.70
CA ALA G 96 8.17 23.77 10.41
C ALA G 96 9.14 24.96 10.51
N LEU G 97 8.93 25.82 11.51
CA LEU G 97 9.82 26.96 11.78
C LEU G 97 11.22 26.50 12.21
N ILE G 98 11.25 25.49 13.07
CA ILE G 98 12.51 24.93 13.57
C ILE G 98 13.24 24.17 12.45
N ARG G 99 12.48 23.57 11.52
CA ARG G 99 13.06 22.98 10.30
C ARG G 99 13.65 24.04 9.37
N SER G 100 12.95 25.18 9.23
CA SER G 100 13.46 26.29 8.40
C SER G 100 14.72 26.96 8.99
N GLN G 101 14.92 26.82 10.30
CA GLN G 101 16.13 27.28 10.98
C GLN G 101 17.32 26.32 10.84
N GLY G 102 17.07 25.07 10.43
CA GLY G 102 18.11 24.10 10.10
C GLY G 102 18.13 22.79 10.88
N PHE G 103 17.22 22.65 11.85
CA PHE G 103 17.14 21.44 12.68
C PHE G 103 16.31 20.38 11.96
N PHE G 104 16.56 19.11 12.27
CA PHE G 104 15.91 17.99 11.56
C PHE G 104 15.32 16.85 12.40
N ASN G 105 15.96 16.51 13.52
CA ASN G 105 15.48 15.46 14.43
C ASN G 105 14.39 16.02 15.35
N ILE G 106 13.14 15.96 14.88
CA ILE G 106 12.01 16.60 15.56
C ILE G 106 10.85 15.62 15.77
N ARG G 107 10.44 15.46 17.03
CA ARG G 107 9.25 14.68 17.40
C ARG G 107 8.17 15.64 17.89
N VAL G 108 7.05 15.73 17.16
CA VAL G 108 5.95 16.61 17.55
C VAL G 108 5.19 15.99 18.72
N LEU G 109 5.04 16.76 19.81
CA LEU G 109 4.28 16.30 20.99
C LEU G 109 2.80 16.15 20.65
N LYS G 110 2.18 15.13 21.24
CA LYS G 110 0.75 14.86 21.12
C LYS G 110 0.18 14.67 22.53
N ASP G 111 -1.15 14.60 22.62
CA ASP G 111 -1.86 14.62 23.92
C ASP G 111 -1.31 13.64 24.98
N GLU G 112 -0.82 12.47 24.53
CA GLU G 112 -0.14 11.51 25.41
C GLU G 112 1.10 10.96 24.69
N ASN G 113 2.23 10.96 25.39
CA ASN G 113 3.52 10.51 24.83
C ASN G 113 4.12 9.45 25.72
N HIS G 114 3.80 8.18 25.43
CA HIS G 114 4.23 7.06 26.28
C HIS G 114 5.61 6.53 25.88
N PHE G 115 6.48 6.39 26.87
CA PHE G 115 7.75 5.68 26.72
C PHE G 115 7.60 4.31 27.38
N VAL G 116 8.32 3.32 26.84
CA VAL G 116 8.16 1.93 27.28
C VAL G 116 8.60 1.69 28.73
N ASP G 117 9.59 2.44 29.20
CA ASP G 117 10.12 2.28 30.57
C ASP G 117 9.24 2.82 31.71
N GLY G 118 8.14 3.51 31.36
CA GLY G 118 7.18 4.02 32.36
C GLY G 118 6.98 5.52 32.39
N LEU G 119 7.68 6.26 31.51
CA LEU G 119 7.55 7.72 31.43
C LEU G 119 6.38 8.08 30.52
N THR G 120 5.53 9.00 30.96
CA THR G 120 4.44 9.56 30.16
C THR G 120 4.53 11.09 30.20
N ILE G 121 4.41 11.71 29.02
CA ILE G 121 4.41 13.18 28.92
C ILE G 121 3.12 13.62 28.21
N TYR G 122 2.32 14.41 28.91
CA TYR G 122 1.07 14.94 28.35
C TYR G 122 1.27 16.39 27.88
N LYS G 123 0.54 16.76 26.83
CA LYS G 123 0.51 18.14 26.33
C LYS G 123 -0.86 18.73 26.69
N THR G 124 -0.83 19.85 27.42
CA THR G 124 -2.05 20.45 27.97
C THR G 124 -2.38 21.79 27.31
N ASP G 125 -3.66 22.14 27.35
CA ASP G 125 -4.14 23.41 26.79
C ASP G 125 -3.72 24.60 27.64
N GLY G 126 -3.73 25.77 26.99
CA GLY G 126 -3.43 27.02 27.66
C GLY G 126 -3.98 28.17 26.85
N GLN G 127 -3.99 29.35 27.45
CA GLN G 127 -4.42 30.56 26.77
C GLN G 127 -3.42 31.66 27.12
N HIS G 128 -2.66 32.10 26.12
CA HIS G 128 -1.54 33.02 26.32
C HIS G 128 -2.03 34.46 26.19
N GLY G 129 -3.03 34.81 27.01
CA GLY G 129 -3.72 36.09 26.89
C GLY G 129 -5.15 36.03 27.41
N SER G 130 -5.81 37.19 27.42
CA SER G 130 -7.18 37.32 27.90
C SER G 130 -8.18 36.93 26.82
N ASN G 131 -9.43 36.74 27.24
CA ASN G 131 -10.55 36.48 26.32
C ASN G 131 -10.74 37.61 25.32
N GLU G 132 -10.45 38.83 25.75
CA GLU G 132 -10.54 40.03 24.90
C GLU G 132 -9.40 40.06 23.87
N LEU G 133 -8.19 39.71 24.29
CA LEU G 133 -7.02 39.63 23.39
C LEU G 133 -7.28 38.74 22.18
N TYR G 134 -7.85 37.56 22.42
CA TYR G 134 -8.10 36.58 21.35
C TYR G 134 -9.34 36.86 20.49
N ALA G 135 -10.09 37.92 20.80
CA ALA G 135 -11.09 38.46 19.88
C ALA G 135 -10.42 39.16 18.70
N ASP G 136 -9.32 39.87 18.98
CA ASP G 136 -8.48 40.48 17.95
C ASP G 136 -7.73 39.41 17.15
N ALA G 137 -7.87 39.46 15.83
CA ALA G 137 -7.21 38.50 14.92
C ALA G 137 -5.71 38.74 14.79
N GLN G 138 -5.29 40.01 14.80
CA GLN G 138 -3.88 40.39 14.62
C GLN G 138 -2.96 39.69 15.62
N LEU G 139 -3.13 39.99 16.91
CA LEU G 139 -2.26 39.45 17.96
C LEU G 139 -2.83 38.21 18.65
N GLY G 140 -3.88 37.63 18.07
CA GLY G 140 -4.26 36.24 18.35
C GLY G 140 -3.19 35.30 17.82
N ASP G 141 -2.79 35.52 16.56
CA ASP G 141 -1.69 34.79 15.92
C ASP G 141 -0.34 35.02 16.62
N LEU G 142 -0.11 36.24 17.09
CA LEU G 142 1.17 36.63 17.69
C LEU G 142 1.38 35.98 19.07
N LEU G 143 0.34 35.94 19.89
CA LEU G 143 0.40 35.24 21.19
C LEU G 143 0.26 33.73 20.97
N GLY G 144 -0.74 33.35 20.17
CA GLY G 144 -0.86 31.99 19.63
C GLY G 144 -1.06 30.89 20.65
N ASP G 145 -0.61 29.69 20.29
CA ASP G 145 -0.65 28.53 21.20
C ASP G 145 0.63 28.46 22.02
N ALA G 146 0.51 27.85 23.20
CA ALA G 146 1.65 27.64 24.10
C ALA G 146 1.30 26.56 25.12
N CYS G 147 1.82 25.35 24.92
CA CYS G 147 1.43 24.19 25.72
C CYS G 147 2.05 24.18 27.11
N GLY G 148 1.47 23.35 27.97
CA GLY G 148 2.05 22.97 29.26
C GLY G 148 2.42 21.50 29.23
N LEU G 149 3.36 21.11 30.10
CA LEU G 149 3.90 19.76 30.15
C LEU G 149 3.62 19.10 31.50
N VAL G 150 2.93 17.96 31.48
CA VAL G 150 2.81 17.11 32.66
C VAL G 150 3.69 15.89 32.41
N PHE G 151 4.71 15.71 33.26
CA PHE G 151 5.53 14.51 33.27
C PHE G 151 5.01 13.59 34.36
N THR G 152 4.97 12.28 34.09
CA THR G 152 4.44 11.29 35.04
C THR G 152 5.33 10.04 35.04
N HIS G 153 5.49 9.45 36.22
CA HIS G 153 6.20 8.19 36.39
C HIS G 153 5.69 7.50 37.65
N HIS G 154 5.81 6.17 37.69
CA HIS G 154 5.26 5.37 38.79
C HIS G 154 5.88 5.68 40.17
N ASP G 155 7.20 5.75 40.24
CA ASP G 155 7.92 5.97 41.51
C ASP G 155 8.15 7.46 41.83
N GLU G 156 8.47 8.24 40.81
CA GLU G 156 8.64 9.71 40.96
C GLU G 156 7.29 10.43 41.02
N LYS G 157 7.34 11.70 41.40
CA LYS G 157 6.15 12.53 41.53
C LYS G 157 5.71 13.11 40.19
N THR G 158 4.42 13.38 40.06
CA THR G 158 3.88 14.13 38.91
C THR G 158 4.37 15.58 39.02
N ILE G 159 4.69 16.19 37.88
CA ILE G 159 5.17 17.57 37.85
C ILE G 159 4.59 18.32 36.64
N TYR G 160 3.84 19.39 36.91
CA TYR G 160 3.11 20.14 35.88
C TYR G 160 3.74 21.50 35.58
N ILE G 161 4.46 21.57 34.46
CA ILE G 161 4.98 22.84 33.92
C ILE G 161 3.87 23.43 33.07
N ALA G 162 3.20 24.45 33.61
CA ALA G 162 2.00 25.02 32.98
C ALA G 162 2.33 25.86 31.75
N GLY G 163 3.50 26.50 31.73
CA GLY G 163 3.92 27.32 30.60
C GLY G 163 3.19 28.65 30.52
N ASP G 164 3.47 29.42 29.46
CA ASP G 164 2.84 30.70 29.24
C ASP G 164 1.32 30.56 29.04
N THR G 165 0.57 30.85 30.09
CA THR G 165 -0.90 30.79 30.04
C THR G 165 -1.54 31.64 31.14
N VAL G 166 -2.76 32.09 30.87
CA VAL G 166 -3.58 32.83 31.84
C VAL G 166 -4.48 31.78 32.49
N TRP G 167 -5.01 32.07 33.68
CA TRP G 167 -5.98 31.19 34.32
C TRP G 167 -7.19 31.01 33.40
N VAL G 168 -7.40 29.78 32.95
CA VAL G 168 -8.56 29.39 32.15
C VAL G 168 -9.00 27.99 32.60
N LYS G 169 -10.16 27.55 32.16
CA LYS G 169 -10.71 26.25 32.58
C LYS G 169 -9.78 25.06 32.30
N PRO G 170 -9.14 24.99 31.10
CA PRO G 170 -8.16 23.93 30.82
C PRO G 170 -6.99 23.78 31.80
N TYR G 171 -6.65 24.85 32.53
CA TYR G 171 -5.68 24.75 33.62
C TYR G 171 -6.27 24.01 34.83
N VAL G 172 -7.52 24.32 35.15
CA VAL G 172 -8.22 23.70 36.28
C VAL G 172 -8.48 22.21 36.02
N LYS G 173 -8.87 21.87 34.78
CA LYS G 173 -9.09 20.46 34.40
C LYS G 173 -7.80 19.64 34.47
N SER G 174 -6.69 20.27 34.07
CA SER G 174 -5.36 19.65 34.16
C SER G 174 -4.94 19.42 35.61
N LEU G 175 -5.10 20.44 36.45
CA LEU G 175 -4.90 20.30 37.91
C LEU G 175 -5.75 19.18 38.51
N GLN G 176 -7.01 19.12 38.07
CA GLN G 176 -8.00 18.20 38.60
C GLN G 176 -7.66 16.74 38.27
N ARG G 177 -7.43 16.45 36.98
CA ARG G 177 -7.29 15.07 36.51
C ARG G 177 -5.88 14.48 36.62
N PHE G 178 -4.85 15.32 36.67
CA PHE G 178 -3.47 14.85 36.90
C PHE G 178 -3.02 14.92 38.37
N LYS G 179 -3.61 15.83 39.15
CA LYS G 179 -3.28 16.01 40.58
C LYS G 179 -1.77 16.19 40.84
N PRO G 180 -1.15 17.24 40.25
CA PRO G 180 0.31 17.35 40.38
C PRO G 180 0.79 17.61 41.80
N GLU G 181 1.83 16.88 42.22
CA GLU G 181 2.51 17.16 43.49
C GLU G 181 3.35 18.43 43.41
N ILE G 182 3.91 18.70 42.22
CA ILE G 182 4.68 19.93 41.97
C ILE G 182 4.09 20.65 40.75
N VAL G 183 3.79 21.93 40.92
CA VAL G 183 3.33 22.79 39.82
C VAL G 183 4.39 23.86 39.60
N VAL G 184 4.72 24.11 38.33
CA VAL G 184 5.64 25.19 37.94
C VAL G 184 4.84 26.17 37.11
N LEU G 185 4.78 27.42 37.56
CA LEU G 185 4.01 28.45 36.89
C LEU G 185 4.88 29.59 36.42
N ASN G 186 4.54 30.10 35.23
CA ASN G 186 5.21 31.26 34.66
C ASN G 186 4.50 32.50 35.20
N THR G 187 4.90 32.86 36.42
CA THR G 187 4.29 33.93 37.19
C THR G 187 5.15 35.19 37.12
N GLY G 188 5.10 35.85 35.97
CA GLY G 188 5.83 37.10 35.73
C GLY G 188 4.97 38.36 35.69
N TYR G 189 3.65 38.18 35.52
CA TYR G 189 2.73 39.28 35.25
C TYR G 189 3.18 40.12 34.03
N ALA G 190 3.35 39.44 32.91
CA ALA G 190 3.72 40.07 31.64
C ALA G 190 2.52 40.83 31.11
N VAL G 191 2.62 42.16 31.05
CA VAL G 191 1.50 43.02 30.71
C VAL G 191 1.58 43.50 29.26
N ASN G 192 0.58 43.12 28.46
CA ASN G 192 0.35 43.75 27.17
C ASN G 192 -0.23 45.15 27.43
N ASP G 193 0.17 46.13 26.62
CA ASP G 193 -0.25 47.52 26.82
C ASP G 193 -1.77 47.68 26.78
N LEU G 194 -2.42 46.98 25.85
CA LEU G 194 -3.85 47.15 25.61
C LEU G 194 -4.67 46.16 26.45
N TYR G 195 -4.50 44.86 26.19
CA TYR G 195 -5.34 43.82 26.78
C TYR G 195 -4.89 43.29 28.15
N GLY G 196 -3.75 43.77 28.65
CA GLY G 196 -3.33 43.46 30.02
C GLY G 196 -2.53 42.17 30.11
N PRO G 197 -2.60 41.48 31.27
CA PRO G 197 -1.75 40.29 31.51
C PRO G 197 -1.83 39.18 30.46
N ILE G 198 -0.68 38.72 29.99
CA ILE G 198 -0.60 37.60 29.02
C ILE G 198 -0.21 36.26 29.64
N ILE G 199 0.45 36.27 30.81
CA ILE G 199 0.72 35.06 31.60
C ILE G 199 0.26 35.27 33.07
N MET G 200 0.59 34.31 33.94
CA MET G 200 0.11 34.31 35.33
C MET G 200 0.83 35.35 36.20
N GLY G 201 0.31 35.53 37.41
CA GLY G 201 0.87 36.44 38.41
C GLY G 201 0.83 35.87 39.81
N LYS G 202 1.03 36.76 40.79
CA LYS G 202 1.04 36.36 42.21
C LYS G 202 -0.32 35.82 42.66
N GLU G 203 -1.40 36.44 42.18
CA GLU G 203 -2.77 36.03 42.54
C GLU G 203 -3.09 34.61 42.09
N ASP G 204 -2.55 34.22 40.94
CA ASP G 204 -2.77 32.87 40.39
C ASP G 204 -2.11 31.78 41.25
N THR G 205 -1.02 32.12 41.94
CA THR G 205 -0.35 31.22 42.87
C THR G 205 -1.24 30.84 44.07
N LEU G 206 -2.00 31.81 44.58
CA LEU G 206 -3.01 31.53 45.61
C LEU G 206 -4.12 30.63 45.07
N ARG G 207 -4.63 30.97 43.88
CA ARG G 207 -5.74 30.24 43.25
C ARG G 207 -5.49 28.73 43.03
N THR G 208 -4.22 28.34 42.89
CA THR G 208 -3.86 26.91 42.81
C THR G 208 -4.15 26.18 44.12
N LEU G 209 -3.83 26.82 45.24
CA LEU G 209 -3.89 26.17 46.55
C LEU G 209 -5.32 25.98 47.04
N LYS G 210 -6.25 26.82 46.59
CA LYS G 210 -7.69 26.59 46.81
C LYS G 210 -8.16 25.32 46.08
N MET G 211 -7.69 25.14 44.85
CA MET G 211 -8.04 23.98 44.03
C MET G 211 -7.31 22.73 44.51
N LEU G 212 -5.99 22.85 44.60
CA LEU G 212 -5.11 21.73 44.96
C LEU G 212 -4.17 22.16 46.11
N PRO G 213 -4.62 22.01 47.38
CA PRO G 213 -3.79 22.40 48.53
C PRO G 213 -2.57 21.50 48.78
N THR G 214 -2.61 20.27 48.27
CA THR G 214 -1.53 19.29 48.45
C THR G 214 -0.23 19.64 47.70
N ALA G 215 -0.32 20.47 46.65
CA ALA G 215 0.82 20.78 45.78
C ALA G 215 1.81 21.76 46.41
N THR G 216 2.98 21.87 45.79
CA THR G 216 3.97 22.91 46.09
C THR G 216 4.31 23.63 44.78
N ILE G 217 4.45 24.95 44.82
CA ILE G 217 4.58 25.77 43.61
C ILE G 217 6.05 26.20 43.42
N VAL G 218 6.51 26.17 42.17
CA VAL G 218 7.80 26.75 41.78
C VAL G 218 7.51 27.94 40.87
N ALA G 219 7.78 29.15 41.36
CA ALA G 219 7.53 30.38 40.61
C ALA G 219 8.65 30.60 39.62
N SER G 220 8.28 30.81 38.35
CA SER G 220 9.25 30.98 37.25
C SER G 220 8.77 32.08 36.31
N HIS G 221 9.62 32.40 35.33
CA HIS G 221 9.34 33.40 34.28
C HIS G 221 9.29 34.83 34.85
N MET G 222 10.41 35.27 35.43
CA MET G 222 10.53 36.64 35.99
C MET G 222 11.97 37.08 36.25
N GLU G 223 12.17 38.40 36.31
CA GLU G 223 13.48 39.05 36.44
C GLU G 223 14.43 38.63 35.32
N SER G 224 14.04 39.00 34.11
CA SER G 224 14.67 38.52 32.87
C SER G 224 14.09 39.18 31.62
N ILE G 225 12.76 39.23 31.54
CA ILE G 225 12.06 39.77 30.37
C ILE G 225 11.46 41.15 30.64
N ASN G 226 11.44 41.96 29.56
CA ASN G 226 11.05 43.36 29.55
C ASN G 226 9.75 43.67 30.29
N HIS G 227 8.69 42.98 29.90
CA HIS G 227 7.32 43.30 30.34
C HIS G 227 6.83 42.56 31.59
N CYS G 228 7.67 41.69 32.15
CA CYS G 228 7.28 40.92 33.36
C CYS G 228 7.46 41.78 34.61
N LEU G 229 6.35 42.34 35.09
CA LEU G 229 6.38 43.37 36.14
C LEU G 229 6.48 42.81 37.55
N LEU G 230 5.95 41.61 37.78
CA LEU G 230 6.04 40.97 39.09
C LEU G 230 7.49 40.61 39.40
N THR G 231 7.93 40.95 40.61
CA THR G 231 9.32 40.74 41.03
C THR G 231 9.39 39.64 42.09
N ARG G 232 10.60 39.14 42.33
CA ARG G 232 10.82 37.96 43.17
C ARG G 232 10.57 38.25 44.66
N ALA G 233 10.89 39.47 45.10
CA ALA G 233 10.66 39.91 46.47
C ALA G 233 9.18 40.19 46.77
N GLU G 234 8.45 40.73 45.79
CA GLU G 234 7.01 40.99 45.94
C GLU G 234 6.23 39.70 46.14
N LEU G 235 6.60 38.66 45.41
CA LEU G 235 5.91 37.37 45.49
C LEU G 235 6.15 36.66 46.82
N ARG G 236 7.37 36.76 47.36
CA ARG G 236 7.69 36.17 48.67
C ARG G 236 6.87 36.81 49.79
N GLU G 237 6.66 38.12 49.72
CA GLU G 237 5.83 38.85 50.69
C GLU G 237 4.34 38.51 50.56
N PHE G 238 3.87 38.30 49.33
CA PHE G 238 2.50 37.85 49.07
C PHE G 238 2.20 36.51 49.73
N SER G 239 3.15 35.57 49.65
CA SER G 239 3.03 34.26 50.31
C SER G 239 3.10 34.37 51.84
N LEU G 240 3.93 35.30 52.33
CA LEU G 240 3.96 35.63 53.76
C LEU G 240 2.62 36.17 54.27
N GLU G 241 1.92 36.96 53.46
CA GLU G 241 0.59 37.50 53.81
C GLU G 241 -0.46 36.41 53.99
N HIS G 242 -0.45 35.40 53.11
CA HIS G 242 -1.42 34.29 53.16
C HIS G 242 -0.90 33.02 53.88
N GLY G 243 0.32 33.08 54.42
CA GLY G 243 0.87 32.01 55.26
C GLY G 243 1.15 30.74 54.47
N ILE G 244 1.88 30.91 53.36
CA ILE G 244 2.14 29.82 52.42
C ILE G 244 3.58 29.87 51.86
N GLU G 245 4.53 30.34 52.68
CA GLU G 245 5.94 30.39 52.29
C GLU G 245 6.55 28.99 52.15
N ASP G 246 5.98 28.02 52.88
CA ASP G 246 6.35 26.60 52.74
C ASP G 246 6.02 26.04 51.35
N LYS G 247 4.89 26.48 50.80
CA LYS G 247 4.36 25.98 49.52
C LYS G 247 4.99 26.67 48.31
N ILE G 248 5.13 28.00 48.37
CA ILE G 248 5.62 28.77 47.23
C ILE G 248 7.15 28.85 47.29
N LEU G 249 7.82 28.07 46.44
CA LEU G 249 9.27 28.19 46.23
C LEU G 249 9.54 29.24 45.14
N ILE G 250 10.56 30.05 45.36
CA ILE G 250 10.85 31.24 44.54
C ILE G 250 12.34 31.24 44.16
N PRO G 251 12.75 30.24 43.36
CA PRO G 251 14.18 29.97 43.13
C PRO G 251 14.91 31.02 42.29
N ALA G 252 16.18 31.23 42.63
CA ALA G 252 17.05 32.17 41.90
C ALA G 252 17.64 31.51 40.67
N ASP G 253 18.29 32.31 39.83
CA ASP G 253 18.94 31.82 38.62
C ASP G 253 20.12 30.90 38.96
N GLY G 254 20.04 29.66 38.51
CA GLY G 254 21.07 28.63 38.79
C GLY G 254 20.77 27.74 39.99
N GLU G 255 19.65 27.97 40.68
CA GLU G 255 19.27 27.21 41.87
C GLU G 255 18.62 25.89 41.47
N THR G 256 18.86 24.85 42.27
CA THR G 256 18.32 23.50 42.04
C THR G 256 17.36 23.10 43.15
N MET G 257 16.31 22.36 42.79
CA MET G 257 15.35 21.79 43.75
C MET G 257 15.17 20.30 43.47
N ALA G 258 15.58 19.47 44.44
CA ALA G 258 15.48 18.02 44.32
C ALA G 258 14.19 17.52 45.01
N PHE G 259 13.57 16.49 44.43
CA PHE G 259 12.37 15.85 44.99
C PHE G 259 12.42 14.35 44.72
N SER G 260 11.66 13.57 45.50
CA SER G 260 11.61 12.11 45.34
C SER G 260 10.44 11.48 46.10
N ALA G 261 9.91 10.39 45.55
CA ALA G 261 8.81 9.61 46.16
C ALA G 261 7.54 10.44 46.35
N MET H 1 -29.30 20.01 4.13
CA MET H 1 -29.41 20.34 5.58
C MET H 1 -30.71 21.10 5.84
N LYS H 2 -31.30 20.83 7.00
CA LYS H 2 -32.56 21.47 7.42
C LYS H 2 -32.51 21.66 8.93
N LEU H 3 -32.42 22.91 9.36
CA LEU H 3 -32.41 23.28 10.77
C LEU H 3 -33.79 23.85 11.14
N THR H 4 -34.12 23.78 12.43
CA THR H 4 -35.37 24.31 12.95
C THR H 4 -35.19 24.74 14.41
N GLN H 5 -35.19 26.05 14.65
CA GLN H 5 -35.13 26.60 16.01
C GLN H 5 -36.46 26.33 16.72
N ILE H 6 -36.41 25.48 17.74
CA ILE H 6 -37.60 25.17 18.53
C ILE H 6 -37.81 26.24 19.59
N ARG H 7 -36.92 26.28 20.58
CA ARG H 7 -37.10 27.15 21.75
C ARG H 7 -35.84 27.12 22.61
N ASN H 8 -35.21 28.28 22.80
CA ASN H 8 -33.94 28.40 23.54
C ASN H 8 -32.85 27.61 22.78
N ALA H 9 -32.15 26.69 23.45
CA ALA H 9 -31.15 25.84 22.79
C ALA H 9 -31.75 24.56 22.20
N THR H 10 -33.06 24.36 22.35
CA THR H 10 -33.74 23.25 21.68
C THR H 10 -33.82 23.52 20.19
N LEU H 11 -33.33 22.56 19.40
CA LEU H 11 -33.46 22.59 17.95
C LEU H 11 -33.43 21.17 17.40
N VAL H 12 -33.96 21.00 16.18
CA VAL H 12 -33.90 19.72 15.47
C VAL H 12 -33.13 19.91 14.16
N LEU H 13 -32.11 19.07 13.97
CA LEU H 13 -31.17 19.18 12.87
C LEU H 13 -31.29 17.95 11.99
N GLN H 14 -31.88 18.11 10.80
CA GLN H 14 -31.87 17.07 9.79
C GLN H 14 -30.60 17.24 8.98
N TYR H 15 -29.72 16.25 9.03
CA TYR H 15 -28.37 16.34 8.47
C TYR H 15 -27.95 15.00 7.88
N ALA H 16 -27.67 14.99 6.58
CA ALA H 16 -27.29 13.79 5.83
C ALA H 16 -28.32 12.66 5.97
N GLY H 17 -29.59 13.01 5.73
CA GLY H 17 -30.69 12.06 5.78
C GLY H 17 -31.02 11.48 7.14
N LYS H 18 -30.63 12.17 8.21
CA LYS H 18 -30.85 11.71 9.59
C LYS H 18 -31.13 12.89 10.51
N LYS H 19 -32.14 12.73 11.38
CA LYS H 19 -32.63 13.81 12.24
C LYS H 19 -32.06 13.72 13.66
N PHE H 20 -31.83 14.89 14.26
CA PHE H 20 -31.26 14.99 15.61
C PHE H 20 -32.09 15.93 16.49
N LEU H 21 -31.82 15.90 17.80
CA LEU H 21 -32.49 16.76 18.78
C LEU H 21 -31.45 17.25 19.80
N ILE H 22 -31.07 18.52 19.68
CA ILE H 22 -29.99 19.09 20.49
C ILE H 22 -30.59 19.83 21.70
N ASP H 23 -30.28 19.36 22.91
CA ASP H 23 -30.66 20.05 24.15
C ASP H 23 -32.17 20.31 24.29
N PRO H 24 -32.98 19.24 24.39
CA PRO H 24 -34.44 19.39 24.52
C PRO H 24 -34.87 19.89 25.90
N MET H 25 -35.59 21.03 25.91
CA MET H 25 -36.23 21.58 27.11
C MET H 25 -37.74 21.59 26.82
N LEU H 26 -38.45 20.61 27.38
CA LEU H 26 -39.83 20.31 26.95
C LEU H 26 -40.95 20.63 27.97
N ALA H 27 -40.67 21.45 28.98
CA ALA H 27 -41.68 21.87 29.95
C ALA H 27 -42.53 23.00 29.39
N GLU H 28 -43.82 23.03 29.77
CA GLU H 28 -44.76 24.04 29.28
C GLU H 28 -44.50 25.42 29.90
N LYS H 29 -45.16 26.45 29.37
CA LYS H 29 -44.98 27.85 29.82
C LYS H 29 -45.13 28.01 31.33
N GLU H 30 -44.03 28.38 32.00
CA GLU H 30 -43.98 28.55 33.46
C GLU H 30 -44.37 27.30 34.27
N ALA H 31 -43.98 26.13 33.77
CA ALA H 31 -44.29 24.83 34.40
C ALA H 31 -43.30 24.42 35.51
N TRP H 32 -42.10 25.00 35.50
CA TRP H 32 -41.04 24.64 36.47
C TRP H 32 -41.45 24.93 37.91
N PHE H 35 -39.94 22.79 41.43
CA PHE H 35 -39.92 23.12 42.84
C PHE H 35 -40.98 24.17 43.17
N ALA H 36 -41.46 24.14 44.41
CA ALA H 36 -42.45 25.12 44.89
C ALA H 36 -42.48 25.17 46.43
N GLY H 37 -41.34 25.55 46.99
CA GLY H 37 -41.19 25.73 48.44
C GLY H 37 -40.35 26.95 48.77
N SER H 38 -40.69 28.08 48.16
CA SER H 38 -39.96 29.35 48.33
C SER H 38 -40.89 30.56 48.26
N ALA H 39 -40.35 31.73 48.58
CA ALA H 39 -41.13 32.98 48.64
C ALA H 39 -41.47 33.55 47.26
N ARG H 40 -40.49 33.55 46.35
CA ARG H 40 -40.66 34.12 45.00
C ARG H 40 -41.54 33.24 44.11
N ARG H 44 -41.93 31.69 36.95
CA ARG H 44 -40.89 32.50 36.32
C ARG H 44 -40.50 31.94 34.94
N ASN H 45 -39.84 30.78 34.91
CA ASN H 45 -39.39 30.13 33.66
C ASN H 45 -40.21 28.87 33.38
N PRO H 46 -40.42 28.49 32.11
CA PRO H 46 -39.98 29.23 30.92
C PRO H 46 -40.89 30.42 30.59
N MET H 47 -40.37 31.36 29.82
CA MET H 47 -41.13 32.55 29.40
C MET H 47 -42.27 32.22 28.43
N VAL H 48 -42.03 31.28 27.51
CA VAL H 48 -43.02 30.87 26.51
C VAL H 48 -43.11 29.34 26.37
N ALA H 49 -44.16 28.89 25.68
CA ALA H 49 -44.41 27.47 25.44
C ALA H 49 -43.73 26.98 24.14
N LEU H 50 -43.91 25.70 23.83
CA LEU H 50 -43.39 25.11 22.59
C LEU H 50 -44.20 25.58 21.38
N PRO H 51 -43.53 25.82 20.23
CA PRO H 51 -44.25 26.19 19.00
C PRO H 51 -44.95 25.04 18.28
N VAL H 52 -44.63 23.80 18.64
CA VAL H 52 -45.23 22.59 18.01
C VAL H 52 -45.43 21.49 19.07
N PRO H 53 -46.31 20.51 18.78
CA PRO H 53 -46.52 19.41 19.73
C PRO H 53 -45.35 18.43 19.82
N VAL H 54 -45.35 17.61 20.87
CA VAL H 54 -44.26 16.67 21.16
C VAL H 54 -44.27 15.47 20.20
N GLU H 55 -45.42 15.17 19.59
CA GLU H 55 -45.54 14.09 18.60
C GLU H 55 -44.63 14.31 17.39
N ASP H 56 -44.66 15.53 16.83
CA ASP H 56 -43.75 15.91 15.74
C ASP H 56 -42.29 16.07 16.18
N LEU H 57 -42.07 16.35 17.46
CA LEU H 57 -40.73 16.66 18.00
C LEU H 57 -39.85 15.44 18.30
N LEU H 58 -40.45 14.33 18.75
CA LEU H 58 -39.70 13.13 19.14
C LEU H 58 -39.37 12.14 18.01
N ALA H 59 -39.87 12.37 16.79
CA ALA H 59 -39.56 11.52 15.64
C ALA H 59 -38.11 11.76 15.18
N VAL H 60 -37.17 11.21 15.94
CA VAL H 60 -35.74 11.54 15.84
C VAL H 60 -34.88 10.28 16.01
N ASP H 61 -33.77 10.21 15.27
CA ASP H 61 -32.84 9.07 15.35
C ASP H 61 -32.07 9.04 16.66
N ALA H 62 -31.60 10.20 17.12
CA ALA H 62 -30.91 10.31 18.41
C ALA H 62 -30.93 11.75 18.94
N VAL H 63 -30.89 11.91 20.26
CA VAL H 63 -30.76 13.23 20.89
C VAL H 63 -29.31 13.46 21.32
N ILE H 64 -28.91 14.72 21.38
CA ILE H 64 -27.57 15.11 21.80
C ILE H 64 -27.70 16.10 22.95
N LEU H 65 -26.87 15.93 23.98
CA LEU H 65 -26.90 16.78 25.17
C LEU H 65 -25.53 17.41 25.43
N THR H 66 -25.40 18.70 25.08
CA THR H 66 -24.15 19.44 25.25
C THR H 66 -23.73 19.54 26.70
N HIS H 67 -24.72 19.68 27.58
CA HIS H 67 -24.53 19.56 29.04
C HIS H 67 -25.90 19.41 29.72
N THR H 68 -25.88 19.19 31.03
CA THR H 68 -27.11 18.95 31.81
C THR H 68 -27.49 20.14 32.70
N HIS H 69 -27.50 21.34 32.11
CA HIS H 69 -28.15 22.52 32.72
C HIS H 69 -29.64 22.42 32.40
N THR H 70 -30.48 22.88 33.33
CA THR H 70 -31.94 22.68 33.26
C THR H 70 -32.60 23.17 31.97
N ASP H 71 -32.12 24.31 31.45
CA ASP H 71 -32.59 24.84 30.15
C ASP H 71 -32.11 24.05 28.90
N HIS H 72 -31.30 23.02 29.11
CA HIS H 72 -30.92 22.06 28.07
C HIS H 72 -31.46 20.64 28.32
N TRP H 73 -31.72 20.29 29.58
CA TRP H 73 -32.22 18.97 29.96
C TRP H 73 -33.04 19.09 31.26
N ASP H 74 -34.33 19.43 31.11
CA ASP H 74 -35.23 19.67 32.24
C ASP H 74 -35.91 18.39 32.74
N GLU H 75 -36.70 18.52 33.81
CA GLU H 75 -37.48 17.40 34.36
C GLU H 75 -38.53 16.86 33.39
N ALA H 76 -39.13 17.74 32.58
CA ALA H 76 -40.13 17.33 31.58
C ALA H 76 -39.54 16.54 30.40
N ALA H 77 -38.29 16.83 30.05
CA ALA H 77 -37.57 16.07 29.01
C ALA H 77 -37.18 14.68 29.49
N GLN H 78 -36.87 14.56 30.78
CA GLN H 78 -36.57 13.25 31.40
C GLN H 78 -37.78 12.32 31.44
N GLN H 79 -38.98 12.89 31.54
CA GLN H 79 -40.23 12.14 31.57
C GLN H 79 -40.77 11.84 30.17
N ALA H 80 -40.79 12.87 29.31
CA ALA H 80 -41.43 12.80 27.99
C ALA H 80 -40.68 11.94 26.97
N VAL H 81 -39.35 12.06 26.94
CA VAL H 81 -38.52 11.34 25.97
C VAL H 81 -38.46 9.85 26.36
N PRO H 82 -38.76 8.93 25.42
CA PRO H 82 -38.75 7.50 25.76
C PRO H 82 -37.34 6.99 26.07
N LYS H 83 -37.23 6.07 27.02
CA LYS H 83 -35.95 5.69 27.60
C LYS H 83 -35.09 4.76 26.73
N ASP H 84 -35.67 4.21 25.67
CA ASP H 84 -34.94 3.41 24.67
C ASP H 84 -34.28 4.23 23.54
N MET H 85 -34.50 5.55 23.52
CA MET H 85 -33.89 6.44 22.54
C MET H 85 -32.38 6.59 22.80
N LEU H 86 -31.60 6.65 21.71
CA LEU H 86 -30.15 6.81 21.78
C LEU H 86 -29.80 8.25 22.18
N ILE H 87 -29.02 8.38 23.26
CA ILE H 87 -28.60 9.67 23.80
C ILE H 87 -27.08 9.83 23.64
N TYR H 88 -26.65 10.90 22.97
CA TYR H 88 -25.24 11.23 22.86
C TYR H 88 -24.86 12.31 23.89
N THR H 89 -24.24 11.90 25.00
CA THR H 89 -23.81 12.84 26.04
C THR H 89 -22.39 13.32 25.81
N GLN H 90 -22.04 14.43 26.46
CA GLN H 90 -20.73 15.07 26.37
C GLN H 90 -19.61 14.21 26.99
N ASP H 91 -19.86 13.66 28.17
CA ASP H 91 -18.83 12.93 28.93
C ASP H 91 -19.46 11.85 29.85
N GLU H 92 -18.61 11.16 30.63
CA GLU H 92 -19.07 10.08 31.53
C GLU H 92 -20.01 10.55 32.64
N LYS H 93 -19.71 11.70 33.24
CA LYS H 93 -20.53 12.29 34.32
C LYS H 93 -21.98 12.48 33.91
N ASP H 94 -22.19 13.18 32.81
CA ASP H 94 -23.54 13.39 32.25
C ASP H 94 -24.20 12.06 31.86
N ALA H 95 -23.41 11.13 31.33
CA ALA H 95 -23.90 9.78 31.03
C ALA H 95 -24.38 9.05 32.29
N ALA H 96 -23.57 9.11 33.34
CA ALA H 96 -23.91 8.48 34.64
C ALA H 96 -25.17 9.06 35.28
N LEU H 97 -25.33 10.38 35.16
CA LEU H 97 -26.53 11.09 35.63
C LEU H 97 -27.77 10.66 34.85
N ILE H 98 -27.67 10.67 33.53
CA ILE H 98 -28.78 10.26 32.64
C ILE H 98 -29.10 8.76 32.79
N ARG H 99 -28.09 7.96 33.14
CA ARG H 99 -28.30 6.53 33.45
C ARG H 99 -29.19 6.34 34.68
N SER H 100 -29.02 7.21 35.69
CA SER H 100 -29.83 7.19 36.90
C SER H 100 -31.29 7.60 36.70
N GLN H 101 -31.57 8.34 35.62
CA GLN H 101 -32.90 8.88 35.34
C GLN H 101 -33.75 8.00 34.39
N GLY H 102 -33.53 6.67 34.45
CA GLY H 102 -34.35 5.71 33.69
C GLY H 102 -33.82 5.27 32.34
N PHE H 103 -32.85 6.00 31.78
CA PHE H 103 -32.33 5.73 30.44
C PHE H 103 -31.22 4.68 30.51
N PHE H 104 -31.03 3.96 29.40
CA PHE H 104 -30.02 2.88 29.31
C PHE H 104 -29.20 2.87 28.00
N ASN H 105 -29.83 3.12 26.86
CA ASN H 105 -29.14 3.23 25.57
C ASN H 105 -28.53 4.62 25.38
N ILE H 106 -27.29 4.78 25.84
CA ILE H 106 -26.55 6.05 25.73
C ILE H 106 -25.14 5.83 25.18
N ARG H 107 -24.54 6.90 24.67
CA ARG H 107 -23.18 6.86 24.12
C ARG H 107 -22.43 8.14 24.48
N VAL H 108 -21.27 7.99 25.13
CA VAL H 108 -20.41 9.13 25.44
C VAL H 108 -19.64 9.48 24.16
N LEU H 109 -20.05 10.57 23.50
CA LEU H 109 -19.46 10.91 22.19
C LEU H 109 -18.05 11.48 22.37
N LYS H 110 -17.10 10.95 21.61
CA LYS H 110 -15.67 11.26 21.75
C LYS H 110 -15.34 12.59 21.09
N ASP H 111 -14.07 12.99 21.16
CA ASP H 111 -13.60 14.23 20.53
C ASP H 111 -13.78 14.23 19.01
N GLU H 112 -13.67 13.04 18.40
CA GLU H 112 -14.00 12.83 16.99
C GLU H 112 -14.86 11.58 16.88
N ASN H 113 -15.95 11.65 16.11
CA ASN H 113 -16.89 10.53 15.97
C ASN H 113 -17.19 10.27 14.48
N HIS H 114 -16.35 9.45 13.86
CA HIS H 114 -16.43 9.13 12.43
C HIS H 114 -17.35 7.93 12.23
N PHE H 115 -18.31 8.05 11.32
CA PHE H 115 -19.24 6.95 11.00
C PHE H 115 -19.13 6.55 9.54
N VAL H 116 -19.34 5.26 9.25
CA VAL H 116 -19.11 4.69 7.90
C VAL H 116 -19.94 5.35 6.78
N ASP H 117 -21.10 5.88 7.13
CA ASP H 117 -21.91 6.68 6.19
C ASP H 117 -21.15 7.86 5.59
N GLY H 118 -20.38 8.56 6.43
CA GLY H 118 -19.74 9.83 6.04
C GLY H 118 -19.84 10.92 7.09
N LEU H 119 -20.80 10.79 8.02
CA LEU H 119 -20.91 11.71 9.15
C LEU H 119 -19.67 11.66 10.04
N THR H 120 -19.07 12.82 10.27
CA THR H 120 -18.12 13.02 11.33
C THR H 120 -18.72 14.07 12.28
N ILE H 121 -18.74 13.76 13.57
CA ILE H 121 -19.24 14.67 14.60
C ILE H 121 -18.10 14.97 15.56
N TYR H 122 -17.57 16.19 15.48
CA TYR H 122 -16.50 16.64 16.37
C TYR H 122 -17.09 17.31 17.61
N LYS H 123 -16.55 16.97 18.79
CA LYS H 123 -16.92 17.58 20.05
C LYS H 123 -15.86 18.61 20.47
N THR H 124 -16.22 19.89 20.38
CA THR H 124 -15.33 21.00 20.70
C THR H 124 -15.50 21.50 22.13
N ASP H 125 -14.45 22.12 22.65
CA ASP H 125 -14.43 22.66 24.02
C ASP H 125 -15.00 24.08 24.05
N GLY H 126 -15.52 24.48 25.20
CA GLY H 126 -15.97 25.86 25.45
C GLY H 126 -15.69 26.28 26.88
N GLN H 127 -16.08 27.51 27.22
CA GLN H 127 -15.99 27.98 28.60
C GLN H 127 -17.28 28.71 28.99
N HIS H 128 -18.00 28.13 29.96
CA HIS H 128 -19.32 28.60 30.36
C HIS H 128 -19.18 29.67 31.46
N GLY H 129 -18.48 30.75 31.14
CA GLY H 129 -18.09 31.75 32.13
C GLY H 129 -16.75 32.37 31.80
N SER H 130 -16.51 33.57 32.33
CA SER H 130 -15.20 34.21 32.24
C SER H 130 -14.12 33.43 33.01
N ASN H 131 -12.87 33.82 32.77
CA ASN H 131 -11.72 33.26 33.49
C ASN H 131 -11.85 33.36 35.01
N GLU H 132 -12.47 34.45 35.47
CA GLU H 132 -12.59 34.73 36.91
C GLU H 132 -13.55 33.76 37.63
N LEU H 133 -14.66 33.41 36.99
CA LEU H 133 -15.58 32.39 37.54
C LEU H 133 -14.82 31.12 37.93
N TYR H 134 -14.05 30.60 36.98
CA TYR H 134 -13.37 29.30 37.15
C TYR H 134 -12.17 29.33 38.10
N ALA H 135 -11.79 30.50 38.60
CA ALA H 135 -10.95 30.61 39.81
C ALA H 135 -11.74 30.20 41.06
N ASP H 136 -13.03 30.54 41.09
CA ASP H 136 -13.93 30.09 42.15
C ASP H 136 -14.35 28.63 41.89
N ALA H 137 -13.97 27.73 42.79
CA ALA H 137 -14.27 26.30 42.67
C ALA H 137 -15.77 25.99 42.80
N GLN H 138 -16.50 26.84 43.51
CA GLN H 138 -17.96 26.70 43.67
C GLN H 138 -18.66 26.86 42.32
N LEU H 139 -18.40 28.00 41.67
CA LEU H 139 -19.02 28.31 40.38
C LEU H 139 -18.47 27.47 39.22
N GLY H 140 -17.22 27.02 39.35
CA GLY H 140 -16.59 26.14 38.37
C GLY H 140 -17.36 24.85 38.13
N ASP H 141 -17.72 24.18 39.22
CA ASP H 141 -18.52 22.95 39.16
C ASP H 141 -19.98 23.20 38.74
N LEU H 142 -20.54 24.34 39.14
CA LEU H 142 -21.94 24.65 38.85
C LEU H 142 -22.18 24.85 37.35
N LEU H 143 -21.38 25.72 36.75
CA LEU H 143 -21.50 26.01 35.31
C LEU H 143 -20.80 24.93 34.48
N GLY H 144 -19.62 24.49 34.93
CA GLY H 144 -19.01 23.25 34.44
C GLY H 144 -18.56 23.25 32.99
N ASP H 145 -18.61 22.06 32.39
CA ASP H 145 -18.26 21.85 30.98
C ASP H 145 -19.52 21.84 30.12
N ALA H 146 -19.43 22.45 28.95
CA ALA H 146 -20.51 22.45 27.96
C ALA H 146 -19.91 22.55 26.55
N CYS H 147 -19.98 21.46 25.81
CA CYS H 147 -19.29 21.33 24.53
C CYS H 147 -20.06 21.97 23.37
N GLY H 148 -19.32 22.26 22.30
CA GLY H 148 -19.90 22.58 20.99
C GLY H 148 -19.93 21.32 20.14
N LEU H 149 -20.58 21.40 18.99
CA LEU H 149 -20.72 20.26 18.08
C LEU H 149 -20.56 20.72 16.64
N VAL H 150 -19.59 20.14 15.92
CA VAL H 150 -19.43 20.35 14.49
C VAL H 150 -19.94 19.12 13.76
N PHE H 151 -20.58 19.33 12.60
CA PHE H 151 -21.10 18.24 11.77
C PHE H 151 -20.50 18.33 10.37
N THR H 152 -19.85 17.25 9.95
CA THR H 152 -19.11 17.18 8.69
C THR H 152 -19.68 16.05 7.86
N HIS H 153 -19.98 16.35 6.60
CA HIS H 153 -20.41 15.36 5.61
C HIS H 153 -20.23 15.95 4.22
N HIS H 154 -19.88 15.12 3.26
CA HIS H 154 -19.50 15.58 1.91
C HIS H 154 -20.68 16.14 1.09
N ASP H 155 -21.83 15.47 1.18
CA ASP H 155 -23.09 15.97 0.58
C ASP H 155 -23.59 17.29 1.17
N GLU H 156 -23.29 17.55 2.45
CA GLU H 156 -23.80 18.71 3.18
C GLU H 156 -22.75 19.81 3.38
N LYS H 157 -23.20 20.99 3.80
CA LYS H 157 -22.31 22.03 4.30
C LYS H 157 -21.90 21.71 5.74
N THR H 158 -20.76 22.25 6.17
CA THR H 158 -20.29 22.08 7.53
C THR H 158 -21.04 23.05 8.44
N ILE H 159 -21.53 22.55 9.57
CA ILE H 159 -22.31 23.35 10.52
C ILE H 159 -21.75 23.14 11.94
N TYR H 160 -21.58 24.25 12.66
CA TYR H 160 -20.95 24.27 13.98
C TYR H 160 -21.85 24.95 15.00
N ILE H 161 -22.50 24.16 15.85
CA ILE H 161 -23.28 24.74 16.95
C ILE H 161 -22.32 24.92 18.13
N ALA H 162 -22.11 26.17 18.54
CA ALA H 162 -21.07 26.51 19.52
C ALA H 162 -21.45 26.13 20.95
N GLY H 163 -22.73 26.30 21.29
CA GLY H 163 -23.25 25.91 22.60
C GLY H 163 -23.09 26.99 23.64
N ASP H 164 -23.27 26.62 24.91
CA ASP H 164 -23.07 27.54 26.02
C ASP H 164 -21.57 27.76 26.25
N THR H 165 -21.02 28.73 25.53
CA THR H 165 -19.64 29.17 25.73
C THR H 165 -19.49 30.67 25.46
N VAL H 166 -18.63 31.32 26.25
CA VAL H 166 -18.18 32.69 25.97
C VAL H 166 -16.99 32.60 25.01
N TRP H 167 -16.44 33.75 24.63
CA TRP H 167 -15.31 33.79 23.71
C TRP H 167 -14.02 33.35 24.41
N VAL H 168 -13.46 32.24 23.93
CA VAL H 168 -12.12 31.77 24.35
C VAL H 168 -11.37 31.23 23.14
N LYS H 169 -10.08 30.92 23.31
CA LYS H 169 -9.24 30.42 22.20
C LYS H 169 -9.74 29.10 21.59
N PRO H 170 -10.18 28.13 22.42
CA PRO H 170 -10.80 26.92 21.85
C PRO H 170 -11.95 27.17 20.88
N TYR H 171 -12.72 28.24 21.10
CA TYR H 171 -13.76 28.63 20.16
C TYR H 171 -13.17 29.13 18.83
N VAL H 172 -12.11 29.93 18.93
CA VAL H 172 -11.45 30.51 17.75
C VAL H 172 -10.82 29.42 16.88
N LYS H 173 -10.07 28.52 17.51
CA LYS H 173 -9.43 27.39 16.81
C LYS H 173 -10.43 26.50 16.05
N SER H 174 -11.62 26.31 16.62
CA SER H 174 -12.69 25.54 15.95
C SER H 174 -13.19 26.20 14.68
N LEU H 175 -13.35 27.51 14.70
CA LEU H 175 -13.70 28.30 13.49
C LEU H 175 -12.58 28.20 12.45
N GLN H 176 -11.35 28.32 12.92
CA GLN H 176 -10.16 28.33 12.06
C GLN H 176 -9.85 26.94 11.49
N ARG H 177 -10.09 25.90 12.29
CA ARG H 177 -9.88 24.52 11.85
C ARG H 177 -10.98 24.06 10.89
N PHE H 178 -12.20 23.95 11.40
CA PHE H 178 -13.30 23.33 10.66
C PHE H 178 -13.93 24.24 9.59
N LYS H 179 -13.71 25.54 9.69
CA LYS H 179 -14.21 26.55 8.73
C LYS H 179 -15.69 26.37 8.37
N PRO H 180 -16.59 26.43 9.38
CA PRO H 180 -18.00 26.14 9.13
C PRO H 180 -18.67 27.25 8.32
N GLU H 181 -19.45 26.86 7.32
CA GLU H 181 -20.23 27.82 6.53
C GLU H 181 -21.46 28.34 7.32
N ILE H 182 -21.86 27.62 8.37
CA ILE H 182 -22.91 28.06 9.30
C ILE H 182 -22.42 27.90 10.75
N VAL H 183 -22.63 28.94 11.57
CA VAL H 183 -22.18 28.99 12.96
C VAL H 183 -23.36 29.33 13.88
N VAL H 184 -23.95 28.32 14.51
CA VAL H 184 -25.11 28.51 15.41
C VAL H 184 -24.61 28.90 16.80
N LEU H 185 -24.89 30.14 17.20
CA LEU H 185 -24.46 30.66 18.51
C LEU H 185 -25.63 30.86 19.46
N ASN H 186 -25.38 30.56 20.74
CA ASN H 186 -26.31 30.80 21.83
C ASN H 186 -26.14 32.25 22.29
N THR H 187 -26.70 33.16 21.52
CA THR H 187 -26.44 34.62 21.63
C THR H 187 -27.24 35.36 22.71
N GLY H 188 -28.12 34.67 23.44
CA GLY H 188 -28.75 35.26 24.63
C GLY H 188 -27.67 35.62 25.64
N TYR H 189 -27.85 36.77 26.30
CA TYR H 189 -26.79 37.38 27.12
C TYR H 189 -27.14 37.22 28.59
N ALA H 190 -26.97 36.00 29.08
CA ALA H 190 -27.05 35.72 30.51
C ALA H 190 -25.80 36.26 31.18
N VAL H 191 -25.92 36.62 32.46
CA VAL H 191 -24.83 37.28 33.18
C VAL H 191 -24.83 36.94 34.68
N ASN H 192 -23.66 36.59 35.19
CA ASN H 192 -23.41 36.48 36.63
C ASN H 192 -23.05 37.86 37.13
N ASP H 193 -23.53 38.24 38.31
CA ASP H 193 -23.29 39.58 38.87
C ASP H 193 -21.81 39.79 39.21
N LEU H 194 -21.25 38.84 39.95
CA LEU H 194 -19.91 38.96 40.53
C LEU H 194 -18.77 38.83 39.50
N TYR H 195 -18.89 37.88 38.58
CA TYR H 195 -17.81 37.54 37.63
C TYR H 195 -18.18 37.70 36.14
N GLY H 196 -19.07 38.64 35.83
CA GLY H 196 -19.38 38.98 34.42
C GLY H 196 -20.22 37.92 33.70
N PRO H 197 -20.31 38.03 32.35
CA PRO H 197 -21.14 37.10 31.56
C PRO H 197 -20.79 35.62 31.67
N ILE H 198 -21.78 34.76 31.36
CA ILE H 198 -21.62 33.30 31.35
C ILE H 198 -21.77 32.63 29.96
N ILE H 199 -22.42 33.32 29.03
CA ILE H 199 -22.52 32.88 27.63
C ILE H 199 -22.35 34.08 26.70
N MET H 200 -22.22 33.81 25.41
CA MET H 200 -21.92 34.86 24.43
C MET H 200 -23.15 35.71 24.08
N GLY H 201 -22.88 36.97 23.71
CA GLY H 201 -23.92 37.99 23.49
C GLY H 201 -23.99 38.50 22.07
N LYS H 202 -24.33 39.78 21.92
CA LYS H 202 -24.41 40.43 20.60
C LYS H 202 -23.04 40.79 20.03
N GLU H 203 -22.11 41.17 20.90
CA GLU H 203 -20.71 41.46 20.51
C GLU H 203 -20.05 40.28 19.81
N ASP H 204 -20.38 39.07 20.24
CA ASP H 204 -19.76 37.85 19.72
C ASP H 204 -20.26 37.43 18.32
N THR H 205 -21.37 37.99 17.86
CA THR H 205 -21.83 37.75 16.47
C THR H 205 -20.90 38.48 15.49
N LEU H 206 -20.52 39.72 15.83
CA LEU H 206 -19.61 40.53 15.00
C LEU H 206 -18.19 39.96 14.96
N ARG H 207 -17.65 39.58 16.11
CA ARG H 207 -16.29 39.03 16.23
C ARG H 207 -16.03 37.80 15.34
N THR H 208 -17.04 36.94 15.18
CA THR H 208 -16.93 35.77 14.30
C THR H 208 -16.84 36.17 12.83
N LEU H 209 -17.65 37.14 12.43
CA LEU H 209 -17.69 37.62 11.05
C LEU H 209 -16.39 38.32 10.64
N LYS H 210 -15.74 38.98 11.60
CA LYS H 210 -14.40 39.57 11.36
C LYS H 210 -13.33 38.48 11.13
N MET H 211 -13.44 37.36 11.85
CA MET H 211 -12.54 36.21 11.66
C MET H 211 -13.00 35.21 10.59
N LEU H 212 -14.29 35.22 10.25
CA LEU H 212 -14.85 34.27 9.28
C LEU H 212 -16.02 34.93 8.49
N PRO H 213 -15.69 35.86 7.56
CA PRO H 213 -16.70 36.65 6.82
C PRO H 213 -17.71 35.83 6.02
N THR H 214 -17.24 34.76 5.38
CA THR H 214 -18.07 33.93 4.49
C THR H 214 -19.23 33.23 5.20
N ALA H 215 -19.03 32.91 6.47
CA ALA H 215 -20.02 32.16 7.25
C ALA H 215 -21.21 33.03 7.65
N THR H 216 -22.42 32.48 7.48
CA THR H 216 -23.62 33.01 8.10
C THR H 216 -23.70 32.50 9.55
N ILE H 217 -24.57 33.10 10.36
CA ILE H 217 -24.73 32.71 11.77
C ILE H 217 -26.22 32.71 12.18
N VAL H 218 -26.62 31.63 12.85
CA VAL H 218 -27.98 31.45 13.36
C VAL H 218 -28.00 31.79 14.86
N ALA H 219 -28.79 32.81 15.21
CA ALA H 219 -28.97 33.19 16.63
C ALA H 219 -29.85 32.17 17.34
N SER H 220 -29.65 32.03 18.65
CA SER H 220 -30.34 31.02 19.45
C SER H 220 -30.17 31.30 20.94
N HIS H 221 -30.89 30.55 21.76
CA HIS H 221 -30.79 30.61 23.22
C HIS H 221 -31.28 31.96 23.79
N MET H 222 -32.38 32.48 23.25
CA MET H 222 -32.95 33.74 23.73
C MET H 222 -34.48 33.86 23.52
N GLU H 223 -35.10 34.73 24.31
CA GLU H 223 -36.56 34.90 24.38
C GLU H 223 -37.31 33.62 24.76
N SER H 224 -36.71 32.83 25.65
CA SER H 224 -37.37 31.66 26.26
C SER H 224 -36.86 31.35 27.68
N ILE H 225 -36.36 32.37 28.37
CA ILE H 225 -35.79 32.24 29.71
C ILE H 225 -35.51 33.64 30.26
N ASN H 226 -35.99 33.92 31.47
CA ASN H 226 -35.92 35.27 32.06
C ASN H 226 -34.50 35.81 32.26
N HIS H 227 -33.55 34.92 32.54
CA HIS H 227 -32.16 35.33 32.84
C HIS H 227 -31.33 35.80 31.63
N CYS H 228 -31.76 35.47 30.41
CA CYS H 228 -31.07 35.91 29.19
C CYS H 228 -31.68 37.22 28.67
N LEU H 229 -30.98 38.33 28.90
CA LEU H 229 -31.52 39.68 28.67
C LEU H 229 -31.35 40.26 27.25
N LEU H 230 -30.79 39.47 26.33
CA LEU H 230 -30.62 39.90 24.94
C LEU H 230 -31.85 39.46 24.15
N THR H 231 -32.45 40.39 23.40
CA THR H 231 -33.70 40.13 22.67
C THR H 231 -33.47 40.13 21.17
N ARG H 232 -34.40 39.48 20.46
CA ARG H 232 -34.36 39.38 19.00
C ARG H 232 -34.43 40.73 18.31
N ALA H 233 -35.19 41.67 18.89
CA ALA H 233 -35.26 43.04 18.38
C ALA H 233 -33.94 43.79 18.59
N GLU H 234 -33.32 43.61 19.75
CA GLU H 234 -32.05 44.27 20.07
C GLU H 234 -30.90 43.81 19.17
N LEU H 235 -30.82 42.50 18.93
CA LEU H 235 -29.79 41.94 18.03
C LEU H 235 -30.05 42.29 16.57
N ARG H 236 -31.33 42.47 16.21
CA ARG H 236 -31.68 42.98 14.88
C ARG H 236 -31.28 44.44 14.70
N GLU H 237 -31.39 45.24 15.76
CA GLU H 237 -30.90 46.63 15.76
C GLU H 237 -29.38 46.66 15.60
N PHE H 238 -28.68 45.86 16.39
CA PHE H 238 -27.22 45.70 16.32
C PHE H 238 -26.74 45.14 14.99
N SER H 239 -27.54 44.26 14.38
CA SER H 239 -27.26 43.69 13.06
C SER H 239 -27.17 44.77 11.97
N LEU H 240 -28.14 45.68 11.99
CA LEU H 240 -28.16 46.82 11.05
C LEU H 240 -27.19 47.93 11.46
N GLU H 241 -26.91 48.05 12.76
CA GLU H 241 -25.96 49.06 13.28
C GLU H 241 -24.54 48.90 12.74
N HIS H 242 -24.09 47.66 12.51
CA HIS H 242 -22.75 47.38 11.96
C HIS H 242 -22.75 46.93 10.49
N GLY H 243 -23.92 46.80 9.87
CA GLY H 243 -24.03 46.44 8.46
C GLY H 243 -23.77 44.97 8.22
N ILE H 244 -24.46 44.13 8.99
CA ILE H 244 -24.33 42.67 8.92
C ILE H 244 -25.75 42.09 8.93
N GLU H 245 -26.49 42.45 7.88
CA GLU H 245 -27.93 42.27 7.83
C GLU H 245 -28.28 40.84 7.43
N ASP H 246 -27.74 40.43 6.28
CA ASP H 246 -28.03 39.12 5.70
C ASP H 246 -27.33 37.98 6.42
N LYS H 247 -26.13 38.24 6.95
CA LYS H 247 -25.28 37.19 7.54
C LYS H 247 -25.62 36.79 8.97
N ILE H 248 -26.55 37.49 9.63
CA ILE H 248 -27.04 37.09 10.96
C ILE H 248 -28.55 36.83 10.92
N LEU H 249 -28.92 35.56 10.73
CA LEU H 249 -30.33 35.13 10.80
C LEU H 249 -30.72 34.94 12.27
N ILE H 250 -31.85 35.54 12.66
CA ILE H 250 -32.41 35.38 14.00
C ILE H 250 -33.77 34.67 13.84
N PRO H 251 -33.78 33.33 13.96
CA PRO H 251 -35.00 32.57 13.71
C PRO H 251 -35.98 32.64 14.88
N ALA H 252 -37.27 32.79 14.57
CA ALA H 252 -38.32 32.72 15.57
C ALA H 252 -38.55 31.26 15.98
N ASP H 253 -39.22 31.08 17.12
CA ASP H 253 -39.52 29.75 17.63
C ASP H 253 -40.47 29.02 16.66
N GLY H 254 -40.01 27.89 16.11
CA GLY H 254 -40.74 27.15 15.08
C GLY H 254 -40.24 27.37 13.66
N GLU H 255 -39.42 28.40 13.44
CA GLU H 255 -38.90 28.73 12.11
C GLU H 255 -37.89 27.68 11.64
N THR H 256 -37.93 27.36 10.35
CA THR H 256 -37.17 26.24 9.78
C THR H 256 -36.31 26.68 8.58
N MET H 257 -35.00 26.88 8.85
CA MET H 257 -34.03 27.30 7.83
C MET H 257 -33.53 26.11 7.03
N ALA H 258 -33.31 26.32 5.73
CA ALA H 258 -32.86 25.27 4.80
C ALA H 258 -31.54 25.66 4.13
N PHE H 259 -30.59 24.72 4.07
CA PHE H 259 -29.23 24.98 3.58
C PHE H 259 -28.73 23.84 2.68
N SER H 260 -28.37 24.17 1.44
CA SER H 260 -27.90 23.19 0.46
C SER H 260 -26.43 23.44 0.10
N ALA H 261 -25.65 22.36 -0.01
CA ALA H 261 -24.22 22.45 -0.32
C ALA H 261 -23.94 22.82 -1.78
#